data_5QHN
# 
_entry.id   5QHN 
# 
_audit_conform.dict_name       mmcif_pdbx.dic 
_audit_conform.dict_version    5.397 
_audit_conform.dict_location   http://mmcif.pdb.org/dictionaries/ascii/mmcif_pdbx.dic 
# 
loop_
_database_2.database_id 
_database_2.database_code 
_database_2.pdbx_database_accession 
_database_2.pdbx_DOI 
PDB   5QHN         pdb_00005qhn 10.2210/pdb5qhn/pdb 
WWPDB D_1001401960 ?            ?                   
# 
loop_
_pdbx_audit_revision_history.ordinal 
_pdbx_audit_revision_history.data_content_type 
_pdbx_audit_revision_history.major_revision 
_pdbx_audit_revision_history.minor_revision 
_pdbx_audit_revision_history.revision_date 
1 'Structure model' 1 0 2018-12-19 
2 'Structure model' 1 1 2024-10-09 
# 
_pdbx_audit_revision_details.ordinal             1 
_pdbx_audit_revision_details.revision_ordinal    1 
_pdbx_audit_revision_details.data_content_type   'Structure model' 
_pdbx_audit_revision_details.provider            repository 
_pdbx_audit_revision_details.type                'Initial release' 
_pdbx_audit_revision_details.description         ? 
_pdbx_audit_revision_details.details             ? 
# 
loop_
_pdbx_audit_revision_group.ordinal 
_pdbx_audit_revision_group.revision_ordinal 
_pdbx_audit_revision_group.data_content_type 
_pdbx_audit_revision_group.group 
1 2 'Structure model' 'Data collection'     
2 2 'Structure model' 'Database references' 
3 2 'Structure model' 'Structure summary'   
# 
loop_
_pdbx_audit_revision_category.ordinal 
_pdbx_audit_revision_category.revision_ordinal 
_pdbx_audit_revision_category.data_content_type 
_pdbx_audit_revision_category.category 
1 2 'Structure model' chem_comp_atom            
2 2 'Structure model' chem_comp_bond            
3 2 'Structure model' database_2                
4 2 'Structure model' pdbx_entry_details        
5 2 'Structure model' pdbx_modification_feature 
# 
loop_
_pdbx_audit_revision_item.ordinal 
_pdbx_audit_revision_item.revision_ordinal 
_pdbx_audit_revision_item.data_content_type 
_pdbx_audit_revision_item.item 
1 2 'Structure model' '_database_2.pdbx_DOI'                
2 2 'Structure model' '_database_2.pdbx_database_accession' 
# 
_pdbx_database_status.entry_id                        5QHN 
_pdbx_database_status.status_code                     REL 
_pdbx_database_status.status_code_sf                  REL 
_pdbx_database_status.status_code_mr                  ? 
_pdbx_database_status.status_code_cs                  ? 
_pdbx_database_status.recvd_initial_deposition_date   2018-05-18 
_pdbx_database_status.deposit_site                    RCSB 
_pdbx_database_status.process_site                    RCSB 
_pdbx_database_status.SG_entry                        ? 
_pdbx_database_status.pdb_format_compatible           Y 
_pdbx_database_status.methods_development_category    ? 
_pdbx_database_status.status_code_nmr_data            ? 
# 
loop_
_audit_author.name 
_audit_author.pdbx_ordinal 
_audit_author.identifier_ORCID 
'Pinkas, D.M.'     1  ? 
'Bufton, J.C.'     2  ? 
'Fox, A.E.'        3  ? 
'Talon, R.'        4  ? 
'Krojer, T.'       5  ? 
'Douangamath, A.'  6  ? 
'Collins, P.'      7  ? 
'Zhang, R.'        8  ? 
'von Delft, F.'    9  ? 
'Bountra, C.'      10 ? 
'Arrowsmith, C.H.' 11 ? 
'Edwards, A.'      12 ? 
'Bullock, A.N.'    13 ? 
# 
_citation.id                        primary 
_citation.title                     'PanDDA analysis group deposition of models with modelled events (e.g. bound ligands)' 
_citation.journal_abbrev            'To Be Published' 
_citation.journal_volume            ? 
_citation.page_first                ? 
_citation.page_last                 ? 
_citation.year                      ? 
_citation.journal_id_ASTM           ? 
_citation.country                   ? 
_citation.journal_id_ISSN           ? 
_citation.journal_id_CSD            0353 
_citation.book_publisher            ? 
_citation.pdbx_database_id_PubMed   ? 
_citation.pdbx_database_id_DOI      ? 
# 
loop_
_citation_author.citation_id 
_citation_author.name 
_citation_author.ordinal 
_citation_author.identifier_ORCID 
primary 'Pinkas, D.M.'     1  ? 
primary 'Bufton, J.C.'     2  ? 
primary 'Fox, A.E.'        3  ? 
primary 'Talon, R.'        4  ? 
primary 'Krojer, T.'       5  ? 
primary 'Douangamath, A.'  6  ? 
primary 'Collins, P.'      7  ? 
primary 'Zhang, R.'        8  ? 
primary 'von Delft, F.'    9  ? 
primary 'Bountra, C.'      10 ? 
primary 'Arrowsmith, C.H.' 11 ? 
primary 'Edwards, A.'      12 ? 
primary 'Bullock, A.N.'    13 ? 
# 
loop_
_entity.id 
_entity.type 
_entity.src_method 
_entity.pdbx_description 
_entity.formula_weight 
_entity.pdbx_number_of_molecules 
_entity.pdbx_ec 
_entity.pdbx_mutation 
_entity.pdbx_fragment 
_entity.details 
1 polymer     man 'Protein FAM83B'                                                                   20783.109 1  ? ? ? ? 
2 non-polymer syn 1,2-ETHANEDIOL                                                                     62.068    2  ? ? ? ? 
3 non-polymer syn 'methyl (2~{S},4~{R})-1-(furan-2-ylcarbonyl)-4-oxidanyl-pyrrolidine-2-carboxylate' 239.225   1  ? ? ? ? 
4 water       nat water                                                                              18.015    87 ? ? ? ? 
# 
_entity_poly.entity_id                      1 
_entity_poly.type                           'polypeptide(L)' 
_entity_poly.nstd_linkage                   no 
_entity_poly.nstd_monomer                   no 
_entity_poly.pdbx_seq_one_letter_code       
;SMGGTHIDLLFHPPRAHLLTIKETIRKMIKEARKVIALVMDIFTDVDIFKEIVEASTRGVSVYILLDESNFNHFLNMTEK
QGCSVQRLRNIRVRTVKGQDYLSKTGAKFHGKMEQKFLLVDCQKVMYGSYSYMWSFEKAHLSMVQIITGQLVESFDEEFR
TLYARSCVPSSFAQEESARV
;
_entity_poly.pdbx_seq_one_letter_code_can   
;SMGGTHIDLLFHPPRAHLLTIKETIRKMIKEARKVIALVMDIFTDVDIFKEIVEASTRGVSVYILLDESNFNHFLNMTEK
QGCSVQRLRNIRVRTVKGQDYLSKTGAKFHGKMEQKFLLVDCQKVMYGSYSYMWSFEKAHLSMVQIITGQLVESFDEEFR
TLYARSCVPSSFAQEESARV
;
_entity_poly.pdbx_strand_id                 A 
_entity_poly.pdbx_target_identifier         ? 
# 
loop_
_pdbx_entity_nonpoly.entity_id 
_pdbx_entity_nonpoly.name 
_pdbx_entity_nonpoly.comp_id 
2 1,2-ETHANEDIOL                                                                     EDO 
3 'methyl (2~{S},4~{R})-1-(furan-2-ylcarbonyl)-4-oxidanyl-pyrrolidine-2-carboxylate' GQJ 
4 water                                                                              HOH 
# 
loop_
_entity_poly_seq.entity_id 
_entity_poly_seq.num 
_entity_poly_seq.mon_id 
_entity_poly_seq.hetero 
1 1   SER n 
1 2   MET n 
1 3   GLY n 
1 4   GLY n 
1 5   THR n 
1 6   HIS n 
1 7   ILE n 
1 8   ASP n 
1 9   LEU n 
1 10  LEU n 
1 11  PHE n 
1 12  HIS n 
1 13  PRO n 
1 14  PRO n 
1 15  ARG n 
1 16  ALA n 
1 17  HIS n 
1 18  LEU n 
1 19  LEU n 
1 20  THR n 
1 21  ILE n 
1 22  LYS n 
1 23  GLU n 
1 24  THR n 
1 25  ILE n 
1 26  ARG n 
1 27  LYS n 
1 28  MET n 
1 29  ILE n 
1 30  LYS n 
1 31  GLU n 
1 32  ALA n 
1 33  ARG n 
1 34  LYS n 
1 35  VAL n 
1 36  ILE n 
1 37  ALA n 
1 38  LEU n 
1 39  VAL n 
1 40  MET n 
1 41  ASP n 
1 42  ILE n 
1 43  PHE n 
1 44  THR n 
1 45  ASP n 
1 46  VAL n 
1 47  ASP n 
1 48  ILE n 
1 49  PHE n 
1 50  LYS n 
1 51  GLU n 
1 52  ILE n 
1 53  VAL n 
1 54  GLU n 
1 55  ALA n 
1 56  SER n 
1 57  THR n 
1 58  ARG n 
1 59  GLY n 
1 60  VAL n 
1 61  SER n 
1 62  VAL n 
1 63  TYR n 
1 64  ILE n 
1 65  LEU n 
1 66  LEU n 
1 67  ASP n 
1 68  GLU n 
1 69  SER n 
1 70  ASN n 
1 71  PHE n 
1 72  ASN n 
1 73  HIS n 
1 74  PHE n 
1 75  LEU n 
1 76  ASN n 
1 77  MET n 
1 78  THR n 
1 79  GLU n 
1 80  LYS n 
1 81  GLN n 
1 82  GLY n 
1 83  CYS n 
1 84  SER n 
1 85  VAL n 
1 86  GLN n 
1 87  ARG n 
1 88  LEU n 
1 89  ARG n 
1 90  ASN n 
1 91  ILE n 
1 92  ARG n 
1 93  VAL n 
1 94  ARG n 
1 95  THR n 
1 96  VAL n 
1 97  LYS n 
1 98  GLY n 
1 99  GLN n 
1 100 ASP n 
1 101 TYR n 
1 102 LEU n 
1 103 SER n 
1 104 LYS n 
1 105 THR n 
1 106 GLY n 
1 107 ALA n 
1 108 LYS n 
1 109 PHE n 
1 110 HIS n 
1 111 GLY n 
1 112 LYS n 
1 113 MET n 
1 114 GLU n 
1 115 GLN n 
1 116 LYS n 
1 117 PHE n 
1 118 LEU n 
1 119 LEU n 
1 120 VAL n 
1 121 ASP n 
1 122 CYS n 
1 123 GLN n 
1 124 LYS n 
1 125 VAL n 
1 126 MET n 
1 127 TYR n 
1 128 GLY n 
1 129 SER n 
1 130 TYR n 
1 131 SER n 
1 132 TYR n 
1 133 MET n 
1 134 TRP n 
1 135 SER n 
1 136 PHE n 
1 137 GLU n 
1 138 LYS n 
1 139 ALA n 
1 140 HIS n 
1 141 LEU n 
1 142 SER n 
1 143 MET n 
1 144 VAL n 
1 145 GLN n 
1 146 ILE n 
1 147 ILE n 
1 148 THR n 
1 149 GLY n 
1 150 GLN n 
1 151 LEU n 
1 152 VAL n 
1 153 GLU n 
1 154 SER n 
1 155 PHE n 
1 156 ASP n 
1 157 GLU n 
1 158 GLU n 
1 159 PHE n 
1 160 ARG n 
1 161 THR n 
1 162 LEU n 
1 163 TYR n 
1 164 ALA n 
1 165 ARG n 
1 166 SER n 
1 167 CYS n 
1 168 VAL n 
1 169 PRO n 
1 170 SER n 
1 171 SER n 
1 172 PHE n 
1 173 ALA n 
1 174 GLN n 
1 175 GLU n 
1 176 GLU n 
1 177 SER n 
1 178 ALA n 
1 179 ARG n 
1 180 VAL n 
# 
_entity_src_gen.entity_id                          1 
_entity_src_gen.pdbx_src_id                        1 
_entity_src_gen.pdbx_alt_source_flag               sample 
_entity_src_gen.pdbx_seq_type                      'Biological sequence' 
_entity_src_gen.pdbx_beg_seq_num                   1 
_entity_src_gen.pdbx_end_seq_num                   180 
_entity_src_gen.gene_src_common_name               Human 
_entity_src_gen.gene_src_genus                     ? 
_entity_src_gen.pdbx_gene_src_gene                 'FAM83B, C6orf143' 
_entity_src_gen.gene_src_species                   ? 
_entity_src_gen.gene_src_strain                    ? 
_entity_src_gen.gene_src_tissue                    ? 
_entity_src_gen.gene_src_tissue_fraction           ? 
_entity_src_gen.gene_src_details                   ? 
_entity_src_gen.pdbx_gene_src_fragment             ? 
_entity_src_gen.pdbx_gene_src_scientific_name      'Homo sapiens' 
_entity_src_gen.pdbx_gene_src_ncbi_taxonomy_id     9606 
_entity_src_gen.pdbx_gene_src_variant              ? 
_entity_src_gen.pdbx_gene_src_cell_line            ? 
_entity_src_gen.pdbx_gene_src_atcc                 ? 
_entity_src_gen.pdbx_gene_src_organ                ? 
_entity_src_gen.pdbx_gene_src_organelle            ? 
_entity_src_gen.pdbx_gene_src_cell                 ? 
_entity_src_gen.pdbx_gene_src_cellular_location    ? 
_entity_src_gen.host_org_common_name               ? 
_entity_src_gen.pdbx_host_org_scientific_name      'Escherichia coli' 
_entity_src_gen.pdbx_host_org_ncbi_taxonomy_id     562 
_entity_src_gen.host_org_genus                     ? 
_entity_src_gen.pdbx_host_org_gene                 ? 
_entity_src_gen.pdbx_host_org_organ                ? 
_entity_src_gen.host_org_species                   ? 
_entity_src_gen.pdbx_host_org_tissue               ? 
_entity_src_gen.pdbx_host_org_tissue_fraction      ? 
_entity_src_gen.pdbx_host_org_strain               ? 
_entity_src_gen.pdbx_host_org_variant              ? 
_entity_src_gen.pdbx_host_org_cell_line            ? 
_entity_src_gen.pdbx_host_org_atcc                 ? 
_entity_src_gen.pdbx_host_org_culture_collection   ? 
_entity_src_gen.pdbx_host_org_cell                 ? 
_entity_src_gen.pdbx_host_org_organelle            ? 
_entity_src_gen.pdbx_host_org_cellular_location    ? 
_entity_src_gen.pdbx_host_org_vector_type          ? 
_entity_src_gen.pdbx_host_org_vector               ? 
_entity_src_gen.host_org_details                   ? 
_entity_src_gen.expression_system_id               ? 
_entity_src_gen.plasmid_name                       ? 
_entity_src_gen.plasmid_details                    ? 
_entity_src_gen.pdbx_description                   ? 
# 
loop_
_chem_comp.id 
_chem_comp.type 
_chem_comp.mon_nstd_flag 
_chem_comp.name 
_chem_comp.pdbx_synonyms 
_chem_comp.formula 
_chem_comp.formula_weight 
ALA 'L-peptide linking' y ALANINE                                                                            ?                 
'C3 H7 N O2'     89.093  
ARG 'L-peptide linking' y ARGININE                                                                           ?                 
'C6 H15 N4 O2 1' 175.209 
ASN 'L-peptide linking' y ASPARAGINE                                                                         ?                 
'C4 H8 N2 O3'    132.118 
ASP 'L-peptide linking' y 'ASPARTIC ACID'                                                                    ?                 
'C4 H7 N O4'     133.103 
CYS 'L-peptide linking' y CYSTEINE                                                                           ?                 
'C3 H7 N O2 S'   121.158 
EDO non-polymer         . 1,2-ETHANEDIOL                                                                     'ETHYLENE GLYCOL' 
'C2 H6 O2'       62.068  
GLN 'L-peptide linking' y GLUTAMINE                                                                          ?                 
'C5 H10 N2 O3'   146.144 
GLU 'L-peptide linking' y 'GLUTAMIC ACID'                                                                    ?                 
'C5 H9 N O4'     147.129 
GLY 'peptide linking'   y GLYCINE                                                                            ?                 
'C2 H5 N O2'     75.067  
GQJ non-polymer         . 'methyl (2~{S},4~{R})-1-(furan-2-ylcarbonyl)-4-oxidanyl-pyrrolidine-2-carboxylate' ?                 
'C11 H13 N O5'   239.225 
HIS 'L-peptide linking' y HISTIDINE                                                                          ?                 
'C6 H10 N3 O2 1' 156.162 
HOH non-polymer         . WATER                                                                              ?                 
'H2 O'           18.015  
ILE 'L-peptide linking' y ISOLEUCINE                                                                         ?                 
'C6 H13 N O2'    131.173 
LEU 'L-peptide linking' y LEUCINE                                                                            ?                 
'C6 H13 N O2'    131.173 
LYS 'L-peptide linking' y LYSINE                                                                             ?                 
'C6 H15 N2 O2 1' 147.195 
MET 'L-peptide linking' y METHIONINE                                                                         ?                 
'C5 H11 N O2 S'  149.211 
PHE 'L-peptide linking' y PHENYLALANINE                                                                      ?                 
'C9 H11 N O2'    165.189 
PRO 'L-peptide linking' y PROLINE                                                                            ?                 
'C5 H9 N O2'     115.130 
SER 'L-peptide linking' y SERINE                                                                             ?                 
'C3 H7 N O3'     105.093 
THR 'L-peptide linking' y THREONINE                                                                          ?                 
'C4 H9 N O3'     119.119 
TRP 'L-peptide linking' y TRYPTOPHAN                                                                         ?                 
'C11 H12 N2 O2'  204.225 
TYR 'L-peptide linking' y TYROSINE                                                                           ?                 
'C9 H11 N O3'    181.189 
VAL 'L-peptide linking' y VALINE                                                                             ?                 
'C5 H11 N O2'    117.146 
# 
loop_
_pdbx_poly_seq_scheme.asym_id 
_pdbx_poly_seq_scheme.entity_id 
_pdbx_poly_seq_scheme.seq_id 
_pdbx_poly_seq_scheme.mon_id 
_pdbx_poly_seq_scheme.ndb_seq_num 
_pdbx_poly_seq_scheme.pdb_seq_num 
_pdbx_poly_seq_scheme.auth_seq_num 
_pdbx_poly_seq_scheme.pdb_mon_id 
_pdbx_poly_seq_scheme.auth_mon_id 
_pdbx_poly_seq_scheme.pdb_strand_id 
_pdbx_poly_seq_scheme.pdb_ins_code 
_pdbx_poly_seq_scheme.hetero 
A 1 1   SER 1   1   ?   ?   ?   A . n 
A 1 2   MET 2   2   ?   ?   ?   A . n 
A 1 3   GLY 3   3   3   GLY GLY A . n 
A 1 4   GLY 4   4   4   GLY GLY A . n 
A 1 5   THR 5   5   5   THR THR A . n 
A 1 6   HIS 6   6   6   HIS HIS A . n 
A 1 7   ILE 7   7   7   ILE ILE A . n 
A 1 8   ASP 8   8   8   ASP ASP A . n 
A 1 9   LEU 9   9   9   LEU LEU A . n 
A 1 10  LEU 10  10  10  LEU LEU A . n 
A 1 11  PHE 11  11  11  PHE PHE A . n 
A 1 12  HIS 12  12  12  HIS HIS A . n 
A 1 13  PRO 13  13  13  PRO PRO A . n 
A 1 14  PRO 14  14  14  PRO PRO A . n 
A 1 15  ARG 15  15  15  ARG ARG A . n 
A 1 16  ALA 16  16  16  ALA ALA A . n 
A 1 17  HIS 17  17  17  HIS HIS A . n 
A 1 18  LEU 18  18  18  LEU LEU A . n 
A 1 19  LEU 19  19  19  LEU LEU A . n 
A 1 20  THR 20  20  20  THR THR A . n 
A 1 21  ILE 21  21  21  ILE ILE A . n 
A 1 22  LYS 22  22  22  LYS LYS A . n 
A 1 23  GLU 23  23  23  GLU GLU A . n 
A 1 24  THR 24  24  24  THR THR A . n 
A 1 25  ILE 25  25  25  ILE ILE A . n 
A 1 26  ARG 26  26  26  ARG ARG A . n 
A 1 27  LYS 27  27  27  LYS LYS A . n 
A 1 28  MET 28  28  28  MET MET A . n 
A 1 29  ILE 29  29  29  ILE ILE A . n 
A 1 30  LYS 30  30  30  LYS LYS A . n 
A 1 31  GLU 31  31  31  GLU GLU A . n 
A 1 32  ALA 32  32  32  ALA ALA A . n 
A 1 33  ARG 33  33  33  ARG ARG A . n 
A 1 34  LYS 34  34  34  LYS LYS A . n 
A 1 35  VAL 35  35  35  VAL VAL A . n 
A 1 36  ILE 36  36  36  ILE ILE A . n 
A 1 37  ALA 37  37  37  ALA ALA A . n 
A 1 38  LEU 38  38  38  LEU LEU A . n 
A 1 39  VAL 39  39  39  VAL VAL A . n 
A 1 40  MET 40  40  40  MET MET A . n 
A 1 41  ASP 41  41  41  ASP ASP A . n 
A 1 42  ILE 42  42  42  ILE ILE A . n 
A 1 43  PHE 43  43  43  PHE PHE A . n 
A 1 44  THR 44  44  44  THR THR A . n 
A 1 45  ASP 45  45  45  ASP ASP A . n 
A 1 46  VAL 46  46  46  VAL VAL A . n 
A 1 47  ASP 47  47  47  ASP ASP A . n 
A 1 48  ILE 48  48  48  ILE ILE A . n 
A 1 49  PHE 49  49  49  PHE PHE A . n 
A 1 50  LYS 50  50  50  LYS LYS A . n 
A 1 51  GLU 51  51  51  GLU GLU A . n 
A 1 52  ILE 52  52  52  ILE ILE A . n 
A 1 53  VAL 53  53  53  VAL VAL A . n 
A 1 54  GLU 54  54  54  GLU GLU A . n 
A 1 55  ALA 55  55  55  ALA ALA A . n 
A 1 56  SER 56  56  56  SER SER A . n 
A 1 57  THR 57  57  57  THR THR A . n 
A 1 58  ARG 58  58  58  ARG ARG A . n 
A 1 59  GLY 59  59  59  GLY GLY A . n 
A 1 60  VAL 60  60  60  VAL VAL A . n 
A 1 61  SER 61  61  61  SER SER A . n 
A 1 62  VAL 62  62  62  VAL VAL A . n 
A 1 63  TYR 63  63  63  TYR TYR A . n 
A 1 64  ILE 64  64  64  ILE ILE A . n 
A 1 65  LEU 65  65  65  LEU LEU A . n 
A 1 66  LEU 66  66  66  LEU LEU A . n 
A 1 67  ASP 67  67  67  ASP ASP A . n 
A 1 68  GLU 68  68  68  GLU GLU A . n 
A 1 69  SER 69  69  69  SER SER A . n 
A 1 70  ASN 70  70  70  ASN ASN A . n 
A 1 71  PHE 71  71  71  PHE PHE A . n 
A 1 72  ASN 72  72  72  ASN ASN A . n 
A 1 73  HIS 73  73  73  HIS HIS A . n 
A 1 74  PHE 74  74  74  PHE PHE A . n 
A 1 75  LEU 75  75  75  LEU LEU A . n 
A 1 76  ASN 76  76  76  ASN ASN A . n 
A 1 77  MET 77  77  77  MET MET A . n 
A 1 78  THR 78  78  78  THR THR A . n 
A 1 79  GLU 79  79  79  GLU GLU A . n 
A 1 80  LYS 80  80  80  LYS LYS A . n 
A 1 81  GLN 81  81  81  GLN GLN A . n 
A 1 82  GLY 82  82  82  GLY GLY A . n 
A 1 83  CYS 83  83  83  CYS CYS A . n 
A 1 84  SER 84  84  84  SER SER A . n 
A 1 85  VAL 85  85  85  VAL VAL A . n 
A 1 86  GLN 86  86  86  GLN GLN A . n 
A 1 87  ARG 87  87  87  ARG ARG A . n 
A 1 88  LEU 88  88  88  LEU LEU A . n 
A 1 89  ARG 89  89  89  ARG ARG A . n 
A 1 90  ASN 90  90  90  ASN ASN A . n 
A 1 91  ILE 91  91  91  ILE ILE A . n 
A 1 92  ARG 92  92  92  ARG ARG A . n 
A 1 93  VAL 93  93  93  VAL VAL A . n 
A 1 94  ARG 94  94  94  ARG ARG A . n 
A 1 95  THR 95  95  95  THR THR A . n 
A 1 96  VAL 96  96  96  VAL VAL A . n 
A 1 97  LYS 97  97  97  LYS LYS A . n 
A 1 98  GLY 98  98  98  GLY GLY A . n 
A 1 99  GLN 99  99  99  GLN GLN A . n 
A 1 100 ASP 100 100 100 ASP ASP A . n 
A 1 101 TYR 101 101 101 TYR TYR A . n 
A 1 102 LEU 102 102 ?   ?   ?   A . n 
A 1 103 SER 103 103 ?   ?   ?   A . n 
A 1 104 LYS 104 104 ?   ?   ?   A . n 
A 1 105 THR 105 105 ?   ?   ?   A . n 
A 1 106 GLY 106 106 ?   ?   ?   A . n 
A 1 107 ALA 107 107 ?   ?   ?   A . n 
A 1 108 LYS 108 108 ?   ?   ?   A . n 
A 1 109 PHE 109 109 109 PHE PHE A . n 
A 1 110 HIS 110 110 110 HIS HIS A . n 
A 1 111 GLY 111 111 111 GLY GLY A . n 
A 1 112 LYS 112 112 112 LYS LYS A . n 
A 1 113 MET 113 113 113 MET MET A . n 
A 1 114 GLU 114 114 114 GLU GLU A . n 
A 1 115 GLN 115 115 115 GLN GLN A . n 
A 1 116 LYS 116 116 116 LYS LYS A . n 
A 1 117 PHE 117 117 117 PHE PHE A . n 
A 1 118 LEU 118 118 118 LEU LEU A . n 
A 1 119 LEU 119 119 119 LEU LEU A . n 
A 1 120 VAL 120 120 120 VAL VAL A . n 
A 1 121 ASP 121 121 121 ASP ASP A . n 
A 1 122 CYS 122 122 122 CYS CYS A . n 
A 1 123 GLN 123 123 123 GLN GLN A . n 
A 1 124 LYS 124 124 124 LYS LYS A . n 
A 1 125 VAL 125 125 125 VAL VAL A . n 
A 1 126 MET 126 126 126 MET MET A . n 
A 1 127 TYR 127 127 127 TYR TYR A . n 
A 1 128 GLY 128 128 128 GLY GLY A . n 
A 1 129 SER 129 129 129 SER SER A . n 
A 1 130 TYR 130 130 130 TYR TYR A . n 
A 1 131 SER 131 131 131 SER SER A . n 
A 1 132 TYR 132 132 132 TYR TYR A . n 
A 1 133 MET 133 133 133 MET MET A . n 
A 1 134 TRP 134 134 134 TRP TRP A . n 
A 1 135 SER 135 135 135 SER SER A . n 
A 1 136 PHE 136 136 136 PHE PHE A . n 
A 1 137 GLU 137 137 137 GLU GLU A . n 
A 1 138 LYS 138 138 138 LYS LYS A . n 
A 1 139 ALA 139 139 139 ALA ALA A . n 
A 1 140 HIS 140 140 140 HIS HIS A . n 
A 1 141 LEU 141 141 141 LEU LEU A . n 
A 1 142 SER 142 142 142 SER SER A . n 
A 1 143 MET 143 143 143 MET MET A . n 
A 1 144 VAL 144 144 144 VAL VAL A . n 
A 1 145 GLN 145 145 145 GLN GLN A . n 
A 1 146 ILE 146 146 146 ILE ILE A . n 
A 1 147 ILE 147 147 147 ILE ILE A . n 
A 1 148 THR 148 148 148 THR THR A . n 
A 1 149 GLY 149 149 149 GLY GLY A . n 
A 1 150 GLN 150 150 150 GLN GLN A . n 
A 1 151 LEU 151 151 151 LEU LEU A . n 
A 1 152 VAL 152 152 152 VAL VAL A . n 
A 1 153 GLU 153 153 153 GLU GLU A . n 
A 1 154 SER 154 154 154 SER SER A . n 
A 1 155 PHE 155 155 155 PHE PHE A . n 
A 1 156 ASP 156 156 156 ASP ASP A . n 
A 1 157 GLU 157 157 157 GLU GLU A . n 
A 1 158 GLU 158 158 158 GLU GLU A . n 
A 1 159 PHE 159 159 159 PHE PHE A . n 
A 1 160 ARG 160 160 160 ARG ARG A . n 
A 1 161 THR 161 161 161 THR THR A . n 
A 1 162 LEU 162 162 162 LEU LEU A . n 
A 1 163 TYR 163 163 163 TYR TYR A . n 
A 1 164 ALA 164 164 164 ALA ALA A . n 
A 1 165 ARG 165 165 165 ARG ARG A . n 
A 1 166 SER 166 166 166 SER SER A . n 
A 1 167 CYS 167 167 167 CYS CYS A . n 
A 1 168 VAL 168 168 168 VAL VAL A . n 
A 1 169 PRO 169 169 169 PRO PRO A . n 
A 1 170 SER 170 170 170 SER SER A . n 
A 1 171 SER 171 171 171 SER SER A . n 
A 1 172 PHE 172 172 172 PHE PHE A . n 
A 1 173 ALA 173 173 173 ALA ALA A . n 
A 1 174 GLN 174 174 ?   ?   ?   A . n 
A 1 175 GLU 175 175 ?   ?   ?   A . n 
A 1 176 GLU 176 176 ?   ?   ?   A . n 
A 1 177 SER 177 177 ?   ?   ?   A . n 
A 1 178 ALA 178 178 ?   ?   ?   A . n 
A 1 179 ARG 179 179 ?   ?   ?   A . n 
A 1 180 VAL 180 180 ?   ?   ?   A . n 
# 
loop_
_pdbx_nonpoly_scheme.asym_id 
_pdbx_nonpoly_scheme.entity_id 
_pdbx_nonpoly_scheme.mon_id 
_pdbx_nonpoly_scheme.ndb_seq_num 
_pdbx_nonpoly_scheme.pdb_seq_num 
_pdbx_nonpoly_scheme.auth_seq_num 
_pdbx_nonpoly_scheme.pdb_mon_id 
_pdbx_nonpoly_scheme.auth_mon_id 
_pdbx_nonpoly_scheme.pdb_strand_id 
_pdbx_nonpoly_scheme.pdb_ins_code 
B 2 EDO 1  201 1  EDO EDO A . 
C 2 EDO 1  202 2  EDO EDO A . 
D 3 GQJ 1  203 1  GQJ LIG A . 
E 4 HOH 1  301 49 HOH HOH A . 
E 4 HOH 2  302 60 HOH HOH A . 
E 4 HOH 3  303 59 HOH HOH A . 
E 4 HOH 4  304 50 HOH HOH A . 
E 4 HOH 5  305 51 HOH HOH A . 
E 4 HOH 6  306 34 HOH HOH A . 
E 4 HOH 7  307 61 HOH HOH A . 
E 4 HOH 8  308 6  HOH HOH A . 
E 4 HOH 9  309 86 HOH HOH A . 
E 4 HOH 10 310 30 HOH HOH A . 
E 4 HOH 11 311 42 HOH HOH A . 
E 4 HOH 12 312 68 HOH HOH A . 
E 4 HOH 13 313 79 HOH HOH A . 
E 4 HOH 14 314 39 HOH HOH A . 
E 4 HOH 15 315 12 HOH HOH A . 
E 4 HOH 16 316 58 HOH HOH A . 
E 4 HOH 17 317 26 HOH HOH A . 
E 4 HOH 18 318 3  HOH HOH A . 
E 4 HOH 19 319 29 HOH HOH A . 
E 4 HOH 20 320 9  HOH HOH A . 
E 4 HOH 21 321 13 HOH HOH A . 
E 4 HOH 22 322 28 HOH HOH A . 
E 4 HOH 23 323 19 HOH HOH A . 
E 4 HOH 24 324 22 HOH HOH A . 
E 4 HOH 25 325 14 HOH HOH A . 
E 4 HOH 26 326 64 HOH HOH A . 
E 4 HOH 27 327 88 HOH HOH A . 
E 4 HOH 28 328 55 HOH HOH A . 
E 4 HOH 29 329 2  HOH HOH A . 
E 4 HOH 30 330 78 HOH HOH A . 
E 4 HOH 31 331 4  HOH HOH A . 
E 4 HOH 32 332 46 HOH HOH A . 
E 4 HOH 33 333 10 HOH HOH A . 
E 4 HOH 34 334 95 HOH HOH A . 
E 4 HOH 35 335 82 HOH HOH A . 
E 4 HOH 36 336 71 HOH HOH A . 
E 4 HOH 37 337 1  HOH HOH A . 
E 4 HOH 38 338 48 HOH HOH A . 
E 4 HOH 39 339 17 HOH HOH A . 
E 4 HOH 40 340 66 HOH HOH A . 
E 4 HOH 41 341 94 HOH HOH A . 
E 4 HOH 42 342 45 HOH HOH A . 
E 4 HOH 43 343 37 HOH HOH A . 
E 4 HOH 44 344 80 HOH HOH A . 
E 4 HOH 45 345 23 HOH HOH A . 
E 4 HOH 46 346 36 HOH HOH A . 
E 4 HOH 47 347 96 HOH HOH A . 
E 4 HOH 48 348 8  HOH HOH A . 
E 4 HOH 49 349 93 HOH HOH A . 
E 4 HOH 50 350 91 HOH HOH A . 
E 4 HOH 51 351 11 HOH HOH A . 
E 4 HOH 52 352 7  HOH HOH A . 
E 4 HOH 53 353 77 HOH HOH A . 
E 4 HOH 54 354 16 HOH HOH A . 
E 4 HOH 55 355 40 HOH HOH A . 
E 4 HOH 56 356 24 HOH HOH A . 
E 4 HOH 57 357 5  HOH HOH A . 
E 4 HOH 58 358 15 HOH HOH A . 
E 4 HOH 59 359 84 HOH HOH A . 
E 4 HOH 60 360 44 HOH HOH A . 
E 4 HOH 61 361 53 HOH HOH A . 
E 4 HOH 62 362 31 HOH HOH A . 
E 4 HOH 63 363 90 HOH HOH A . 
E 4 HOH 64 364 21 HOH HOH A . 
E 4 HOH 65 365 87 HOH HOH A . 
E 4 HOH 66 366 70 HOH HOH A . 
E 4 HOH 67 367 41 HOH HOH A . 
E 4 HOH 68 368 63 HOH HOH A . 
E 4 HOH 69 369 67 HOH HOH A . 
E 4 HOH 70 370 81 HOH HOH A . 
E 4 HOH 71 371 25 HOH HOH A . 
E 4 HOH 72 372 56 HOH HOH A . 
E 4 HOH 73 373 20 HOH HOH A . 
E 4 HOH 74 374 62 HOH HOH A . 
E 4 HOH 75 375 83 HOH HOH A . 
E 4 HOH 76 376 74 HOH HOH A . 
E 4 HOH 77 377 65 HOH HOH A . 
E 4 HOH 78 378 32 HOH HOH A . 
E 4 HOH 79 379 85 HOH HOH A . 
E 4 HOH 80 380 33 HOH HOH A . 
E 4 HOH 81 381 52 HOH HOH A . 
E 4 HOH 82 382 89 HOH HOH A . 
E 4 HOH 83 383 69 HOH HOH A . 
E 4 HOH 84 384 38 HOH HOH A . 
E 4 HOH 85 385 92 HOH HOH A . 
E 4 HOH 86 386 73 HOH HOH A . 
E 4 HOH 87 387 76 HOH HOH A . 
# 
loop_
_pdbx_unobs_or_zero_occ_atoms.id 
_pdbx_unobs_or_zero_occ_atoms.PDB_model_num 
_pdbx_unobs_or_zero_occ_atoms.polymer_flag 
_pdbx_unobs_or_zero_occ_atoms.occupancy_flag 
_pdbx_unobs_or_zero_occ_atoms.auth_asym_id 
_pdbx_unobs_or_zero_occ_atoms.auth_comp_id 
_pdbx_unobs_or_zero_occ_atoms.auth_seq_id 
_pdbx_unobs_or_zero_occ_atoms.PDB_ins_code 
_pdbx_unobs_or_zero_occ_atoms.auth_atom_id 
_pdbx_unobs_or_zero_occ_atoms.label_alt_id 
_pdbx_unobs_or_zero_occ_atoms.label_asym_id 
_pdbx_unobs_or_zero_occ_atoms.label_comp_id 
_pdbx_unobs_or_zero_occ_atoms.label_seq_id 
_pdbx_unobs_or_zero_occ_atoms.label_atom_id 
1 1 Y 1 A ARG 89 ? CG  ? A ARG 89 CG  
2 1 Y 1 A ARG 89 ? CD  ? A ARG 89 CD  
3 1 Y 1 A ARG 89 ? NE  ? A ARG 89 NE  
4 1 Y 1 A ARG 89 ? CZ  ? A ARG 89 CZ  
5 1 Y 1 A ARG 89 ? NH1 ? A ARG 89 NH1 
6 1 Y 1 A ARG 89 ? NH2 ? A ARG 89 NH2 
# 
loop_
_software.pdbx_ordinal 
_software.name 
_software.version 
_software.date 
_software.type 
_software.contact_author 
_software.contact_author_email 
_software.classification 
_software.location 
_software.language 
_software.citation_id 
1 REFMAC      5.8.0189 ?               program 'Garib N. Murshudov' garib@ysbl.york.ac.uk    refinement        
http://www.ccp4.ac.uk/dist/html/refmac5.html        Fortran_77 ? 
2 Aimless     0.5.32   29/03/17        program 'Phil Evans'         ?                        'data scaling'    
http://www.mrc-lmb.cam.ac.uk/harry/pre/aimless.html ?          ? 
3 PDB_EXTRACT 3.23     'SEP. 23, 2016' package PDB                  deposit@deposit.rcsb.org 'data extraction' 
http://sw-tools.pdb.org/apps/PDB_EXTRACT/           C++        ? 
4 XDS         .        ?               program ?                    ?                        'data reduction'  ? ?          ? 
5 REFMAC      .        ?               program ?                    ?                        phasing           ? ?          ? 
# 
_cell.entry_id           5QHN 
_cell.length_a           50.541 
_cell.length_b           50.541 
_cell.length_c           153.152 
_cell.angle_alpha        90.000 
_cell.angle_beta         90.000 
_cell.angle_gamma        90.000 
_cell.Z_PDB              8 
_cell.pdbx_unique_axis   ? 
# 
_symmetry.entry_id                         5QHN 
_symmetry.Int_Tables_number                91 
_symmetry.space_group_name_H-M             'P 41 2 2' 
_symmetry.pdbx_full_space_group_name_H-M   ? 
_symmetry.cell_setting                     ? 
# 
_exptl.crystals_number   1 
_exptl.entry_id          5QHN 
_exptl.method            'X-RAY DIFFRACTION' 
# 
_exptl_crystal.id                    1 
_exptl_crystal.pdbx_mosaicity        0.000 
_exptl_crystal.pdbx_mosaicity_esd    ? 
_exptl_crystal.density_Matthews      2.35 
_exptl_crystal.density_diffrn        ? 
_exptl_crystal.density_meas          ? 
_exptl_crystal.density_meas_temp     ? 
_exptl_crystal.density_percent_sol   47.72 
_exptl_crystal.size_max              ? 
_exptl_crystal.size_mid              ? 
_exptl_crystal.size_min              ? 
_exptl_crystal.size_rad              ? 
_exptl_crystal.description           ? 
# 
_exptl_crystal_grow.crystal_id      1 
_exptl_crystal_grow.method          'VAPOR DIFFUSION, SITTING DROP' 
_exptl_crystal_grow.pH              7.0 
_exptl_crystal_grow.temp            293 
_exptl_crystal_grow.pdbx_details    '27.3% Tacsimate pH 7.0, 0.15 M NaCl' 
_exptl_crystal_grow.temp_details    ? 
_exptl_crystal_grow.pdbx_pH_range   ? 
# 
_diffrn.id                     1 
_diffrn.ambient_temp           100 
_diffrn.crystal_id             1 
_diffrn.ambient_temp_details   ? 
# 
_diffrn_detector.detector               PIXEL 
_diffrn_detector.type                   'DECTRIS PILATUS 6M' 
_diffrn_detector.pdbx_collection_date   2017-08-03 
_diffrn_detector.diffrn_id              1 
_diffrn_detector.details                ? 
# 
_diffrn_radiation.diffrn_id                        1 
_diffrn_radiation.wavelength_id                    1 
_diffrn_radiation.pdbx_diffrn_protocol             'SINGLE WAVELENGTH' 
_diffrn_radiation.pdbx_monochromatic_or_laue_m_l   ? 
_diffrn_radiation.monochromator                    ? 
_diffrn_radiation.pdbx_scattering_type             x-ray 
# 
_diffrn_radiation_wavelength.id           1 
_diffrn_radiation_wavelength.wavelength   0.91587 
_diffrn_radiation_wavelength.wt           1.0 
# 
_diffrn_source.diffrn_id                   1 
_diffrn_source.source                      SYNCHROTRON 
_diffrn_source.type                        'DIAMOND BEAMLINE I04-1' 
_diffrn_source.pdbx_wavelength_list        0.91587 
_diffrn_source.pdbx_synchrotron_site       Diamond 
_diffrn_source.pdbx_synchrotron_beamline   I04-1 
_diffrn_source.pdbx_wavelength             ? 
# 
_reflns.entry_id                     5QHN 
_reflns.pdbx_diffrn_id               1 
_reflns.pdbx_ordinal                 1 
_reflns.observed_criterion_sigma_I   ? 
_reflns.observed_criterion_sigma_F   ? 
_reflns.d_resolution_low             50.510 
_reflns.d_resolution_high            1.730 
_reflns.number_obs                   20449 
_reflns.number_all                   ? 
_reflns.percent_possible_obs         95.500 
_reflns.pdbx_Rmerge_I_obs            0.094 
_reflns.pdbx_Rsym_value              ? 
_reflns.pdbx_netI_over_sigmaI        11.200 
_reflns.B_iso_Wilson_estimate        ? 
_reflns.pdbx_redundancy              8.500 
_reflns.pdbx_Rrim_I_all              0.100 
_reflns.pdbx_Rpim_I_all              0.033 
_reflns.pdbx_CC_half                 0.999 
_reflns.pdbx_netI_over_av_sigmaI     ? 
_reflns.pdbx_number_measured_all     174727 
_reflns.pdbx_scaling_rejects         12 
_reflns.pdbx_chi_squared             ? 
_reflns.Rmerge_F_all                 ? 
_reflns.Rmerge_F_obs                 ? 
_reflns.observed_criterion_F_max     ? 
_reflns.observed_criterion_F_min     ? 
_reflns.observed_criterion_I_max     ? 
_reflns.observed_criterion_I_min     ? 
_reflns.pdbx_d_res_high_opt          ? 
_reflns.pdbx_d_res_low_opt           ? 
_reflns.details                      ? 
# 
loop_
_reflns_shell.pdbx_diffrn_id 
_reflns_shell.pdbx_ordinal 
_reflns_shell.d_res_high 
_reflns_shell.d_res_low 
_reflns_shell.number_measured_obs 
_reflns_shell.number_measured_all 
_reflns_shell.number_unique_obs 
_reflns_shell.pdbx_rejects 
_reflns_shell.Rmerge_I_obs 
_reflns_shell.meanI_over_sigI_obs 
_reflns_shell.pdbx_Rsym_value 
_reflns_shell.pdbx_chi_squared 
_reflns_shell.pdbx_redundancy 
_reflns_shell.percent_possible_obs 
_reflns_shell.pdbx_netI_over_sigmaI_obs 
_reflns_shell.number_possible 
_reflns_shell.number_unique_all 
_reflns_shell.Rmerge_F_all 
_reflns_shell.Rmerge_F_obs 
_reflns_shell.Rmerge_I_all 
_reflns_shell.meanI_over_sigI_all 
_reflns_shell.percent_possible_all 
_reflns_shell.pdbx_Rrim_I_all 
_reflns_shell.pdbx_Rpim_I_all 
_reflns_shell.pdbx_CC_half 
1 1 1.730 1.770  ? 11273 ? ? 3.003 ? ? ? 7.500 ? 1.000  ? 1509 ? ? ? ? 97.700 3.216 1.113 0.497 
1 2 7.740 50.510 ? 2170  ? ? 0.026 ? ? ? 8.100 ? 46.300 ? 269  ? ? ? ? 90.200 0.028 0.010 0.999 
# 
_refine.entry_id                                 5QHN 
_refine.pdbx_refine_id                           'X-RAY DIFFRACTION' 
_refine.ls_d_res_high                            1.7300 
_refine.ls_d_res_low                             50.5400 
_refine.pdbx_ls_sigma_F                          0.000 
_refine.pdbx_data_cutoff_high_absF               ? 
_refine.pdbx_data_cutoff_low_absF                ? 
_refine.ls_percent_reflns_obs                    93.0000 
_refine.ls_number_reflns_obs                     19194 
_refine.ls_number_reflns_all                     ? 
_refine.pdbx_ls_cross_valid_method               THROUGHOUT 
_refine.ls_matrix_type                           ? 
_refine.pdbx_R_Free_selection_details            RANDOM 
_refine.details                                  
'HYDROGENS HAVE BEEN ADDED IN THE RIDING POSITIONS U VALUES      : REFINED INDIVIDUALLY' 
_refine.ls_R_factor_all                          ? 
_refine.ls_R_factor_obs                          0.1895 
_refine.ls_R_factor_R_work                       0.1874 
_refine.ls_wR_factor_R_work                      ? 
_refine.ls_R_factor_R_free                       0.2265 
_refine.ls_wR_factor_R_free                      ? 
_refine.ls_percent_reflns_R_free                 5.3000 
_refine.ls_number_reflns_R_free                  1069 
_refine.ls_number_reflns_R_work                  ? 
_refine.ls_R_factor_R_free_error                 ? 
_refine.B_iso_mean                               29.4160 
_refine.solvent_model_param_bsol                 ? 
_refine.solvent_model_param_ksol                 ? 
_refine.pdbx_isotropic_thermal_model             ? 
_refine.aniso_B[1][1]                            0.6700 
_refine.aniso_B[2][2]                            0.6700 
_refine.aniso_B[3][3]                            -1.3400 
_refine.aniso_B[1][2]                            0.0000 
_refine.aniso_B[1][3]                            -0.0000 
_refine.aniso_B[2][3]                            -0.0000 
_refine.correlation_coeff_Fo_to_Fc               0.9640 
_refine.correlation_coeff_Fo_to_Fc_free          0.9500 
_refine.overall_SU_R_Cruickshank_DPI             ? 
_refine.pdbx_overall_SU_R_free_Cruickshank_DPI   ? 
_refine.pdbx_overall_SU_R_Blow_DPI               ? 
_refine.pdbx_overall_SU_R_free_Blow_DPI          ? 
_refine.overall_SU_R_free                        ? 
_refine.pdbx_overall_ESU_R                       0.1110 
_refine.pdbx_overall_ESU_R_Free                  0.1120 
_refine.overall_SU_ML                            0.0830 
_refine.overall_SU_B                             2.7060 
_refine.solvent_model_details                    MASK 
_refine.pdbx_solvent_vdw_probe_radii             1.2000 
_refine.pdbx_solvent_ion_probe_radii             0.8000 
_refine.pdbx_solvent_shrinkage_radii             0.8000 
_refine.ls_number_parameters                     ? 
_refine.ls_number_restraints                     ? 
_refine.pdbx_starting_model                      5LZK 
_refine.pdbx_method_to_determine_struct          'FOURIER SYNTHESIS' 
_refine.pdbx_stereochemistry_target_values       'MAXIMUM LIKELIHOOD' 
_refine.pdbx_stereochem_target_val_spec_case     ? 
_refine.overall_FOM_work_R_set                   ? 
_refine.B_iso_max                                81.890 
_refine.B_iso_min                                16.050 
_refine.pdbx_overall_phase_error                 ? 
_refine.occupancy_max                            ? 
_refine.occupancy_min                            ? 
_refine.pdbx_diffrn_id                           1 
_refine.pdbx_TLS_residual_ADP_flag               ? 
_refine.pdbx_ls_sigma_I                          ? 
_refine.pdbx_data_cutoff_high_rms_absF           ? 
_refine.ls_R_factor_R_free_error_details         ? 
# 
_refine_hist.cycle_id                         final 
_refine_hist.pdbx_refine_id                   'X-RAY DIFFRACTION' 
_refine_hist.d_res_high                       1.7300 
_refine_hist.d_res_low                        50.5400 
_refine_hist.pdbx_number_atoms_ligand         25 
_refine_hist.number_atoms_solvent             87 
_refine_hist.number_atoms_total               1443 
_refine_hist.pdbx_number_residues_total       164 
_refine_hist.pdbx_B_iso_mean_ligand           48.22 
_refine_hist.pdbx_B_iso_mean_solvent          40.56 
_refine_hist.pdbx_number_atoms_protein        1331 
_refine_hist.pdbx_number_atoms_nucleic_acid   0 
# 
loop_
_refine_ls_restr.pdbx_refine_id 
_refine_ls_restr.type 
_refine_ls_restr.number 
_refine_ls_restr.dev_ideal 
_refine_ls_restr.dev_ideal_target 
_refine_ls_restr.weight 
_refine_ls_restr.pdbx_restraint_function 
'X-RAY DIFFRACTION' r_bond_refined_d       1391 0.021  0.019  ? ? 
'X-RAY DIFFRACTION' r_bond_other_d         1299 0.002  0.020  ? ? 
'X-RAY DIFFRACTION' r_angle_refined_deg    1868 2.151  1.963  ? ? 
'X-RAY DIFFRACTION' r_angle_other_deg      3004 1.118  3.000  ? ? 
'X-RAY DIFFRACTION' r_dihedral_angle_1_deg 164  6.846  5.000  ? ? 
'X-RAY DIFFRACTION' r_dihedral_angle_2_deg 64   38.924 23.438 ? ? 
'X-RAY DIFFRACTION' r_dihedral_angle_3_deg 256  14.940 15.000 ? ? 
'X-RAY DIFFRACTION' r_dihedral_angle_4_deg 9    16.755 15.000 ? ? 
'X-RAY DIFFRACTION' r_chiral_restr         208  0.146  0.200  ? ? 
'X-RAY DIFFRACTION' r_gen_planes_refined   1507 0.012  0.020  ? ? 
'X-RAY DIFFRACTION' r_gen_planes_other     294  0.001  0.020  ? ? 
'X-RAY DIFFRACTION' r_mcbond_it            659  2.775  2.556  ? ? 
'X-RAY DIFFRACTION' r_mcbond_other         658  2.768  2.548  ? ? 
'X-RAY DIFFRACTION' r_mcangle_it           822  3.817  3.809  ? ? 
# 
_refine_ls_shell.d_res_high                       1.7270 
_refine_ls_shell.d_res_low                        1.7720 
_refine_ls_shell.pdbx_total_number_of_bins_used   20 
_refine_ls_shell.percent_reflns_obs               88.4300 
_refine_ls_shell.number_reflns_R_work             1319 
_refine_ls_shell.R_factor_all                     ? 
_refine_ls_shell.R_factor_R_work                  0.3480 
_refine_ls_shell.R_factor_R_free                  0.3270 
_refine_ls_shell.percent_reflns_R_free            ? 
_refine_ls_shell.number_reflns_R_free             72 
_refine_ls_shell.R_factor_R_free_error            ? 
_refine_ls_shell.number_reflns_all                1391 
_refine_ls_shell.number_reflns_obs                ? 
_refine_ls_shell.pdbx_refine_id                   'X-RAY DIFFRACTION' 
_refine_ls_shell.R_factor_obs                     ? 
# 
_struct.entry_id                  5QHN 
_struct.title                     
;PanDDA analysis group deposition of models with modelled events (e.g. bound ligands) -- Crystal Structure of human FAM83B in complex with FMOPL000622a
;
_struct.pdbx_model_details        ? 
_struct.pdbx_CASP_flag            ? 
_struct.pdbx_model_type_details   ? 
# 
_struct_keywords.entry_id        5QHN 
_struct_keywords.text            'PanDDA, SGC - Diamond I04-1 fragment screening, DUF1669 domain, XChemExplorer, PROTEIN BINDING' 
_struct_keywords.pdbx_keywords   'PROTEIN BINDING' 
# 
loop_
_struct_asym.id 
_struct_asym.pdbx_blank_PDB_chainid_flag 
_struct_asym.pdbx_modified 
_struct_asym.entity_id 
_struct_asym.details 
A N N 1 ? 
B N N 2 ? 
C N N 2 ? 
D N N 3 ? 
E N N 4 ? 
# 
_struct_ref.id                         1 
_struct_ref.db_name                    UNP 
_struct_ref.db_code                    FA83B_HUMAN 
_struct_ref.pdbx_db_accession          Q5T0W9 
_struct_ref.pdbx_db_isoform            ? 
_struct_ref.entity_id                  1 
_struct_ref.pdbx_seq_one_letter_code   
;GGTHIDLLFHPPRAHLLTIKETIRKMIKEARKVIALVMDIFTDVDIFKEIVEASTRGVSVYILLDESNFNHFLNMTEKQG
CSVQRLRNIRVRTVKGQDYLSKTGAKFHGKMEQKFLLVDCQKVMYGSYSYMWSFEKAHLSMVQIITGQLVESFDEEFRTL
YARSCVPSSFAQEESARV
;
_struct_ref.pdbx_align_begin           117 
# 
_struct_ref_seq.align_id                      1 
_struct_ref_seq.ref_id                        1 
_struct_ref_seq.pdbx_PDB_id_code              5QHN 
_struct_ref_seq.pdbx_strand_id                A 
_struct_ref_seq.seq_align_beg                 3 
_struct_ref_seq.pdbx_seq_align_beg_ins_code   ? 
_struct_ref_seq.seq_align_end                 180 
_struct_ref_seq.pdbx_seq_align_end_ins_code   ? 
_struct_ref_seq.pdbx_db_accession             Q5T0W9 
_struct_ref_seq.db_align_beg                  117 
_struct_ref_seq.pdbx_db_align_beg_ins_code    ? 
_struct_ref_seq.db_align_end                  294 
_struct_ref_seq.pdbx_db_align_end_ins_code    ? 
_struct_ref_seq.pdbx_auth_seq_align_beg       3 
_struct_ref_seq.pdbx_auth_seq_align_end       180 
# 
loop_
_struct_ref_seq_dif.align_id 
_struct_ref_seq_dif.pdbx_pdb_id_code 
_struct_ref_seq_dif.mon_id 
_struct_ref_seq_dif.pdbx_pdb_strand_id 
_struct_ref_seq_dif.seq_num 
_struct_ref_seq_dif.pdbx_pdb_ins_code 
_struct_ref_seq_dif.pdbx_seq_db_name 
_struct_ref_seq_dif.pdbx_seq_db_accession_code 
_struct_ref_seq_dif.db_mon_id 
_struct_ref_seq_dif.pdbx_seq_db_seq_num 
_struct_ref_seq_dif.details 
_struct_ref_seq_dif.pdbx_auth_seq_num 
_struct_ref_seq_dif.pdbx_ordinal 
1 5QHN SER A 1 ? UNP Q5T0W9 ? ? 'expression tag' 1 1 
1 5QHN MET A 2 ? UNP Q5T0W9 ? ? 'expression tag' 2 2 
# 
_pdbx_struct_assembly.id                   1 
_pdbx_struct_assembly.details              author_and_software_defined_assembly 
_pdbx_struct_assembly.method_details       PISA 
_pdbx_struct_assembly.oligomeric_details   dimeric 
_pdbx_struct_assembly.oligomeric_count     2 
# 
loop_
_pdbx_struct_assembly_prop.biol_id 
_pdbx_struct_assembly_prop.type 
_pdbx_struct_assembly_prop.value 
_pdbx_struct_assembly_prop.details 
1 'ABSA (A^2)' 4360  ? 
1 MORE         -9    ? 
1 'SSA (A^2)'  14770 ? 
# 
_pdbx_struct_assembly_gen.assembly_id       1 
_pdbx_struct_assembly_gen.oper_expression   1,2 
_pdbx_struct_assembly_gen.asym_id_list      A,B,C,D,E 
# 
loop_
_pdbx_struct_oper_list.id 
_pdbx_struct_oper_list.type 
_pdbx_struct_oper_list.name 
_pdbx_struct_oper_list.symmetry_operation 
_pdbx_struct_oper_list.matrix[1][1] 
_pdbx_struct_oper_list.matrix[1][2] 
_pdbx_struct_oper_list.matrix[1][3] 
_pdbx_struct_oper_list.vector[1] 
_pdbx_struct_oper_list.matrix[2][1] 
_pdbx_struct_oper_list.matrix[2][2] 
_pdbx_struct_oper_list.matrix[2][3] 
_pdbx_struct_oper_list.vector[2] 
_pdbx_struct_oper_list.matrix[3][1] 
_pdbx_struct_oper_list.matrix[3][2] 
_pdbx_struct_oper_list.matrix[3][3] 
_pdbx_struct_oper_list.vector[3] 
1 'identity operation'         1_555 x,y,z          1.0000000000  0.0000000000  0.0000000000 0.0000000000  0.0000000000  1.0000000000 0.0000000000  0.0000000000 0.0000000000 0.0000000000  1.0000000000  0.0000000000 
2 'crystal symmetry operation' 7_465 y-1,x+1,-z+3/4 -0.9104795708 -0.3913610192 0.1336544191 24.6016707680 -0.3913610192 0.7109328986 -0.5843038305 5.7276458741 0.1336544191 -0.5843038305 -0.8004533278 0.2934822643 
# 
loop_
_struct_conf.conf_type_id 
_struct_conf.id 
_struct_conf.pdbx_PDB_helix_id 
_struct_conf.beg_label_comp_id 
_struct_conf.beg_label_asym_id 
_struct_conf.beg_label_seq_id 
_struct_conf.pdbx_beg_PDB_ins_code 
_struct_conf.end_label_comp_id 
_struct_conf.end_label_asym_id 
_struct_conf.end_label_seq_id 
_struct_conf.pdbx_end_PDB_ins_code 
_struct_conf.beg_auth_comp_id 
_struct_conf.beg_auth_asym_id 
_struct_conf.beg_auth_seq_id 
_struct_conf.end_auth_comp_id 
_struct_conf.end_auth_asym_id 
_struct_conf.end_auth_seq_id 
_struct_conf.pdbx_PDB_helix_class 
_struct_conf.details 
_struct_conf.pdbx_PDB_helix_length 
HELX_P HELX_P1 AA1 THR A 20  ? GLU A 31  ? THR A 20  GLU A 31  1 ? 12 
HELX_P HELX_P2 AA2 ASP A 45  ? ARG A 58  ? ASP A 45  ARG A 58  1 ? 14 
HELX_P HELX_P3 AA3 ASN A 70  ? GLY A 82  ? ASN A 70  GLY A 82  1 ? 13 
HELX_P HELX_P4 AA4 SER A 84  ? LEU A 88  ? SER A 84  LEU A 88  5 ? 5  
HELX_P HELX_P5 AA5 MET A 133 ? ALA A 139 ? MET A 133 ALA A 139 1 ? 7  
HELX_P HELX_P6 AA6 LEU A 151 ? ARG A 165 ? LEU A 151 ARG A 165 1 ? 15 
# 
_struct_conf_type.id          HELX_P 
_struct_conf_type.criteria    ? 
_struct_conf_type.reference   ? 
# 
_struct_conn.id                            disulf1 
_struct_conn.conn_type_id                  disulf 
_struct_conn.pdbx_leaving_atom_flag        ? 
_struct_conn.pdbx_PDB_id                   ? 
_struct_conn.ptnr1_label_asym_id           A 
_struct_conn.ptnr1_label_comp_id           CYS 
_struct_conn.ptnr1_label_seq_id            167 
_struct_conn.ptnr1_label_atom_id           SG 
_struct_conn.pdbx_ptnr1_label_alt_id       ? 
_struct_conn.pdbx_ptnr1_PDB_ins_code       ? 
_struct_conn.pdbx_ptnr1_standard_comp_id   ? 
_struct_conn.ptnr1_symmetry                1_555 
_struct_conn.ptnr2_label_asym_id           A 
_struct_conn.ptnr2_label_comp_id           CYS 
_struct_conn.ptnr2_label_seq_id            167 
_struct_conn.ptnr2_label_atom_id           SG 
_struct_conn.pdbx_ptnr2_label_alt_id       ? 
_struct_conn.pdbx_ptnr2_PDB_ins_code       ? 
_struct_conn.ptnr1_auth_asym_id            A 
_struct_conn.ptnr1_auth_comp_id            CYS 
_struct_conn.ptnr1_auth_seq_id             167 
_struct_conn.ptnr2_auth_asym_id            A 
_struct_conn.ptnr2_auth_comp_id            CYS 
_struct_conn.ptnr2_auth_seq_id             167 
_struct_conn.ptnr2_symmetry                5_556 
_struct_conn.pdbx_ptnr3_label_atom_id      ? 
_struct_conn.pdbx_ptnr3_label_seq_id       ? 
_struct_conn.pdbx_ptnr3_label_comp_id      ? 
_struct_conn.pdbx_ptnr3_label_asym_id      ? 
_struct_conn.pdbx_ptnr3_label_alt_id       ? 
_struct_conn.pdbx_ptnr3_PDB_ins_code       ? 
_struct_conn.details                       ? 
_struct_conn.pdbx_dist_value               1.986 
_struct_conn.pdbx_value_order              ? 
_struct_conn.pdbx_role                     ? 
# 
_struct_conn_type.id          disulf 
_struct_conn_type.criteria    ? 
_struct_conn_type.reference   ? 
# 
_pdbx_modification_feature.ordinal                            1 
_pdbx_modification_feature.label_comp_id                      CYS 
_pdbx_modification_feature.label_asym_id                      A 
_pdbx_modification_feature.label_seq_id                       167 
_pdbx_modification_feature.label_alt_id                       ? 
_pdbx_modification_feature.modified_residue_label_comp_id     CYS 
_pdbx_modification_feature.modified_residue_label_asym_id     A 
_pdbx_modification_feature.modified_residue_label_seq_id      167 
_pdbx_modification_feature.modified_residue_label_alt_id      ? 
_pdbx_modification_feature.auth_comp_id                       CYS 
_pdbx_modification_feature.auth_asym_id                       A 
_pdbx_modification_feature.auth_seq_id                        167 
_pdbx_modification_feature.PDB_ins_code                       ? 
_pdbx_modification_feature.symmetry                           1_555 
_pdbx_modification_feature.modified_residue_auth_comp_id      CYS 
_pdbx_modification_feature.modified_residue_auth_asym_id      A 
_pdbx_modification_feature.modified_residue_auth_seq_id       167 
_pdbx_modification_feature.modified_residue_PDB_ins_code      ? 
_pdbx_modification_feature.modified_residue_symmetry          5_556 
_pdbx_modification_feature.comp_id_linking_atom               SG 
_pdbx_modification_feature.modified_residue_id_linking_atom   SG 
_pdbx_modification_feature.modified_residue_id                . 
_pdbx_modification_feature.ref_pcm_id                         . 
_pdbx_modification_feature.ref_comp_id                        . 
_pdbx_modification_feature.type                               None 
_pdbx_modification_feature.category                           'Disulfide bridge' 
# 
_struct_mon_prot_cis.pdbx_id                1 
_struct_mon_prot_cis.label_comp_id          HIS 
_struct_mon_prot_cis.label_seq_id           12 
_struct_mon_prot_cis.label_asym_id          A 
_struct_mon_prot_cis.label_alt_id           . 
_struct_mon_prot_cis.pdbx_PDB_ins_code      ? 
_struct_mon_prot_cis.auth_comp_id           HIS 
_struct_mon_prot_cis.auth_seq_id            12 
_struct_mon_prot_cis.auth_asym_id           A 
_struct_mon_prot_cis.pdbx_label_comp_id_2   PRO 
_struct_mon_prot_cis.pdbx_label_seq_id_2    13 
_struct_mon_prot_cis.pdbx_label_asym_id_2   A 
_struct_mon_prot_cis.pdbx_PDB_ins_code_2    ? 
_struct_mon_prot_cis.pdbx_auth_comp_id_2    PRO 
_struct_mon_prot_cis.pdbx_auth_seq_id_2     13 
_struct_mon_prot_cis.pdbx_auth_asym_id_2    A 
_struct_mon_prot_cis.pdbx_PDB_model_num     1 
_struct_mon_prot_cis.pdbx_omega_angle       -1.04 
# 
_struct_sheet.id               AA1 
_struct_sheet.type             ? 
_struct_sheet.number_strands   7 
_struct_sheet.details          ? 
# 
loop_
_struct_sheet_order.sheet_id 
_struct_sheet_order.range_id_1 
_struct_sheet_order.range_id_2 
_struct_sheet_order.offset 
_struct_sheet_order.sense 
AA1 1 2 ? anti-parallel 
AA1 2 3 ? anti-parallel 
AA1 3 4 ? anti-parallel 
AA1 4 5 ? anti-parallel 
AA1 5 6 ? parallel      
AA1 6 7 ? parallel      
# 
loop_
_struct_sheet_range.sheet_id 
_struct_sheet_range.id 
_struct_sheet_range.beg_label_comp_id 
_struct_sheet_range.beg_label_asym_id 
_struct_sheet_range.beg_label_seq_id 
_struct_sheet_range.pdbx_beg_PDB_ins_code 
_struct_sheet_range.end_label_comp_id 
_struct_sheet_range.end_label_asym_id 
_struct_sheet_range.end_label_seq_id 
_struct_sheet_range.pdbx_end_PDB_ins_code 
_struct_sheet_range.beg_auth_comp_id 
_struct_sheet_range.beg_auth_asym_id 
_struct_sheet_range.beg_auth_seq_id 
_struct_sheet_range.end_auth_comp_id 
_struct_sheet_range.end_auth_asym_id 
_struct_sheet_range.end_auth_seq_id 
AA1 1 THR A 5   ? HIS A 12  ? THR A 5   HIS A 12  
AA1 2 SER A 142 ? GLY A 149 ? SER A 142 GLY A 149 
AA1 3 LYS A 124 ? GLY A 128 ? LYS A 124 GLY A 128 
AA1 4 PHE A 117 ? VAL A 120 ? PHE A 117 VAL A 120 
AA1 5 VAL A 35  ? MET A 40  ? VAL A 35  MET A 40  
AA1 6 SER A 61  ? ASP A 67  ? SER A 61  ASP A 67  
AA1 7 ILE A 91  ? VAL A 96  ? ILE A 91  VAL A 96  
# 
loop_
_pdbx_struct_sheet_hbond.sheet_id 
_pdbx_struct_sheet_hbond.range_id_1 
_pdbx_struct_sheet_hbond.range_id_2 
_pdbx_struct_sheet_hbond.range_1_label_atom_id 
_pdbx_struct_sheet_hbond.range_1_label_comp_id 
_pdbx_struct_sheet_hbond.range_1_label_asym_id 
_pdbx_struct_sheet_hbond.range_1_label_seq_id 
_pdbx_struct_sheet_hbond.range_1_PDB_ins_code 
_pdbx_struct_sheet_hbond.range_1_auth_atom_id 
_pdbx_struct_sheet_hbond.range_1_auth_comp_id 
_pdbx_struct_sheet_hbond.range_1_auth_asym_id 
_pdbx_struct_sheet_hbond.range_1_auth_seq_id 
_pdbx_struct_sheet_hbond.range_2_label_atom_id 
_pdbx_struct_sheet_hbond.range_2_label_comp_id 
_pdbx_struct_sheet_hbond.range_2_label_asym_id 
_pdbx_struct_sheet_hbond.range_2_label_seq_id 
_pdbx_struct_sheet_hbond.range_2_PDB_ins_code 
_pdbx_struct_sheet_hbond.range_2_auth_atom_id 
_pdbx_struct_sheet_hbond.range_2_auth_comp_id 
_pdbx_struct_sheet_hbond.range_2_auth_asym_id 
_pdbx_struct_sheet_hbond.range_2_auth_seq_id 
AA1 1 2 N ASP A 8   ? N ASP A 8   O ILE A 146 ? O ILE A 146 
AA1 2 3 O ILE A 147 ? O ILE A 147 N VAL A 125 ? N VAL A 125 
AA1 3 4 O LYS A 124 ? O LYS A 124 N VAL A 120 ? N VAL A 120 
AA1 4 5 O LEU A 119 ? O LEU A 119 N ALA A 37  ? N ALA A 37  
AA1 5 6 N ILE A 36  ? N ILE A 36  O TYR A 63  ? O TYR A 63  
AA1 6 7 N VAL A 62  ? N VAL A 62  O ARG A 92  ? O ARG A 92  
# 
loop_
_struct_site.id 
_struct_site.pdbx_evidence_code 
_struct_site.pdbx_auth_asym_id 
_struct_site.pdbx_auth_comp_id 
_struct_site.pdbx_auth_seq_id 
_struct_site.pdbx_auth_ins_code 
_struct_site.pdbx_num_residues 
_struct_site.details 
AC1 Software A EDO 201 ? 4  'binding site for residue EDO A 201' 
AC2 Software A EDO 202 ? 6  'binding site for residue EDO A 202' 
AC3 Software A GQJ 203 ? 10 'binding site for residue GQJ A 203' 
# 
loop_
_struct_site_gen.id 
_struct_site_gen.site_id 
_struct_site_gen.pdbx_num_res 
_struct_site_gen.label_comp_id 
_struct_site_gen.label_asym_id 
_struct_site_gen.label_seq_id 
_struct_site_gen.pdbx_auth_ins_code 
_struct_site_gen.auth_comp_id 
_struct_site_gen.auth_asym_id 
_struct_site_gen.auth_seq_id 
_struct_site_gen.label_atom_id 
_struct_site_gen.label_alt_id 
_struct_site_gen.symmetry 
_struct_site_gen.details 
1  AC1 4  ILE A 7   ? ILE A 7   . ? 1_555 ? 
2  AC1 4  ASP A 8   ? ASP A 8   . ? 1_555 ? 
3  AC1 4  LEU A 9   ? LEU A 9   . ? 1_555 ? 
4  AC1 4  SER A 154 ? SER A 154 . ? 7_465 ? 
5  AC2 6  THR A 24  ? THR A 24  . ? 1_555 ? 
6  AC2 6  LYS A 27  ? LYS A 27  . ? 1_555 ? 
7  AC2 6  MET A 28  ? MET A 28  . ? 1_555 ? 
8  AC2 6  LYS A 124 ? LYS A 124 . ? 1_555 ? 
9  AC2 6  HOH E .   ? HOH A 301 . ? 1_555 ? 
10 AC2 6  HOH E .   ? HOH A 338 . ? 1_555 ? 
11 AC3 10 HIS A 12  ? HIS A 12  . ? 7_465 ? 
12 AC3 10 PRO A 13  ? PRO A 13  . ? 7_465 ? 
13 AC3 10 GLU A 137 ? GLU A 137 . ? 7_465 ? 
14 AC3 10 ALA A 139 ? ALA A 139 . ? 7_465 ? 
15 AC3 10 HIS A 140 ? HIS A 140 . ? 7_465 ? 
16 AC3 10 LEU A 141 ? LEU A 141 . ? 7_465 ? 
17 AC3 10 GLU A 157 ? GLU A 157 . ? 5_556 ? 
18 AC3 10 ARG A 160 ? ARG A 160 . ? 5_556 ? 
19 AC3 10 THR A 161 ? THR A 161 . ? 5_556 ? 
20 AC3 10 HOH E .   ? HOH A 302 . ? 1_555 ? 
# 
_pdbx_entry_details.entry_id                   5QHN 
_pdbx_entry_details.compound_details           ? 
_pdbx_entry_details.source_details             ? 
_pdbx_entry_details.nonpolymer_details         ? 
_pdbx_entry_details.sequence_details           ? 
_pdbx_entry_details.has_ligand_of_interest     ? 
_pdbx_entry_details.has_protein_modification   Y 
# 
loop_
_pdbx_validate_close_contact.id 
_pdbx_validate_close_contact.PDB_model_num 
_pdbx_validate_close_contact.auth_atom_id_1 
_pdbx_validate_close_contact.auth_asym_id_1 
_pdbx_validate_close_contact.auth_comp_id_1 
_pdbx_validate_close_contact.auth_seq_id_1 
_pdbx_validate_close_contact.PDB_ins_code_1 
_pdbx_validate_close_contact.label_alt_id_1 
_pdbx_validate_close_contact.auth_atom_id_2 
_pdbx_validate_close_contact.auth_asym_id_2 
_pdbx_validate_close_contact.auth_comp_id_2 
_pdbx_validate_close_contact.auth_seq_id_2 
_pdbx_validate_close_contact.PDB_ins_code_2 
_pdbx_validate_close_contact.label_alt_id_2 
_pdbx_validate_close_contact.dist 
1 1 O  A HOH 366 ? ? O A HOH 383 ? ? 1.60 
2 1 O  A HOH 342 ? ? O A HOH 384 ? ? 2.14 
3 1 O2 A EDO 202 ? ? O A HOH 301 ? ? 2.15 
# 
loop_
_pdbx_validate_symm_contact.id 
_pdbx_validate_symm_contact.PDB_model_num 
_pdbx_validate_symm_contact.auth_atom_id_1 
_pdbx_validate_symm_contact.auth_asym_id_1 
_pdbx_validate_symm_contact.auth_comp_id_1 
_pdbx_validate_symm_contact.auth_seq_id_1 
_pdbx_validate_symm_contact.PDB_ins_code_1 
_pdbx_validate_symm_contact.label_alt_id_1 
_pdbx_validate_symm_contact.site_symmetry_1 
_pdbx_validate_symm_contact.auth_atom_id_2 
_pdbx_validate_symm_contact.auth_asym_id_2 
_pdbx_validate_symm_contact.auth_comp_id_2 
_pdbx_validate_symm_contact.auth_seq_id_2 
_pdbx_validate_symm_contact.PDB_ins_code_2 
_pdbx_validate_symm_contact.label_alt_id_2 
_pdbx_validate_symm_contact.site_symmetry_2 
_pdbx_validate_symm_contact.dist 
1 1 O A HOH 376 ? ? 1_555 O A HOH 376 ? ? 7_465 1.64 
2 1 O A HOH 386 ? ? 1_555 O A HOH 386 ? ? 7_465 2.03 
# 
loop_
_pdbx_validate_rmsd_angle.id 
_pdbx_validate_rmsd_angle.PDB_model_num 
_pdbx_validate_rmsd_angle.auth_atom_id_1 
_pdbx_validate_rmsd_angle.auth_asym_id_1 
_pdbx_validate_rmsd_angle.auth_comp_id_1 
_pdbx_validate_rmsd_angle.auth_seq_id_1 
_pdbx_validate_rmsd_angle.PDB_ins_code_1 
_pdbx_validate_rmsd_angle.label_alt_id_1 
_pdbx_validate_rmsd_angle.auth_atom_id_2 
_pdbx_validate_rmsd_angle.auth_asym_id_2 
_pdbx_validate_rmsd_angle.auth_comp_id_2 
_pdbx_validate_rmsd_angle.auth_seq_id_2 
_pdbx_validate_rmsd_angle.PDB_ins_code_2 
_pdbx_validate_rmsd_angle.label_alt_id_2 
_pdbx_validate_rmsd_angle.auth_atom_id_3 
_pdbx_validate_rmsd_angle.auth_asym_id_3 
_pdbx_validate_rmsd_angle.auth_comp_id_3 
_pdbx_validate_rmsd_angle.auth_seq_id_3 
_pdbx_validate_rmsd_angle.PDB_ins_code_3 
_pdbx_validate_rmsd_angle.label_alt_id_3 
_pdbx_validate_rmsd_angle.angle_value 
_pdbx_validate_rmsd_angle.angle_target_value 
_pdbx_validate_rmsd_angle.angle_deviation 
_pdbx_validate_rmsd_angle.angle_standard_deviation 
_pdbx_validate_rmsd_angle.linker_flag 
1 1 CB A ARG 15  ? ? CA A ARG 15  ? ? C   A ARG 15  ? ? 98.34  110.40 -12.06 2.00 N 
2 1 NE A ARG 33  ? ? CZ A ARG 33  ? ? NH2 A ARG 33  ? ? 123.39 120.30 3.09   0.50 N 
3 1 CB A PHE 43  ? ? CG A PHE 43  ? ? CD1 A PHE 43  ? ? 125.38 120.80 4.58   0.70 N 
4 1 NE A ARG 165 ? ? CZ A ARG 165 ? ? NH1 A ARG 165 ? ? 127.76 120.30 7.46   0.50 N 
5 1 NE A ARG 165 ? ? CZ A ARG 165 ? ? NH2 A ARG 165 ? ? 113.80 120.30 -6.50  0.50 N 
# 
loop_
_pdbx_validate_torsion.id 
_pdbx_validate_torsion.PDB_model_num 
_pdbx_validate_torsion.auth_comp_id 
_pdbx_validate_torsion.auth_asym_id 
_pdbx_validate_torsion.auth_seq_id 
_pdbx_validate_torsion.PDB_ins_code 
_pdbx_validate_torsion.label_alt_id 
_pdbx_validate_torsion.phi 
_pdbx_validate_torsion.psi 
1 1 LYS A 34  ? ? -133.83 -57.27 
2 1 GLU A 114 ? ? -106.40 57.10  
3 1 CYS A 122 ? ? 40.00   37.76  
# 
_phasing.method   MR 
# 
loop_
_pdbx_unobs_or_zero_occ_residues.id 
_pdbx_unobs_or_zero_occ_residues.PDB_model_num 
_pdbx_unobs_or_zero_occ_residues.polymer_flag 
_pdbx_unobs_or_zero_occ_residues.occupancy_flag 
_pdbx_unobs_or_zero_occ_residues.auth_asym_id 
_pdbx_unobs_or_zero_occ_residues.auth_comp_id 
_pdbx_unobs_or_zero_occ_residues.auth_seq_id 
_pdbx_unobs_or_zero_occ_residues.PDB_ins_code 
_pdbx_unobs_or_zero_occ_residues.label_asym_id 
_pdbx_unobs_or_zero_occ_residues.label_comp_id 
_pdbx_unobs_or_zero_occ_residues.label_seq_id 
1  1 Y 1 A SER 1   ? A SER 1   
2  1 Y 1 A MET 2   ? A MET 2   
3  1 Y 1 A LEU 102 ? A LEU 102 
4  1 Y 1 A SER 103 ? A SER 103 
5  1 Y 1 A LYS 104 ? A LYS 104 
6  1 Y 1 A THR 105 ? A THR 105 
7  1 Y 1 A GLY 106 ? A GLY 106 
8  1 Y 1 A ALA 107 ? A ALA 107 
9  1 Y 1 A LYS 108 ? A LYS 108 
10 1 Y 1 A GLN 174 ? A GLN 174 
11 1 Y 1 A GLU 175 ? A GLU 175 
12 1 Y 1 A GLU 176 ? A GLU 176 
13 1 Y 1 A SER 177 ? A SER 177 
14 1 Y 1 A ALA 178 ? A ALA 178 
15 1 Y 1 A ARG 179 ? A ARG 179 
16 1 Y 1 A VAL 180 ? A VAL 180 
# 
loop_
_chem_comp_atom.comp_id 
_chem_comp_atom.atom_id 
_chem_comp_atom.type_symbol 
_chem_comp_atom.pdbx_aromatic_flag 
_chem_comp_atom.pdbx_stereo_config 
_chem_comp_atom.pdbx_ordinal 
ALA N    N N N 1   
ALA CA   C N S 2   
ALA C    C N N 3   
ALA O    O N N 4   
ALA CB   C N N 5   
ALA OXT  O N N 6   
ALA H    H N N 7   
ALA H2   H N N 8   
ALA HA   H N N 9   
ALA HB1  H N N 10  
ALA HB2  H N N 11  
ALA HB3  H N N 12  
ALA HXT  H N N 13  
ARG N    N N N 14  
ARG CA   C N S 15  
ARG C    C N N 16  
ARG O    O N N 17  
ARG CB   C N N 18  
ARG CG   C N N 19  
ARG CD   C N N 20  
ARG NE   N N N 21  
ARG CZ   C N N 22  
ARG NH1  N N N 23  
ARG NH2  N N N 24  
ARG OXT  O N N 25  
ARG H    H N N 26  
ARG H2   H N N 27  
ARG HA   H N N 28  
ARG HB2  H N N 29  
ARG HB3  H N N 30  
ARG HG2  H N N 31  
ARG HG3  H N N 32  
ARG HD2  H N N 33  
ARG HD3  H N N 34  
ARG HE   H N N 35  
ARG HH11 H N N 36  
ARG HH12 H N N 37  
ARG HH21 H N N 38  
ARG HH22 H N N 39  
ARG HXT  H N N 40  
ASN N    N N N 41  
ASN CA   C N S 42  
ASN C    C N N 43  
ASN O    O N N 44  
ASN CB   C N N 45  
ASN CG   C N N 46  
ASN OD1  O N N 47  
ASN ND2  N N N 48  
ASN OXT  O N N 49  
ASN H    H N N 50  
ASN H2   H N N 51  
ASN HA   H N N 52  
ASN HB2  H N N 53  
ASN HB3  H N N 54  
ASN HD21 H N N 55  
ASN HD22 H N N 56  
ASN HXT  H N N 57  
ASP N    N N N 58  
ASP CA   C N S 59  
ASP C    C N N 60  
ASP O    O N N 61  
ASP CB   C N N 62  
ASP CG   C N N 63  
ASP OD1  O N N 64  
ASP OD2  O N N 65  
ASP OXT  O N N 66  
ASP H    H N N 67  
ASP H2   H N N 68  
ASP HA   H N N 69  
ASP HB2  H N N 70  
ASP HB3  H N N 71  
ASP HD2  H N N 72  
ASP HXT  H N N 73  
CYS N    N N N 74  
CYS CA   C N R 75  
CYS C    C N N 76  
CYS O    O N N 77  
CYS CB   C N N 78  
CYS SG   S N N 79  
CYS OXT  O N N 80  
CYS H    H N N 81  
CYS H2   H N N 82  
CYS HA   H N N 83  
CYS HB2  H N N 84  
CYS HB3  H N N 85  
CYS HG   H N N 86  
CYS HXT  H N N 87  
EDO C1   C N N 88  
EDO O1   O N N 89  
EDO C2   C N N 90  
EDO O2   O N N 91  
EDO H11  H N N 92  
EDO H12  H N N 93  
EDO HO1  H N N 94  
EDO H21  H N N 95  
EDO H22  H N N 96  
EDO HO2  H N N 97  
GLN N    N N N 98  
GLN CA   C N S 99  
GLN C    C N N 100 
GLN O    O N N 101 
GLN CB   C N N 102 
GLN CG   C N N 103 
GLN CD   C N N 104 
GLN OE1  O N N 105 
GLN NE2  N N N 106 
GLN OXT  O N N 107 
GLN H    H N N 108 
GLN H2   H N N 109 
GLN HA   H N N 110 
GLN HB2  H N N 111 
GLN HB3  H N N 112 
GLN HG2  H N N 113 
GLN HG3  H N N 114 
GLN HE21 H N N 115 
GLN HE22 H N N 116 
GLN HXT  H N N 117 
GLU N    N N N 118 
GLU CA   C N S 119 
GLU C    C N N 120 
GLU O    O N N 121 
GLU CB   C N N 122 
GLU CG   C N N 123 
GLU CD   C N N 124 
GLU OE1  O N N 125 
GLU OE2  O N N 126 
GLU OXT  O N N 127 
GLU H    H N N 128 
GLU H2   H N N 129 
GLU HA   H N N 130 
GLU HB2  H N N 131 
GLU HB3  H N N 132 
GLU HG2  H N N 133 
GLU HG3  H N N 134 
GLU HE2  H N N 135 
GLU HXT  H N N 136 
GLY N    N N N 137 
GLY CA   C N N 138 
GLY C    C N N 139 
GLY O    O N N 140 
GLY OXT  O N N 141 
GLY H    H N N 142 
GLY H2   H N N 143 
GLY HA2  H N N 144 
GLY HA3  H N N 145 
GLY HXT  H N N 146 
GQJ C10  C N N 147 
GQJ C13  C Y N 148 
GQJ C01  C N N 149 
GQJ C03  C N N 150 
GQJ C04  C N S 151 
GQJ C05  C N N 152 
GQJ C06  C N R 153 
GQJ C08  C N N 154 
GQJ C11  C Y N 155 
GQJ C12  C Y N 156 
GQJ C14  C Y N 157 
GQJ N09  N N N 158 
GQJ O02  O N N 159 
GQJ O07  O N N 160 
GQJ O15  O Y N 161 
GQJ O16  O N N 162 
GQJ O17  O N N 163 
GQJ H1   H N N 164 
GQJ H2   H N N 165 
GQJ H3   H N N 166 
GQJ H4   H N N 167 
GQJ H5   H N N 168 
GQJ H6   H N N 169 
GQJ H7   H N N 170 
GQJ H8   H N N 171 
GQJ H9   H N N 172 
GQJ H10  H N N 173 
GQJ H11  H N N 174 
GQJ H12  H N N 175 
GQJ H13  H N N 176 
HIS N    N N N 177 
HIS CA   C N S 178 
HIS C    C N N 179 
HIS O    O N N 180 
HIS CB   C N N 181 
HIS CG   C Y N 182 
HIS ND1  N Y N 183 
HIS CD2  C Y N 184 
HIS CE1  C Y N 185 
HIS NE2  N Y N 186 
HIS OXT  O N N 187 
HIS H    H N N 188 
HIS H2   H N N 189 
HIS HA   H N N 190 
HIS HB2  H N N 191 
HIS HB3  H N N 192 
HIS HD1  H N N 193 
HIS HD2  H N N 194 
HIS HE1  H N N 195 
HIS HE2  H N N 196 
HIS HXT  H N N 197 
HOH O    O N N 198 
HOH H1   H N N 199 
HOH H2   H N N 200 
ILE N    N N N 201 
ILE CA   C N S 202 
ILE C    C N N 203 
ILE O    O N N 204 
ILE CB   C N S 205 
ILE CG1  C N N 206 
ILE CG2  C N N 207 
ILE CD1  C N N 208 
ILE OXT  O N N 209 
ILE H    H N N 210 
ILE H2   H N N 211 
ILE HA   H N N 212 
ILE HB   H N N 213 
ILE HG12 H N N 214 
ILE HG13 H N N 215 
ILE HG21 H N N 216 
ILE HG22 H N N 217 
ILE HG23 H N N 218 
ILE HD11 H N N 219 
ILE HD12 H N N 220 
ILE HD13 H N N 221 
ILE HXT  H N N 222 
LEU N    N N N 223 
LEU CA   C N S 224 
LEU C    C N N 225 
LEU O    O N N 226 
LEU CB   C N N 227 
LEU CG   C N N 228 
LEU CD1  C N N 229 
LEU CD2  C N N 230 
LEU OXT  O N N 231 
LEU H    H N N 232 
LEU H2   H N N 233 
LEU HA   H N N 234 
LEU HB2  H N N 235 
LEU HB3  H N N 236 
LEU HG   H N N 237 
LEU HD11 H N N 238 
LEU HD12 H N N 239 
LEU HD13 H N N 240 
LEU HD21 H N N 241 
LEU HD22 H N N 242 
LEU HD23 H N N 243 
LEU HXT  H N N 244 
LYS N    N N N 245 
LYS CA   C N S 246 
LYS C    C N N 247 
LYS O    O N N 248 
LYS CB   C N N 249 
LYS CG   C N N 250 
LYS CD   C N N 251 
LYS CE   C N N 252 
LYS NZ   N N N 253 
LYS OXT  O N N 254 
LYS H    H N N 255 
LYS H2   H N N 256 
LYS HA   H N N 257 
LYS HB2  H N N 258 
LYS HB3  H N N 259 
LYS HG2  H N N 260 
LYS HG3  H N N 261 
LYS HD2  H N N 262 
LYS HD3  H N N 263 
LYS HE2  H N N 264 
LYS HE3  H N N 265 
LYS HZ1  H N N 266 
LYS HZ2  H N N 267 
LYS HZ3  H N N 268 
LYS HXT  H N N 269 
MET N    N N N 270 
MET CA   C N S 271 
MET C    C N N 272 
MET O    O N N 273 
MET CB   C N N 274 
MET CG   C N N 275 
MET SD   S N N 276 
MET CE   C N N 277 
MET OXT  O N N 278 
MET H    H N N 279 
MET H2   H N N 280 
MET HA   H N N 281 
MET HB2  H N N 282 
MET HB3  H N N 283 
MET HG2  H N N 284 
MET HG3  H N N 285 
MET HE1  H N N 286 
MET HE2  H N N 287 
MET HE3  H N N 288 
MET HXT  H N N 289 
PHE N    N N N 290 
PHE CA   C N S 291 
PHE C    C N N 292 
PHE O    O N N 293 
PHE CB   C N N 294 
PHE CG   C Y N 295 
PHE CD1  C Y N 296 
PHE CD2  C Y N 297 
PHE CE1  C Y N 298 
PHE CE2  C Y N 299 
PHE CZ   C Y N 300 
PHE OXT  O N N 301 
PHE H    H N N 302 
PHE H2   H N N 303 
PHE HA   H N N 304 
PHE HB2  H N N 305 
PHE HB3  H N N 306 
PHE HD1  H N N 307 
PHE HD2  H N N 308 
PHE HE1  H N N 309 
PHE HE2  H N N 310 
PHE HZ   H N N 311 
PHE HXT  H N N 312 
PRO N    N N N 313 
PRO CA   C N S 314 
PRO C    C N N 315 
PRO O    O N N 316 
PRO CB   C N N 317 
PRO CG   C N N 318 
PRO CD   C N N 319 
PRO OXT  O N N 320 
PRO H    H N N 321 
PRO HA   H N N 322 
PRO HB2  H N N 323 
PRO HB3  H N N 324 
PRO HG2  H N N 325 
PRO HG3  H N N 326 
PRO HD2  H N N 327 
PRO HD3  H N N 328 
PRO HXT  H N N 329 
SER N    N N N 330 
SER CA   C N S 331 
SER C    C N N 332 
SER O    O N N 333 
SER CB   C N N 334 
SER OG   O N N 335 
SER OXT  O N N 336 
SER H    H N N 337 
SER H2   H N N 338 
SER HA   H N N 339 
SER HB2  H N N 340 
SER HB3  H N N 341 
SER HG   H N N 342 
SER HXT  H N N 343 
THR N    N N N 344 
THR CA   C N S 345 
THR C    C N N 346 
THR O    O N N 347 
THR CB   C N R 348 
THR OG1  O N N 349 
THR CG2  C N N 350 
THR OXT  O N N 351 
THR H    H N N 352 
THR H2   H N N 353 
THR HA   H N N 354 
THR HB   H N N 355 
THR HG1  H N N 356 
THR HG21 H N N 357 
THR HG22 H N N 358 
THR HG23 H N N 359 
THR HXT  H N N 360 
TRP N    N N N 361 
TRP CA   C N S 362 
TRP C    C N N 363 
TRP O    O N N 364 
TRP CB   C N N 365 
TRP CG   C Y N 366 
TRP CD1  C Y N 367 
TRP CD2  C Y N 368 
TRP NE1  N Y N 369 
TRP CE2  C Y N 370 
TRP CE3  C Y N 371 
TRP CZ2  C Y N 372 
TRP CZ3  C Y N 373 
TRP CH2  C Y N 374 
TRP OXT  O N N 375 
TRP H    H N N 376 
TRP H2   H N N 377 
TRP HA   H N N 378 
TRP HB2  H N N 379 
TRP HB3  H N N 380 
TRP HD1  H N N 381 
TRP HE1  H N N 382 
TRP HE3  H N N 383 
TRP HZ2  H N N 384 
TRP HZ3  H N N 385 
TRP HH2  H N N 386 
TRP HXT  H N N 387 
TYR N    N N N 388 
TYR CA   C N S 389 
TYR C    C N N 390 
TYR O    O N N 391 
TYR CB   C N N 392 
TYR CG   C Y N 393 
TYR CD1  C Y N 394 
TYR CD2  C Y N 395 
TYR CE1  C Y N 396 
TYR CE2  C Y N 397 
TYR CZ   C Y N 398 
TYR OH   O N N 399 
TYR OXT  O N N 400 
TYR H    H N N 401 
TYR H2   H N N 402 
TYR HA   H N N 403 
TYR HB2  H N N 404 
TYR HB3  H N N 405 
TYR HD1  H N N 406 
TYR HD2  H N N 407 
TYR HE1  H N N 408 
TYR HE2  H N N 409 
TYR HH   H N N 410 
TYR HXT  H N N 411 
VAL N    N N N 412 
VAL CA   C N S 413 
VAL C    C N N 414 
VAL O    O N N 415 
VAL CB   C N N 416 
VAL CG1  C N N 417 
VAL CG2  C N N 418 
VAL OXT  O N N 419 
VAL H    H N N 420 
VAL H2   H N N 421 
VAL HA   H N N 422 
VAL HB   H N N 423 
VAL HG11 H N N 424 
VAL HG12 H N N 425 
VAL HG13 H N N 426 
VAL HG21 H N N 427 
VAL HG22 H N N 428 
VAL HG23 H N N 429 
VAL HXT  H N N 430 
# 
loop_
_chem_comp_bond.comp_id 
_chem_comp_bond.atom_id_1 
_chem_comp_bond.atom_id_2 
_chem_comp_bond.value_order 
_chem_comp_bond.pdbx_aromatic_flag 
_chem_comp_bond.pdbx_stereo_config 
_chem_comp_bond.pdbx_ordinal 
ALA N   CA   sing N N 1   
ALA N   H    sing N N 2   
ALA N   H2   sing N N 3   
ALA CA  C    sing N N 4   
ALA CA  CB   sing N N 5   
ALA CA  HA   sing N N 6   
ALA C   O    doub N N 7   
ALA C   OXT  sing N N 8   
ALA CB  HB1  sing N N 9   
ALA CB  HB2  sing N N 10  
ALA CB  HB3  sing N N 11  
ALA OXT HXT  sing N N 12  
ARG N   CA   sing N N 13  
ARG N   H    sing N N 14  
ARG N   H2   sing N N 15  
ARG CA  C    sing N N 16  
ARG CA  CB   sing N N 17  
ARG CA  HA   sing N N 18  
ARG C   O    doub N N 19  
ARG C   OXT  sing N N 20  
ARG CB  CG   sing N N 21  
ARG CB  HB2  sing N N 22  
ARG CB  HB3  sing N N 23  
ARG CG  CD   sing N N 24  
ARG CG  HG2  sing N N 25  
ARG CG  HG3  sing N N 26  
ARG CD  NE   sing N N 27  
ARG CD  HD2  sing N N 28  
ARG CD  HD3  sing N N 29  
ARG NE  CZ   sing N N 30  
ARG NE  HE   sing N N 31  
ARG CZ  NH1  sing N N 32  
ARG CZ  NH2  doub N N 33  
ARG NH1 HH11 sing N N 34  
ARG NH1 HH12 sing N N 35  
ARG NH2 HH21 sing N N 36  
ARG NH2 HH22 sing N N 37  
ARG OXT HXT  sing N N 38  
ASN N   CA   sing N N 39  
ASN N   H    sing N N 40  
ASN N   H2   sing N N 41  
ASN CA  C    sing N N 42  
ASN CA  CB   sing N N 43  
ASN CA  HA   sing N N 44  
ASN C   O    doub N N 45  
ASN C   OXT  sing N N 46  
ASN CB  CG   sing N N 47  
ASN CB  HB2  sing N N 48  
ASN CB  HB3  sing N N 49  
ASN CG  OD1  doub N N 50  
ASN CG  ND2  sing N N 51  
ASN ND2 HD21 sing N N 52  
ASN ND2 HD22 sing N N 53  
ASN OXT HXT  sing N N 54  
ASP N   CA   sing N N 55  
ASP N   H    sing N N 56  
ASP N   H2   sing N N 57  
ASP CA  C    sing N N 58  
ASP CA  CB   sing N N 59  
ASP CA  HA   sing N N 60  
ASP C   O    doub N N 61  
ASP C   OXT  sing N N 62  
ASP CB  CG   sing N N 63  
ASP CB  HB2  sing N N 64  
ASP CB  HB3  sing N N 65  
ASP CG  OD1  doub N N 66  
ASP CG  OD2  sing N N 67  
ASP OD2 HD2  sing N N 68  
ASP OXT HXT  sing N N 69  
CYS N   CA   sing N N 70  
CYS N   H    sing N N 71  
CYS N   H2   sing N N 72  
CYS CA  C    sing N N 73  
CYS CA  CB   sing N N 74  
CYS CA  HA   sing N N 75  
CYS C   O    doub N N 76  
CYS C   OXT  sing N N 77  
CYS CB  SG   sing N N 78  
CYS CB  HB2  sing N N 79  
CYS CB  HB3  sing N N 80  
CYS SG  HG   sing N N 81  
CYS OXT HXT  sing N N 82  
EDO C1  O1   sing N N 83  
EDO C1  C2   sing N N 84  
EDO C1  H11  sing N N 85  
EDO C1  H12  sing N N 86  
EDO O1  HO1  sing N N 87  
EDO C2  O2   sing N N 88  
EDO C2  H21  sing N N 89  
EDO C2  H22  sing N N 90  
EDO O2  HO2  sing N N 91  
GLN N   CA   sing N N 92  
GLN N   H    sing N N 93  
GLN N   H2   sing N N 94  
GLN CA  C    sing N N 95  
GLN CA  CB   sing N N 96  
GLN CA  HA   sing N N 97  
GLN C   O    doub N N 98  
GLN C   OXT  sing N N 99  
GLN CB  CG   sing N N 100 
GLN CB  HB2  sing N N 101 
GLN CB  HB3  sing N N 102 
GLN CG  CD   sing N N 103 
GLN CG  HG2  sing N N 104 
GLN CG  HG3  sing N N 105 
GLN CD  OE1  doub N N 106 
GLN CD  NE2  sing N N 107 
GLN NE2 HE21 sing N N 108 
GLN NE2 HE22 sing N N 109 
GLN OXT HXT  sing N N 110 
GLU N   CA   sing N N 111 
GLU N   H    sing N N 112 
GLU N   H2   sing N N 113 
GLU CA  C    sing N N 114 
GLU CA  CB   sing N N 115 
GLU CA  HA   sing N N 116 
GLU C   O    doub N N 117 
GLU C   OXT  sing N N 118 
GLU CB  CG   sing N N 119 
GLU CB  HB2  sing N N 120 
GLU CB  HB3  sing N N 121 
GLU CG  CD   sing N N 122 
GLU CG  HG2  sing N N 123 
GLU CG  HG3  sing N N 124 
GLU CD  OE1  doub N N 125 
GLU CD  OE2  sing N N 126 
GLU OE2 HE2  sing N N 127 
GLU OXT HXT  sing N N 128 
GLY N   CA   sing N N 129 
GLY N   H    sing N N 130 
GLY N   H2   sing N N 131 
GLY CA  C    sing N N 132 
GLY CA  HA2  sing N N 133 
GLY CA  HA3  sing N N 134 
GLY C   O    doub N N 135 
GLY C   OXT  sing N N 136 
GLY OXT HXT  sing N N 137 
GQJ C13 C12  sing Y N 138 
GQJ C13 C14  doub Y N 139 
GQJ C12 C11  doub Y N 140 
GQJ C14 O15  sing Y N 141 
GQJ O16 C10  doub N N 142 
GQJ C11 C10  sing N N 143 
GQJ C11 O15  sing Y N 144 
GQJ C10 N09  sing N N 145 
GQJ C01 O02  sing N N 146 
GQJ O02 C03  sing N N 147 
GQJ O17 C03  doub N N 148 
GQJ C03 C04  sing N N 149 
GQJ N09 C04  sing N N 150 
GQJ N09 C08  sing N N 151 
GQJ C04 C05  sing N N 152 
GQJ C08 C06  sing N N 153 
GQJ C05 C06  sing N N 154 
GQJ O07 C06  sing N N 155 
GQJ C13 H1   sing N N 156 
GQJ C01 H2   sing N N 157 
GQJ C01 H3   sing N N 158 
GQJ C01 H4   sing N N 159 
GQJ C04 H5   sing N N 160 
GQJ C05 H6   sing N N 161 
GQJ C05 H7   sing N N 162 
GQJ C06 H8   sing N N 163 
GQJ C08 H9   sing N N 164 
GQJ C08 H10  sing N N 165 
GQJ C12 H11  sing N N 166 
GQJ C14 H12  sing N N 167 
GQJ O07 H13  sing N N 168 
HIS N   CA   sing N N 169 
HIS N   H    sing N N 170 
HIS N   H2   sing N N 171 
HIS CA  C    sing N N 172 
HIS CA  CB   sing N N 173 
HIS CA  HA   sing N N 174 
HIS C   O    doub N N 175 
HIS C   OXT  sing N N 176 
HIS CB  CG   sing N N 177 
HIS CB  HB2  sing N N 178 
HIS CB  HB3  sing N N 179 
HIS CG  ND1  sing Y N 180 
HIS CG  CD2  doub Y N 181 
HIS ND1 CE1  doub Y N 182 
HIS ND1 HD1  sing N N 183 
HIS CD2 NE2  sing Y N 184 
HIS CD2 HD2  sing N N 185 
HIS CE1 NE2  sing Y N 186 
HIS CE1 HE1  sing N N 187 
HIS NE2 HE2  sing N N 188 
HIS OXT HXT  sing N N 189 
HOH O   H1   sing N N 190 
HOH O   H2   sing N N 191 
ILE N   CA   sing N N 192 
ILE N   H    sing N N 193 
ILE N   H2   sing N N 194 
ILE CA  C    sing N N 195 
ILE CA  CB   sing N N 196 
ILE CA  HA   sing N N 197 
ILE C   O    doub N N 198 
ILE C   OXT  sing N N 199 
ILE CB  CG1  sing N N 200 
ILE CB  CG2  sing N N 201 
ILE CB  HB   sing N N 202 
ILE CG1 CD1  sing N N 203 
ILE CG1 HG12 sing N N 204 
ILE CG1 HG13 sing N N 205 
ILE CG2 HG21 sing N N 206 
ILE CG2 HG22 sing N N 207 
ILE CG2 HG23 sing N N 208 
ILE CD1 HD11 sing N N 209 
ILE CD1 HD12 sing N N 210 
ILE CD1 HD13 sing N N 211 
ILE OXT HXT  sing N N 212 
LEU N   CA   sing N N 213 
LEU N   H    sing N N 214 
LEU N   H2   sing N N 215 
LEU CA  C    sing N N 216 
LEU CA  CB   sing N N 217 
LEU CA  HA   sing N N 218 
LEU C   O    doub N N 219 
LEU C   OXT  sing N N 220 
LEU CB  CG   sing N N 221 
LEU CB  HB2  sing N N 222 
LEU CB  HB3  sing N N 223 
LEU CG  CD1  sing N N 224 
LEU CG  CD2  sing N N 225 
LEU CG  HG   sing N N 226 
LEU CD1 HD11 sing N N 227 
LEU CD1 HD12 sing N N 228 
LEU CD1 HD13 sing N N 229 
LEU CD2 HD21 sing N N 230 
LEU CD2 HD22 sing N N 231 
LEU CD2 HD23 sing N N 232 
LEU OXT HXT  sing N N 233 
LYS N   CA   sing N N 234 
LYS N   H    sing N N 235 
LYS N   H2   sing N N 236 
LYS CA  C    sing N N 237 
LYS CA  CB   sing N N 238 
LYS CA  HA   sing N N 239 
LYS C   O    doub N N 240 
LYS C   OXT  sing N N 241 
LYS CB  CG   sing N N 242 
LYS CB  HB2  sing N N 243 
LYS CB  HB3  sing N N 244 
LYS CG  CD   sing N N 245 
LYS CG  HG2  sing N N 246 
LYS CG  HG3  sing N N 247 
LYS CD  CE   sing N N 248 
LYS CD  HD2  sing N N 249 
LYS CD  HD3  sing N N 250 
LYS CE  NZ   sing N N 251 
LYS CE  HE2  sing N N 252 
LYS CE  HE3  sing N N 253 
LYS NZ  HZ1  sing N N 254 
LYS NZ  HZ2  sing N N 255 
LYS NZ  HZ3  sing N N 256 
LYS OXT HXT  sing N N 257 
MET N   CA   sing N N 258 
MET N   H    sing N N 259 
MET N   H2   sing N N 260 
MET CA  C    sing N N 261 
MET CA  CB   sing N N 262 
MET CA  HA   sing N N 263 
MET C   O    doub N N 264 
MET C   OXT  sing N N 265 
MET CB  CG   sing N N 266 
MET CB  HB2  sing N N 267 
MET CB  HB3  sing N N 268 
MET CG  SD   sing N N 269 
MET CG  HG2  sing N N 270 
MET CG  HG3  sing N N 271 
MET SD  CE   sing N N 272 
MET CE  HE1  sing N N 273 
MET CE  HE2  sing N N 274 
MET CE  HE3  sing N N 275 
MET OXT HXT  sing N N 276 
PHE N   CA   sing N N 277 
PHE N   H    sing N N 278 
PHE N   H2   sing N N 279 
PHE CA  C    sing N N 280 
PHE CA  CB   sing N N 281 
PHE CA  HA   sing N N 282 
PHE C   O    doub N N 283 
PHE C   OXT  sing N N 284 
PHE CB  CG   sing N N 285 
PHE CB  HB2  sing N N 286 
PHE CB  HB3  sing N N 287 
PHE CG  CD1  doub Y N 288 
PHE CG  CD2  sing Y N 289 
PHE CD1 CE1  sing Y N 290 
PHE CD1 HD1  sing N N 291 
PHE CD2 CE2  doub Y N 292 
PHE CD2 HD2  sing N N 293 
PHE CE1 CZ   doub Y N 294 
PHE CE1 HE1  sing N N 295 
PHE CE2 CZ   sing Y N 296 
PHE CE2 HE2  sing N N 297 
PHE CZ  HZ   sing N N 298 
PHE OXT HXT  sing N N 299 
PRO N   CA   sing N N 300 
PRO N   CD   sing N N 301 
PRO N   H    sing N N 302 
PRO CA  C    sing N N 303 
PRO CA  CB   sing N N 304 
PRO CA  HA   sing N N 305 
PRO C   O    doub N N 306 
PRO C   OXT  sing N N 307 
PRO CB  CG   sing N N 308 
PRO CB  HB2  sing N N 309 
PRO CB  HB3  sing N N 310 
PRO CG  CD   sing N N 311 
PRO CG  HG2  sing N N 312 
PRO CG  HG3  sing N N 313 
PRO CD  HD2  sing N N 314 
PRO CD  HD3  sing N N 315 
PRO OXT HXT  sing N N 316 
SER N   CA   sing N N 317 
SER N   H    sing N N 318 
SER N   H2   sing N N 319 
SER CA  C    sing N N 320 
SER CA  CB   sing N N 321 
SER CA  HA   sing N N 322 
SER C   O    doub N N 323 
SER C   OXT  sing N N 324 
SER CB  OG   sing N N 325 
SER CB  HB2  sing N N 326 
SER CB  HB3  sing N N 327 
SER OG  HG   sing N N 328 
SER OXT HXT  sing N N 329 
THR N   CA   sing N N 330 
THR N   H    sing N N 331 
THR N   H2   sing N N 332 
THR CA  C    sing N N 333 
THR CA  CB   sing N N 334 
THR CA  HA   sing N N 335 
THR C   O    doub N N 336 
THR C   OXT  sing N N 337 
THR CB  OG1  sing N N 338 
THR CB  CG2  sing N N 339 
THR CB  HB   sing N N 340 
THR OG1 HG1  sing N N 341 
THR CG2 HG21 sing N N 342 
THR CG2 HG22 sing N N 343 
THR CG2 HG23 sing N N 344 
THR OXT HXT  sing N N 345 
TRP N   CA   sing N N 346 
TRP N   H    sing N N 347 
TRP N   H2   sing N N 348 
TRP CA  C    sing N N 349 
TRP CA  CB   sing N N 350 
TRP CA  HA   sing N N 351 
TRP C   O    doub N N 352 
TRP C   OXT  sing N N 353 
TRP CB  CG   sing N N 354 
TRP CB  HB2  sing N N 355 
TRP CB  HB3  sing N N 356 
TRP CG  CD1  doub Y N 357 
TRP CG  CD2  sing Y N 358 
TRP CD1 NE1  sing Y N 359 
TRP CD1 HD1  sing N N 360 
TRP CD2 CE2  doub Y N 361 
TRP CD2 CE3  sing Y N 362 
TRP NE1 CE2  sing Y N 363 
TRP NE1 HE1  sing N N 364 
TRP CE2 CZ2  sing Y N 365 
TRP CE3 CZ3  doub Y N 366 
TRP CE3 HE3  sing N N 367 
TRP CZ2 CH2  doub Y N 368 
TRP CZ2 HZ2  sing N N 369 
TRP CZ3 CH2  sing Y N 370 
TRP CZ3 HZ3  sing N N 371 
TRP CH2 HH2  sing N N 372 
TRP OXT HXT  sing N N 373 
TYR N   CA   sing N N 374 
TYR N   H    sing N N 375 
TYR N   H2   sing N N 376 
TYR CA  C    sing N N 377 
TYR CA  CB   sing N N 378 
TYR CA  HA   sing N N 379 
TYR C   O    doub N N 380 
TYR C   OXT  sing N N 381 
TYR CB  CG   sing N N 382 
TYR CB  HB2  sing N N 383 
TYR CB  HB3  sing N N 384 
TYR CG  CD1  doub Y N 385 
TYR CG  CD2  sing Y N 386 
TYR CD1 CE1  sing Y N 387 
TYR CD1 HD1  sing N N 388 
TYR CD2 CE2  doub Y N 389 
TYR CD2 HD2  sing N N 390 
TYR CE1 CZ   doub Y N 391 
TYR CE1 HE1  sing N N 392 
TYR CE2 CZ   sing Y N 393 
TYR CE2 HE2  sing N N 394 
TYR CZ  OH   sing N N 395 
TYR OH  HH   sing N N 396 
TYR OXT HXT  sing N N 397 
VAL N   CA   sing N N 398 
VAL N   H    sing N N 399 
VAL N   H2   sing N N 400 
VAL CA  C    sing N N 401 
VAL CA  CB   sing N N 402 
VAL CA  HA   sing N N 403 
VAL C   O    doub N N 404 
VAL C   OXT  sing N N 405 
VAL CB  CG1  sing N N 406 
VAL CB  CG2  sing N N 407 
VAL CB  HB   sing N N 408 
VAL CG1 HG11 sing N N 409 
VAL CG1 HG12 sing N N 410 
VAL CG1 HG13 sing N N 411 
VAL CG2 HG21 sing N N 412 
VAL CG2 HG22 sing N N 413 
VAL CG2 HG23 sing N N 414 
VAL OXT HXT  sing N N 415 
# 
_pdbx_deposit_group.group_id            G_1002046 
_pdbx_deposit_group.group_description   
;Human FAM83B DUF1669 domain screened against DSPL and OxXChem Libraries by X-ray Crystallography at the XChem facility of Diamond Light Source beamline I04-1
;
_pdbx_deposit_group.group_title         'PanDDA analysis group deposition of models with modelled events (e.g. bound ligands)' 
_pdbx_deposit_group.group_type          'changed state' 
# 
_pdbx_related_exp_data_set.ordinal              1 
_pdbx_related_exp_data_set.data_reference       . 
_pdbx_related_exp_data_set.metadata_reference   10.5281/zenodo.1247291 
_pdbx_related_exp_data_set.data_set_type        'other data' 
_pdbx_related_exp_data_set.details              'Complete PanDDA analysis' 
# 
_atom_sites.entry_id                    5QHN 
_atom_sites.fract_transf_matrix[1][1]   -0.01661332 
_atom_sites.fract_transf_matrix[1][2]   0.01039257 
_atom_sites.fract_transf_matrix[1][3]   -0.00273457 
_atom_sites.fract_transf_matrix[2][1]   0.01069336 
_atom_sites.fract_transf_matrix[2][2]   0.01548804 
_atom_sites.fract_transf_matrix[2][3]   -0.00610397 
_atom_sites.fract_transf_matrix[3][1]   -0.00035161 
_atom_sites.fract_transf_matrix[3][2]   -0.00217890 
_atom_sites.fract_transf_matrix[3][3]   -0.00614464 
_atom_sites.fract_transf_vector[1]      0.128716 
_atom_sites.fract_transf_vector[2]      0.778727 
_atom_sites.fract_transf_vector[3]      0.386440 
# 
loop_
_atom_type.symbol 
C 
N 
O 
S 
# 
loop_
_atom_site.group_PDB 
_atom_site.id 
_atom_site.type_symbol 
_atom_site.label_atom_id 
_atom_site.label_alt_id 
_atom_site.label_comp_id 
_atom_site.label_asym_id 
_atom_site.label_entity_id 
_atom_site.label_seq_id 
_atom_site.pdbx_PDB_ins_code 
_atom_site.Cartn_x 
_atom_site.Cartn_y 
_atom_site.Cartn_z 
_atom_site.occupancy 
_atom_site.B_iso_or_equiv 
_atom_site.pdbx_formal_charge 
_atom_site.auth_seq_id 
_atom_site.auth_comp_id 
_atom_site.auth_asym_id 
_atom_site.auth_atom_id 
_atom_site.pdbx_PDB_model_num 
ATOM   1    N N   . GLY A 1 3   ? 0.124   24.570  -11.636 1.00 52.08 ? 3   GLY A N   1 
ATOM   2    C CA  . GLY A 1 3   ? 0.400   23.969  -10.299 1.00 47.02 ? 3   GLY A CA  1 
ATOM   3    C C   . GLY A 1 3   ? 1.675   23.083  -10.187 1.00 50.65 ? 3   GLY A C   1 
ATOM   4    O O   . GLY A 1 3   ? 1.983   22.243  -11.049 1.00 52.92 ? 3   GLY A O   1 
ATOM   5    N N   . GLY A 1 4   ? 2.387   23.245  -9.092  1.00 37.13 ? 4   GLY A N   1 
ATOM   6    C CA  . GLY A 1 4   ? 3.565   22.450  -8.821  1.00 39.92 ? 4   GLY A CA  1 
ATOM   7    C C   . GLY A 1 4   ? 3.198   21.206  -7.947  1.00 29.00 ? 4   GLY A C   1 
ATOM   8    O O   . GLY A 1 4   ? 2.094   20.655  -8.029  1.00 33.48 ? 4   GLY A O   1 
ATOM   9    N N   . THR A 1 5   ? 4.162   20.873  -7.129  1.00 34.53 ? 5   THR A N   1 
ATOM   10   C CA  . THR A 1 5   ? 4.191   19.690  -6.305  1.00 33.94 ? 5   THR A CA  1 
ATOM   11   C C   . THR A 1 5   ? 4.489   20.219  -4.952  1.00 34.16 ? 5   THR A C   1 
ATOM   12   O O   . THR A 1 5   ? 5.378   21.055  -4.818  1.00 34.45 ? 5   THR A O   1 
ATOM   13   C CB  . THR A 1 5   ? 5.295   18.740  -6.826  1.00 33.16 ? 5   THR A CB  1 
ATOM   14   O OG1 . THR A 1 5   ? 4.864   18.264  -8.094  1.00 32.53 ? 5   THR A OG1 1 
ATOM   15   C CG2 . THR A 1 5   ? 5.554   17.482  -5.882  1.00 32.18 ? 5   THR A CG2 1 
ATOM   16   N N   . HIS A 1 6   ? 3.822   19.676  -3.932  1.00 29.40 ? 6   HIS A N   1 
ATOM   17   C CA  . HIS A 1 6   ? 4.127   20.019  -2.548  1.00 28.69 ? 6   HIS A CA  1 
ATOM   18   C C   . HIS A 1 6   ? 4.532   18.675  -1.869  1.00 26.03 ? 6   HIS A C   1 
ATOM   19   O O   . HIS A 1 6   ? 3.954   17.646  -2.203  1.00 22.37 ? 6   HIS A O   1 
ATOM   20   C CB  . HIS A 1 6   ? 2.950   20.661  -1.789  1.00 30.75 ? 6   HIS A CB  1 
ATOM   21   C CG  . HIS A 1 6   ? 3.295   20.992  -0.380  1.00 39.50 ? 6   HIS A CG  1 
ATOM   22   N ND1 . HIS A 1 6   ? 4.046   22.109  -0.040  1.00 47.59 ? 6   HIS A ND1 1 
ATOM   23   C CD2 . HIS A 1 6   ? 3.092   20.311  0.774   1.00 41.32 ? 6   HIS A CD2 1 
ATOM   24   C CE1 . HIS A 1 6   ? 4.267   22.106  1.264   1.00 48.68 ? 6   HIS A CE1 1 
ATOM   25   N NE2 . HIS A 1 6   ? 3.717   21.017  1.778   1.00 49.97 ? 6   HIS A NE2 1 
ATOM   26   N N   . ILE A 1 7   ? 5.555   18.728  -1.036  1.00 23.62 ? 7   ILE A N   1 
ATOM   27   C CA  . ILE A 1 7   ? 6.110   17.540  -0.254  1.00 22.33 ? 7   ILE A CA  1 
ATOM   28   C C   . ILE A 1 7   ? 6.347   17.850  1.199   1.00 24.59 ? 7   ILE A C   1 
ATOM   29   O O   . ILE A 1 7   ? 7.026   18.860  1.500   1.00 26.09 ? 7   ILE A O   1 
ATOM   30   C CB  . ILE A 1 7   ? 7.429   17.014  -0.858  1.00 25.75 ? 7   ILE A CB  1 
ATOM   31   C CG1 . ILE A 1 7   ? 7.184   16.658  -2.308  1.00 28.94 ? 7   ILE A CG1 1 
ATOM   32   C CG2 . ILE A 1 7   ? 7.945   15.790  -0.050  1.00 25.92 ? 7   ILE A CG2 1 
ATOM   33   C CD1 . ILE A 1 7   ? 8.310   16.096  -3.129  1.00 37.52 ? 7   ILE A CD1 1 
ATOM   34   N N   . ASP A 1 8   ? 5.823   17.037  2.111   1.00 21.57 ? 8   ASP A N   1 
ATOM   35   C CA  . ASP A 1 8   ? 6.051   17.150  3.559   1.00 24.00 ? 8   ASP A CA  1 
ATOM   36   C C   . ASP A 1 8   ? 6.731   15.823  3.888   1.00 25.01 ? 8   ASP A C   1 
ATOM   37   O O   . ASP A 1 8   ? 6.392   14.828  3.249   1.00 24.66 ? 8   ASP A O   1 
ATOM   38   C CB  . ASP A 1 8   ? 4.701   17.166  4.239   1.00 27.10 ? 8   ASP A CB  1 
ATOM   39   C CG  . ASP A 1 8   ? 4.036   18.525  4.145   1.00 33.87 ? 8   ASP A CG  1 
ATOM   40   O OD1 . ASP A 1 8   ? 4.791   19.496  4.362   1.00 30.56 ? 8   ASP A OD1 1 
ATOM   41   O OD2 . ASP A 1 8   ? 2.849   18.600  3.769   1.00 37.73 ? 8   ASP A OD2 1 
ATOM   42   N N   . LEU A 1 9   ? 7.751   15.848  4.743   1.00 23.64 ? 9   LEU A N   1 
ATOM   43   C CA  . LEU A 1 9   ? 8.361   14.640  5.283   1.00 24.74 ? 9   LEU A CA  1 
ATOM   44   C C   . LEU A 1 9   ? 7.749   14.226  6.607   1.00 23.72 ? 9   LEU A C   1 
ATOM   45   O O   . LEU A 1 9   ? 7.320   15.017  7.444   1.00 23.72 ? 9   LEU A O   1 
ATOM   46   C CB  . LEU A 1 9   ? 9.867   14.794  5.384   1.00 23.49 ? 9   LEU A CB  1 
ATOM   47   C CG  . LEU A 1 9   ? 10.560  15.270  4.102   1.00 25.70 ? 9   LEU A CG  1 
ATOM   48   C CD1 . LEU A 1 9   ? 12.069  15.412  4.331   1.00 27.92 ? 9   LEU A CD1 1 
ATOM   49   C CD2 . LEU A 1 9   ? 10.337  14.313  2.956   1.00 27.38 ? 9   LEU A CD2 1 
ATOM   50   N N   . LEU A 1 10  ? 7.598   12.928  6.745   1.00 20.08 ? 10  LEU A N   1 
ATOM   51   C CA  . LEU A 1 10  ? 7.298   12.323  8.076   1.00 18.67 ? 10  LEU A CA  1 
ATOM   52   C C   . LEU A 1 10  ? 8.332   11.228  8.372   1.00 18.98 ? 10  LEU A C   1 
ATOM   53   O O   . LEU A 1 10  ? 8.874   10.572  7.471   1.00 18.87 ? 10  LEU A O   1 
ATOM   54   C CB  . LEU A 1 10  ? 5.896   11.695  8.059   1.00 22.42 ? 10  LEU A CB  1 
ATOM   55   C CG  . LEU A 1 10  ? 4.699   12.517  7.613   1.00 24.02 ? 10  LEU A CG  1 
ATOM   56   C CD1 . LEU A 1 10  ? 3.435   11.675  7.386   1.00 27.74 ? 10  LEU A CD1 1 
ATOM   57   C CD2 . LEU A 1 10  ? 4.470   13.587  8.661   1.00 24.82 ? 10  LEU A CD2 1 
ATOM   58   N N   . PHE A 1 11  ? 8.503   10.963  9.645   1.00 19.41 ? 11  PHE A N   1 
ATOM   59   C CA  . PHE A 1 11  ? 9.533   10.077  10.144  1.00 19.50 ? 11  PHE A CA  1 
ATOM   60   C C   . PHE A 1 11  ? 8.928   9.152   11.140  1.00 18.71 ? 11  PHE A C   1 
ATOM   61   O O   . PHE A 1 11  ? 7.900   9.475   11.799  1.00 20.84 ? 11  PHE A O   1 
ATOM   62   C CB  . PHE A 1 11  ? 10.670  10.897  10.810  1.00 20.78 ? 11  PHE A CB  1 
ATOM   63   C CG  . PHE A 1 11  ? 11.239  11.960  9.908   1.00 20.74 ? 11  PHE A CG  1 
ATOM   64   C CD1 . PHE A 1 11  ? 10.700  13.222  9.892   1.00 22.87 ? 11  PHE A CD1 1 
ATOM   65   C CD2 . PHE A 1 11  ? 12.242  11.641  9.038   1.00 23.35 ? 11  PHE A CD2 1 
ATOM   66   C CE1 . PHE A 1 11  ? 11.185  14.172  9.018   1.00 23.98 ? 11  PHE A CE1 1 
ATOM   67   C CE2 . PHE A 1 11  ? 12.727  12.585  8.111   1.00 22.77 ? 11  PHE A CE2 1 
ATOM   68   C CZ  . PHE A 1 11  ? 12.213  13.851  8.138   1.00 19.83 ? 11  PHE A CZ  1 
ATOM   69   N N   . HIS A 1 12  ? 9.597   7.989   11.260  1.00 19.32 ? 12  HIS A N   1 
ATOM   70   C CA  . HIS A 1 12  ? 9.352   7.116   12.355  1.00 19.53 ? 12  HIS A CA  1 
ATOM   71   C C   . HIS A 1 12  ? 10.649  6.808   13.004  1.00 22.05 ? 12  HIS A C   1 
ATOM   72   O O   . HIS A 1 12  ? 11.518  6.211   12.392  1.00 21.29 ? 12  HIS A O   1 
ATOM   73   C CB  . HIS A 1 12  ? 8.586   5.853   11.979  1.00 21.02 ? 12  HIS A CB  1 
ATOM   74   C CG  . HIS A 1 12  ? 8.067   5.130   13.173  1.00 23.04 ? 12  HIS A CG  1 
ATOM   75   N ND1 . HIS A 1 12  ? 6.881   5.445   13.775  1.00 28.78 ? 12  HIS A ND1 1 
ATOM   76   C CD2 . HIS A 1 12  ? 8.641   4.197   13.963  1.00 25.53 ? 12  HIS A CD2 1 
ATOM   77   C CE1 . HIS A 1 12  ? 6.665   4.642   14.798  1.00 27.74 ? 12  HIS A CE1 1 
ATOM   78   N NE2 . HIS A 1 12  ? 7.713   3.850   14.908  1.00 29.41 ? 12  HIS A NE2 1 
ATOM   79   N N   . PRO A 1 13  ? 10.783  7.142   14.319  1.00 23.77 ? 13  PRO A N   1 
ATOM   80   C CA  . PRO A 1 13  ? 9.764   7.807   15.168  1.00 23.31 ? 13  PRO A CA  1 
ATOM   81   C C   . PRO A 1 13  ? 9.523   9.220   14.714  1.00 21.48 ? 13  PRO A C   1 
ATOM   82   O O   . PRO A 1 13  ? 10.364  9.791   13.958  1.00 21.57 ? 13  PRO A O   1 
ATOM   83   C CB  . PRO A 1 13  ? 10.339  7.744   16.599  1.00 25.37 ? 13  PRO A CB  1 
ATOM   84   C CG  . PRO A 1 13  ? 11.745  7.558   16.384  1.00 29.98 ? 13  PRO A CG  1 
ATOM   85   C CD  . PRO A 1 13  ? 12.020  6.894   15.054  1.00 25.64 ? 13  PRO A CD  1 
ATOM   86   N N   . PRO A 1 14  ? 8.333   9.745   15.060  1.00 20.08 ? 14  PRO A N   1 
ATOM   87   C CA  . PRO A 1 14  ? 7.952   11.134  14.690  1.00 21.67 ? 14  PRO A CA  1 
ATOM   88   C C   . PRO A 1 14  ? 8.945   12.204  15.035  1.00 22.00 ? 14  PRO A C   1 
ATOM   89   O O   . PRO A 1 14  ? 9.575   12.110  16.037  1.00 20.47 ? 14  PRO A O   1 
ATOM   90   C CB  . PRO A 1 14  ? 6.567   11.349  15.357  1.00 24.41 ? 14  PRO A CB  1 
ATOM   91   C CG  . PRO A 1 14  ? 6.250   10.105  16.141  1.00 25.77 ? 14  PRO A CG  1 
ATOM   92   C CD  . PRO A 1 14  ? 7.376   9.098   16.001  1.00 21.74 ? 14  PRO A CD  1 
ATOM   93   N N   . ARG A 1 15  ? 9.119   13.200  14.179  1.00 20.11 ? 15  ARG A N   1 
ATOM   94   C CA  . ARG A 1 15  ? 9.906   14.372  14.415  1.00 24.08 ? 15  ARG A CA  1 
ATOM   95   C C   . ARG A 1 15  ? 9.222   15.624  13.836  1.00 29.37 ? 15  ARG A C   1 
ATOM   96   O O   . ARG A 1 15  ? 9.281   15.877  12.615  1.00 36.99 ? 15  ARG A O   1 
ATOM   97   C CB  . ARG A 1 15  ? 11.138  14.398  13.590  1.00 28.88 ? 15  ARG A CB  1 
ATOM   98   C CG  . ARG A 1 15  ? 12.220  13.471  13.933  1.00 38.99 ? 15  ARG A CG  1 
ATOM   99   C CD  . ARG A 1 15  ? 13.489  14.340  14.112  1.00 47.05 ? 15  ARG A CD  1 
ATOM   100  N NE  . ARG A 1 15  ? 13.862  15.089  12.921  1.00 33.71 ? 15  ARG A NE  1 
ATOM   101  C CZ  . ARG A 1 15  ? 14.228  14.530  11.784  1.00 45.41 ? 15  ARG A CZ  1 
ATOM   102  N NH1 . ARG A 1 15  ? 14.273  13.169  11.705  1.00 52.03 ? 15  ARG A NH1 1 
ATOM   103  N NH2 . ARG A 1 15  ? 14.561  15.308  10.715  1.00 39.46 ? 15  ARG A NH2 1 
ATOM   104  N N   . ALA A 1 16  ? 8.691   16.429  14.677  1.00 28.20 ? 16  ALA A N   1 
ATOM   105  C CA  . ALA A 1 16  ? 8.073   17.714  14.362  1.00 21.76 ? 16  ALA A CA  1 
ATOM   106  C C   . ALA A 1 16  ? 6.776   17.589  13.536  1.00 21.69 ? 16  ALA A C   1 
ATOM   107  O O   . ALA A 1 16  ? 6.394   18.464  12.713  1.00 21.88 ? 16  ALA A O   1 
ATOM   108  C CB  . ALA A 1 16  ? 9.046   18.774  13.809  1.00 27.39 ? 16  ALA A CB  1 
ATOM   109  N N   . HIS A 1 17  ? 6.048   16.543  13.781  1.00 19.12 ? 17  HIS A N   1 
ATOM   110  C CA  . HIS A 1 17  ? 4.696   16.399  13.223  1.00 19.18 ? 17  HIS A CA  1 
ATOM   111  C C   . HIS A 1 17  ? 3.858   15.654  14.198  1.00 22.38 ? 17  HIS A C   1 
ATOM   112  O O   . HIS A 1 17  ? 4.368   14.867  14.997  1.00 21.96 ? 17  HIS A O   1 
ATOM   113  C CB  . HIS A 1 17  ? 4.707   15.661  11.866  1.00 19.35 ? 17  HIS A CB  1 
ATOM   114  C CG  . HIS A 1 17  ? 5.503   14.400  11.850  1.00 17.34 ? 17  HIS A CG  1 
ATOM   115  N ND1 . HIS A 1 17  ? 4.969   13.181  12.139  1.00 18.99 ? 17  HIS A ND1 1 
ATOM   116  C CD2 . HIS A 1 17  ? 6.797   14.181  11.555  1.00 20.34 ? 17  HIS A CD2 1 
ATOM   117  C CE1 . HIS A 1 17  ? 5.910   12.233  12.012  1.00 19.98 ? 17  HIS A CE1 1 
ATOM   118  N NE2 . HIS A 1 17  ? 7.044   12.824  11.689  1.00 19.43 ? 17  HIS A NE2 1 
ATOM   119  N N   . LEU A 1 18  ? 2.541   15.829  14.092  1.00 23.19 ? 18  LEU A N   1 
ATOM   120  C CA  . LEU A 1 18  ? 1.634   15.297  15.099  1.00 22.33 ? 18  LEU A CA  1 
ATOM   121  C C   . LEU A 1 18  ? 1.254   13.846  15.015  1.00 23.85 ? 18  LEU A C   1 
ATOM   122  O O   . LEU A 1 18  ? 1.102   13.192  16.073  1.00 24.64 ? 18  LEU A O   1 
ATOM   123  C CB  . LEU A 1 18  ? 0.359   16.099  15.176  1.00 25.53 ? 18  LEU A CB  1 
ATOM   124  C CG  . LEU A 1 18  ? 0.534   17.585  15.624  1.00 27.56 ? 18  LEU A CG  1 
ATOM   125  C CD1 . LEU A 1 18  ? -0.815  18.230  15.622  1.00 31.37 ? 18  LEU A CD1 1 
ATOM   126  C CD2 . LEU A 1 18  ? 1.105   17.668  17.027  1.00 28.73 ? 18  LEU A CD2 1 
ATOM   127  N N   . LEU A 1 19  ? 1.164   13.325  13.805  1.00 22.55 ? 19  LEU A N   1 
ATOM   128  C CA  . LEU A 1 19  ? 0.714   11.941  13.586  1.00 22.85 ? 19  LEU A CA  1 
ATOM   129  C C   . LEU A 1 19  ? 1.915   11.061  13.292  1.00 21.32 ? 19  LEU A C   1 
ATOM   130  O O   . LEU A 1 19  ? 2.888   11.515  12.729  1.00 22.23 ? 19  LEU A O   1 
ATOM   131  C CB  . LEU A 1 19  ? -0.319  11.858  12.452  1.00 24.06 ? 19  LEU A CB  1 
ATOM   132  C CG  . LEU A 1 19  ? -1.613  12.656  12.629  1.00 27.58 ? 19  LEU A CG  1 
ATOM   133  C CD1 . LEU A 1 19  ? -2.539  12.325  11.494  1.00 26.87 ? 19  LEU A CD1 1 
ATOM   134  C CD2 . LEU A 1 19  ? -2.228  12.314  13.952  1.00 30.11 ? 19  LEU A CD2 1 
ATOM   135  N N   . THR A 1 20  ? 1.894   9.822   13.790  1.00 21.56 ? 20  THR A N   1 
ATOM   136  C CA  . THR A 1 20  ? 2.836   8.851   13.275  1.00 20.47 ? 20  THR A CA  1 
ATOM   137  C C   . THR A 1 20  ? 2.553   8.507   11.797  1.00 18.80 ? 20  THR A C   1 
ATOM   138  O O   . THR A 1 20  ? 1.486   8.802   11.245  1.00 19.26 ? 20  THR A O   1 
ATOM   139  C CB  . THR A 1 20  ? 2.769   7.511   14.015  1.00 21.82 ? 20  THR A CB  1 
ATOM   140  O OG1 . THR A 1 20  ? 1.457   6.914   13.797  1.00 20.70 ? 20  THR A OG1 1 
ATOM   141  C CG2 . THR A 1 20  ? 3.036   7.704   15.499  1.00 24.48 ? 20  THR A CG2 1 
ATOM   142  N N   . ILE A 1 21  ? 3.538   7.875   11.155  1.00 18.72 ? 21  ILE A N   1 
ATOM   143  C CA  . ILE A 1 21  ? 3.321   7.428   9.802   1.00 18.44 ? 21  ILE A CA  1 
ATOM   144  C C   . ILE A 1 21  ? 2.105   6.495   9.714   1.00 16.96 ? 21  ILE A C   1 
ATOM   145  O O   . ILE A 1 21  ? 1.276   6.599   8.743   1.00 17.76 ? 21  ILE A O   1 
ATOM   146  C CB  . ILE A 1 21  ? 4.577   6.789   9.207   1.00 17.84 ? 21  ILE A CB  1 
ATOM   147  C CG1 . ILE A 1 21  ? 5.697   7.858   9.121   1.00 20.02 ? 21  ILE A CG1 1 
ATOM   148  C CG2 . ILE A 1 21  ? 4.228   6.142   7.870   1.00 19.35 ? 21  ILE A CG2 1 
ATOM   149  C CD1 . ILE A 1 21  ? 7.096   7.347   8.634   1.00 20.28 ? 21  ILE A CD1 1 
ATOM   150  N N   . LYS A 1 22  ? 2.069   5.488   10.604  1.00 18.87 ? 22  LYS A N   1 
ATOM   151  C CA  . LYS A 1 22  ? 0.921   4.613   10.656  1.00 20.41 ? 22  LYS A CA  1 
ATOM   152  C C   . LYS A 1 22  ? -0.405  5.334   10.862  1.00 22.13 ? 22  LYS A C   1 
ATOM   153  O O   . LYS A 1 22  ? -1.383  5.031   10.160  1.00 20.70 ? 22  LYS A O   1 
ATOM   154  C CB  . LYS A 1 22  ? 1.074   3.477   11.655  1.00 19.17 ? 22  LYS A CB  1 
ATOM   155  C CG  . LYS A 1 22  ? -0.141  2.555   11.641  1.00 22.38 ? 22  LYS A CG  1 
ATOM   156  C CD  . LYS A 1 22  ? 0.156   1.351   12.505  1.00 23.87 ? 22  LYS A CD  1 
ATOM   157  C CE  . LYS A 1 22  ? -1.072  0.489   12.716  1.00 25.96 ? 22  LYS A CE  1 
ATOM   158  N NZ  . LYS A 1 22  ? -0.688  -0.778  13.412  1.00 25.19 ? 22  LYS A NZ  1 
ATOM   159  N N   . GLU A 1 23  ? -0.480  6.347   11.729  1.00 18.17 ? 23  GLU A N   1 
ATOM   160  C CA  . GLU A 1 23  ? -1.755  7.051   11.862  1.00 20.29 ? 23  GLU A CA  1 
ATOM   161  C C   . GLU A 1 23  ? -2.107  7.827   10.620  1.00 20.30 ? 23  GLU A C   1 
ATOM   162  O O   . GLU A 1 23  ? -3.259  7.887   10.214  1.00 21.84 ? 23  GLU A O   1 
ATOM   163  C CB  . GLU A 1 23  ? -1.686  8.013   13.062  1.00 25.27 ? 23  GLU A CB  1 
ATOM   164  C CG  . GLU A 1 23  ? -1.633  7.346   14.386  1.00 26.65 ? 23  GLU A CG  1 
ATOM   165  C CD  . GLU A 1 23  ? -1.148  8.261   15.528  1.00 31.68 ? 23  GLU A CD  1 
ATOM   166  O OE1 . GLU A 1 23  ? -0.466  9.284   15.340  1.00 26.60 ? 23  GLU A OE1 1 
ATOM   167  O OE2 . GLU A 1 23  ? -1.441  7.915   16.675  1.00 40.97 ? 23  GLU A OE2 1 
ATOM   168  N N   . THR A 1 24  ? -1.081  8.305   9.898   1.00 18.93 ? 24  THR A N   1 
ATOM   169  C CA  . THR A 1 24  ? -1.285  9.053   8.669   1.00 18.24 ? 24  THR A CA  1 
ATOM   170  C C   . THR A 1 24  ? -1.780  8.124   7.529   1.00 19.00 ? 24  THR A C   1 
ATOM   171  O O   . THR A 1 24  ? -2.688  8.514   6.776   1.00 18.17 ? 24  THR A O   1 
ATOM   172  C CB  . THR A 1 24  ? 0.007   9.767   8.215   1.00 19.38 ? 24  THR A CB  1 
ATOM   173  O OG1 . THR A 1 24  ? 0.458   10.644  9.236   1.00 19.46 ? 24  THR A OG1 1 
ATOM   174  C CG2 . THR A 1 24  ? -0.199  10.601  6.982   1.00 20.60 ? 24  THR A CG2 1 
ATOM   175  N N   . ILE A 1 25  ? -1.229  6.919   7.449   1.00 19.79 ? 25  ILE A N   1 
ATOM   176  C CA  . ILE A 1 25  ? -1.719  5.890   6.512   1.00 18.27 ? 25  ILE A CA  1 
ATOM   177  C C   . ILE A 1 25  ? -3.206  5.635   6.781   1.00 18.71 ? 25  ILE A C   1 
ATOM   178  O O   . ILE A 1 25  ? -4.009  5.617   5.860   1.00 21.88 ? 25  ILE A O   1 
ATOM   179  C CB  . ILE A 1 25  ? -0.920  4.565   6.677   1.00 20.40 ? 25  ILE A CB  1 
ATOM   180  C CG1 . ILE A 1 25  ? 0.501   4.752   6.143   1.00 17.81 ? 25  ILE A CG1 1 
ATOM   181  C CG2 . ILE A 1 25  ? -1.549  3.374   5.931   1.00 21.23 ? 25  ILE A CG2 1 
ATOM   182  C CD1 . ILE A 1 25  ? 1.475   3.724   6.641   1.00 18.01 ? 25  ILE A CD1 1 
ATOM   183  N N   . ARG A 1 26  ? -3.569  5.430   8.047   1.00 20.01 ? 26  ARG A N   1 
ATOM   184  C CA  . ARG A 1 26  ? -4.974  5.085   8.343   1.00 23.41 ? 26  ARG A CA  1 
ATOM   185  C C   . ARG A 1 26  ? -5.883  6.256   8.023   1.00 23.80 ? 26  ARG A C   1 
ATOM   186  O O   . ARG A 1 26  ? -6.979  6.128   7.410   1.00 21.38 ? 26  ARG A O   1 
ATOM   187  C CB  . ARG A 1 26  ? -5.123  4.599   9.806   1.00 23.36 ? 26  ARG A CB  1 
ATOM   188  C CG  . ARG A 1 26  ? -4.287  3.351   10.072  1.00 25.97 ? 26  ARG A CG  1 
ATOM   189  C CD  . ARG A 1 26  ? -4.344  2.945   11.545  1.00 30.12 ? 26  ARG A CD  1 
ATOM   190  N NE  . ARG A 1 26  ? -5.660  2.346   11.769  1.00 34.82 ? 26  ARG A NE  1 
ATOM   191  C CZ  . ARG A 1 26  ? -6.079  1.742   12.871  1.00 44.78 ? 26  ARG A CZ  1 
ATOM   192  N NH1 . ARG A 1 26  ? -5.287  1.692   13.937  1.00 43.48 ? 26  ARG A NH1 1 
ATOM   193  N NH2 . ARG A 1 26  ? -7.321  1.184   12.880  1.00 47.02 ? 26  ARG A NH2 1 
ATOM   194  N N   . LYS A 1 27  ? -5.410  7.435   8.333   1.00 20.71 ? 27  LYS A N   1 
ATOM   195  C CA  . LYS A 1 27  ? -6.165  8.632   7.952   1.00 23.98 ? 27  LYS A CA  1 
ATOM   196  C C   . LYS A 1 27  ? -6.355  8.771   6.422   1.00 22.40 ? 27  LYS A C   1 
ATOM   197  O O   . LYS A 1 27  ? -7.421  9.124   5.953   1.00 23.18 ? 27  LYS A O   1 
ATOM   198  C CB  . LYS A 1 27  ? -5.464  9.879   8.515   1.00 25.56 ? 27  LYS A CB  1 
ATOM   199  C CG  . LYS A 1 27  ? -6.050  11.244  8.107   1.00 28.50 ? 27  LYS A CG  1 
ATOM   200  C CD  . LYS A 1 27  ? -5.190  12.301  8.834   1.00 36.32 ? 27  LYS A CD  1 
ATOM   201  C CE  . LYS A 1 27  ? -5.599  13.755  8.591   1.00 42.89 ? 27  LYS A CE  1 
ATOM   202  N NZ  . LYS A 1 27  ? -7.022  13.930  8.957   1.00 45.63 ? 27  LYS A NZ  1 
ATOM   203  N N   . MET A 1 28  ? -5.279  8.591   5.640   1.00 20.97 ? 28  MET A N   1 
ATOM   204  C CA  . MET A 1 28  ? -5.365  8.659   4.164   1.00 19.82 ? 28  MET A CA  1 
ATOM   205  C C   . MET A 1 28  ? -6.427  7.688   3.639   1.00 21.43 ? 28  MET A C   1 
ATOM   206  O O   . MET A 1 28  ? -7.189  8.008   2.727   1.00 21.45 ? 28  MET A O   1 
ATOM   207  C CB  . MET A 1 28  ? -3.986  8.450   3.529   1.00 18.38 ? 28  MET A CB  1 
ATOM   208  C CG  . MET A 1 28  ? -3.142  9.659   3.660   1.00 21.52 ? 28  MET A CG  1 
ATOM   209  S SD  . MET A 1 28  ? -1.489  9.328   2.928   1.00 24.19 ? 28  MET A SD  1 
ATOM   210  C CE  . MET A 1 28  ? -1.885  9.067   1.232   1.00 21.23 ? 28  MET A CE  1 
ATOM   211  N N   . ILE A 1 29  ? -6.479  6.501   4.252   1.00 19.58 ? 29  ILE A N   1 
ATOM   212  C CA  . ILE A 1 29  ? -7.342  5.465   3.791   1.00 21.88 ? 29  ILE A CA  1 
ATOM   213  C C   . ILE A 1 29  ? -8.773  5.781   4.203   1.00 23.84 ? 29  ILE A C   1 
ATOM   214  O O   . ILE A 1 29  ? -9.678  5.626   3.383   1.00 23.26 ? 29  ILE A O   1 
ATOM   215  C CB  . ILE A 1 29  ? -6.914  4.077   4.292   1.00 21.10 ? 29  ILE A CB  1 
ATOM   216  C CG1 . ILE A 1 29  ? -5.585  3.683   3.635   1.00 20.93 ? 29  ILE A CG1 1 
ATOM   217  C CG2 . ILE A 1 29  ? -7.972  3.013   3.931   1.00 25.63 ? 29  ILE A CG2 1 
ATOM   218  C CD1 . ILE A 1 29  ? -4.985  2.478   4.335   1.00 21.17 ? 29  ILE A CD1 1 
ATOM   219  N N   . LYS A 1 30  ? -8.930  6.238   5.459   1.00 23.31 ? 30  LYS A N   1 
ATOM   220  C CA  . LYS A 1 30  ? -10.285 6.526   5.973   1.00 27.42 ? 30  LYS A CA  1 
ATOM   221  C C   . LYS A 1 30  ? -10.910 7.677   5.195   1.00 29.40 ? 30  LYS A C   1 
ATOM   222  O O   . LYS A 1 30  ? -12.137 7.799   5.118   1.00 27.92 ? 30  LYS A O   1 
ATOM   223  C CB  . LYS A 1 30  ? -10.206 6.974   7.418   1.00 33.24 ? 30  LYS A CB  1 
ATOM   224  C CG  . LYS A 1 30  ? -10.103 5.934   8.476   1.00 39.93 ? 30  LYS A CG  1 
ATOM   225  C CD  . LYS A 1 30  ? -10.471 6.615   9.802   1.00 51.26 ? 30  LYS A CD  1 
ATOM   226  C CE  . LYS A 1 30  ? -10.369 5.650   10.963  1.00 63.79 ? 30  LYS A CE  1 
ATOM   227  N NZ  . LYS A 1 30  ? -10.286 6.375   12.271  1.00 72.59 ? 30  LYS A NZ  1 
ATOM   228  N N   . GLU A 1 31  ? -10.077 8.578   4.680   1.00 25.54 ? 31  GLU A N   1 
ATOM   229  C CA  . GLU A 1 31  ? -10.548 9.780   3.899   1.00 27.42 ? 31  GLU A CA  1 
ATOM   230  C C   . GLU A 1 31  ? -10.660 9.534   2.412   1.00 25.24 ? 31  GLU A C   1 
ATOM   231  O O   . GLU A 1 31  ? -11.028 10.413  1.713   1.00 24.85 ? 31  GLU A O   1 
ATOM   232  C CB  . GLU A 1 31  ? -9.650  10.989  4.140   1.00 28.92 ? 31  GLU A CB  1 
ATOM   233  C CG  . GLU A 1 31  ? -9.664  11.393  5.620   1.00 35.84 ? 31  GLU A CG  1 
ATOM   234  C CD  . GLU A 1 31  ? -8.781  12.624  5.922   1.00 40.60 ? 31  GLU A CD  1 
ATOM   235  O OE1 . GLU A 1 31  ? -7.970  13.101  5.100   1.00 39.48 ? 31  GLU A OE1 1 
ATOM   236  O OE2 . GLU A 1 31  ? -8.925  13.105  7.030   1.00 41.40 ? 31  GLU A OE2 1 
ATOM   237  N N   . ALA A 1 32  ? -10.314 8.349   1.904   1.00 25.56 ? 32  ALA A N   1 
ATOM   238  C CA  . ALA A 1 32  ? -10.400 8.053   0.458   1.00 22.51 ? 32  ALA A CA  1 
ATOM   239  C C   . ALA A 1 32  ? -11.866 8.038   -0.001  1.00 23.88 ? 32  ALA A C   1 
ATOM   240  O O   . ALA A 1 32  ? -12.696 7.499   0.689   1.00 22.33 ? 32  ALA A O   1 
ATOM   241  C CB  . ALA A 1 32  ? -9.805  6.724   0.126   1.00 23.84 ? 32  ALA A CB  1 
ATOM   242  N N   . ARG A 1 33  ? -12.135 8.699   -1.120  1.00 27.15 ? 33  ARG A N   1 
ATOM   243  C CA  . ARG A 1 33  ? -13.493 8.813   -1.654  1.00 28.20 ? 33  ARG A CA  1 
ATOM   244  C C   . ARG A 1 33  ? -13.741 7.910   -2.834  1.00 25.42 ? 33  ARG A C   1 
ATOM   245  O O   . ARG A 1 33  ? -14.906 7.482   -3.042  1.00 31.48 ? 33  ARG A O   1 
ATOM   246  C CB  . ARG A 1 33  ? -13.773 10.267  -1.977  1.00 28.26 ? 33  ARG A CB  1 
ATOM   247  C CG  . ARG A 1 33  ? -13.727 11.167  -0.723  1.00 36.47 ? 33  ARG A CG  1 
ATOM   248  C CD  . ARG A 1 33  ? -14.171 12.610  -0.997  1.00 43.06 ? 33  ARG A CD  1 
ATOM   249  N NE  . ARG A 1 33  ? -14.102 12.934  -2.429  1.00 59.15 ? 33  ARG A NE  1 
ATOM   250  C CZ  . ARG A 1 33  ? -15.106 12.891  -3.339  1.00 57.49 ? 33  ARG A CZ  1 
ATOM   251  N NH1 . ARG A 1 33  ? -14.808 13.192  -4.607  1.00 53.79 ? 33  ARG A NH1 1 
ATOM   252  N NH2 . ARG A 1 33  ? -16.366 12.513  -3.037  1.00 57.51 ? 33  ARG A NH2 1 
ATOM   253  N N   . LYS A 1 34  ? -12.706 7.572   -3.587  1.00 26.34 ? 34  LYS A N   1 
ATOM   254  C CA  . LYS A 1 34  ? -12.847 6.975   -4.903  1.00 27.79 ? 34  LYS A CA  1 
ATOM   255  C C   . LYS A 1 34  ? -11.982 5.808   -5.146  1.00 28.78 ? 34  LYS A C   1 
ATOM   256  O O   . LYS A 1 34  ? -12.456 4.727   -5.511  1.00 25.96 ? 34  LYS A O   1 
ATOM   257  C CB  . LYS A 1 34  ? -12.560 7.974   -6.020  1.00 36.66 ? 34  LYS A CB  1 
ATOM   258  C CG  . LYS A 1 34  ? -13.389 9.258   -5.991  1.00 47.46 ? 34  LYS A CG  1 
ATOM   259  C CD  . LYS A 1 34  ? -14.899 8.975   -5.975  1.00 60.80 ? 34  LYS A CD  1 
ATOM   260  C CE  . LYS A 1 34  ? -15.684 10.210  -5.542  1.00 69.75 ? 34  LYS A CE  1 
ATOM   261  N NZ  . LYS A 1 34  ? -17.123 9.891   -5.332  1.00 72.97 ? 34  LYS A NZ  1 
ATOM   262  N N   . VAL A 1 35  ? -10.667 5.986   -5.004  1.00 24.84 ? 35  VAL A N   1 
ATOM   263  C CA  . VAL A 1 35  ? -9.762  4.928   -5.343  1.00 25.28 ? 35  VAL A CA  1 
ATOM   264  C C   . VAL A 1 35  ? -8.568  4.873   -4.419  1.00 24.45 ? 35  VAL A C   1 
ATOM   265  O O   . VAL A 1 35  ? -8.011  5.895   -4.081  1.00 24.40 ? 35  VAL A O   1 
ATOM   266  C CB  . VAL A 1 35  ? -9.181  5.115   -6.768  1.00 29.79 ? 35  VAL A CB  1 
ATOM   267  C CG1 . VAL A 1 35  ? -8.308  3.928   -7.153  1.00 30.19 ? 35  VAL A CG1 1 
ATOM   268  C CG2 . VAL A 1 35  ? -10.232 5.231   -7.822  1.00 36.16 ? 35  VAL A CG2 1 
ATOM   269  N N   . ILE A 1 36  ? -8.160  3.675   -4.036  1.00 21.50 ? 36  ILE A N   1 
ATOM   270  C CA  . ILE A 1 36  ? -6.860  3.460   -3.349  1.00 20.47 ? 36  ILE A CA  1 
ATOM   271  C C   . ILE A 1 36  ? -6.002  2.540   -4.231  1.00 23.68 ? 36  ILE A C   1 
ATOM   272  O O   . ILE A 1 36  ? -6.463  1.463   -4.657  1.00 23.87 ? 36  ILE A O   1 
ATOM   273  C CB  . ILE A 1 36  ? -7.071  2.836   -1.942  1.00 22.47 ? 36  ILE A CB  1 
ATOM   274  C CG1 . ILE A 1 36  ? -7.820  3.772   -0.983  1.00 22.38 ? 36  ILE A CG1 1 
ATOM   275  C CG2 . ILE A 1 36  ? -5.748  2.348   -1.380  1.00 24.28 ? 36  ILE A CG2 1 
ATOM   276  C CD1 . ILE A 1 36  ? -8.444  3.058   0.184   1.00 23.33 ? 36  ILE A CD1 1 
ATOM   277  N N   . ALA A 1 37  ? -4.757  2.943   -4.508  1.00 19.96 ? 37  ALA A N   1 
ATOM   278  C CA  . ALA A 1 37  ? -3.834  2.184   -5.286  1.00 20.92 ? 37  ALA A CA  1 
ATOM   279  C C   . ALA A 1 37  ? -2.614  2.009   -4.345  1.00 20.29 ? 37  ALA A C   1 
ATOM   280  O O   . ALA A 1 37  ? -2.006  2.987   -3.896  1.00 19.80 ? 37  ALA A O   1 
ATOM   281  C CB  . ALA A 1 37  ? -3.460  2.855   -6.605  1.00 22.17 ? 37  ALA A CB  1 
ATOM   282  N N   . LEU A 1 38  ? -2.278  0.756   -4.008  1.00 18.42 ? 38  LEU A N   1 
ATOM   283  C CA  . LEU A 1 38  ? -1.223  0.474   -3.066  1.00 17.66 ? 38  LEU A CA  1 
ATOM   284  C C   . LEU A 1 38  ? -0.204  -0.458  -3.684  1.00 18.51 ? 38  LEU A C   1 
ATOM   285  O O   . LEU A 1 38  ? -0.600  -1.465  -4.269  1.00 18.53 ? 38  LEU A O   1 
ATOM   286  C CB  . LEU A 1 38  ? -1.807  -0.230  -1.819  1.00 21.08 ? 38  LEU A CB  1 
ATOM   287  C CG  . LEU A 1 38  ? -0.812  -0.785  -0.816  1.00 21.07 ? 38  LEU A CG  1 
ATOM   288  C CD1 . LEU A 1 38  ? 0.031   0.334   -0.131  1.00 18.97 ? 38  LEU A CD1 1 
ATOM   289  C CD2 . LEU A 1 38  ? -1.557  -1.570  0.225   1.00 23.51 ? 38  LEU A CD2 1 
ATOM   290  N N   . VAL A 1 39  ? 1.075   -0.140  -3.553  1.00 17.62 ? 39  VAL A N   1 
ATOM   291  C CA  . VAL A 1 39  ? 2.176   -0.970  -3.986  1.00 18.67 ? 39  VAL A CA  1 
ATOM   292  C C   . VAL A 1 39  ? 2.978   -1.238  -2.691  1.00 18.65 ? 39  VAL A C   1 
ATOM   293  O O   . VAL A 1 39  ? 3.385   -0.284  -1.998  1.00 18.10 ? 39  VAL A O   1 
ATOM   294  C CB  . VAL A 1 39  ? 3.060   -0.172  -4.958  1.00 18.32 ? 39  VAL A CB  1 
ATOM   295  C CG1 . VAL A 1 39  ? 4.290   -0.960  -5.362  1.00 19.01 ? 39  VAL A CG1 1 
ATOM   296  C CG2 . VAL A 1 39  ? 2.245   0.297   -6.168  1.00 19.24 ? 39  VAL A CG2 1 
ATOM   297  N N   . MET A 1 40  ? 3.219   -2.509  -2.344  1.00 18.77 ? 40  MET A N   1 
ATOM   298  C CA  . MET A 1 40  ? 3.771   -2.831  -1.045  1.00 18.57 ? 40  MET A CA  1 
ATOM   299  C C   . MET A 1 40  ? 4.556   -4.121  -1.120  1.00 20.22 ? 40  MET A C   1 
ATOM   300  O O   . MET A 1 40  ? 4.203   -5.101  -1.842  1.00 18.51 ? 40  MET A O   1 
ATOM   301  C CB  . MET A 1 40  ? 2.668   -2.921  -0.037  1.00 16.90 ? 40  MET A CB  1 
ATOM   302  C CG  . MET A 1 40  ? 3.015   -3.172  1.453   1.00 19.46 ? 40  MET A CG  1 
ATOM   303  S SD  . MET A 1 40  ? 4.325   -1.996  2.040   1.00 19.90 ? 40  MET A SD  1 
ATOM   304  C CE  . MET A 1 40  ? 3.632   -0.356  1.682   1.00 19.69 ? 40  MET A CE  1 
ATOM   305  N N   . ASP A 1 41  ? 5.704   -4.112  -0.442  1.00 18.71 ? 41  ASP A N   1 
ATOM   306  C CA  . ASP A 1 41  ? 6.548   -5.298  -0.440  1.00 19.20 ? 41  ASP A CA  1 
ATOM   307  C C   . ASP A 1 41  ? 6.036   -6.364  0.479   1.00 21.03 ? 41  ASP A C   1 
ATOM   308  O O   . ASP A 1 41  ? 6.035   -7.603  0.121   1.00 22.45 ? 41  ASP A O   1 
ATOM   309  C CB  . ASP A 1 41  ? 8.029   -4.945  -0.259  1.00 20.60 ? 41  ASP A CB  1 
ATOM   310  C CG  . ASP A 1 41  ? 8.322   -4.232  1.064   1.00 25.12 ? 41  ASP A CG  1 
ATOM   311  O OD1 . ASP A 1 41  ? 7.415   -3.723  1.774   1.00 24.12 ? 41  ASP A OD1 1 
ATOM   312  O OD2 . ASP A 1 41  ? 9.494   -4.255  1.466   1.00 30.96 ? 41  ASP A OD2 1 
ATOM   313  N N   . ILE A 1 42  ? 5.661   -5.981  1.698   1.00 19.69 ? 42  ILE A N   1 
ATOM   314  C CA  . ILE A 1 42  ? 5.136   -6.918  2.711   1.00 19.39 ? 42  ILE A CA  1 
ATOM   315  C C   . ILE A 1 42  ? 4.008   -6.256  3.416   1.00 18.55 ? 42  ILE A C   1 
ATOM   316  O O   . ILE A 1 42  ? 4.135   -5.079  3.879   1.00 19.17 ? 42  ILE A O   1 
ATOM   317  C CB  . ILE A 1 42  ? 6.245   -7.328  3.711   1.00 23.70 ? 42  ILE A CB  1 
ATOM   318  C CG1 . ILE A 1 42  ? 7.499   -7.749  3.003   1.00 29.68 ? 42  ILE A CG1 1 
ATOM   319  C CG2 . ILE A 1 42  ? 5.712   -8.417  4.658   1.00 29.05 ? 42  ILE A CG2 1 
ATOM   320  C CD1 . ILE A 1 42  ? 8.711   -8.191  3.829   1.00 33.68 ? 42  ILE A CD1 1 
ATOM   321  N N   . PHE A 1 43  ? 2.849   -6.916  3.451   1.00 21.03 ? 43  PHE A N   1 
ATOM   322  C CA  . PHE A 1 43  ? 1.628   -6.373  4.050   1.00 19.54 ? 43  PHE A CA  1 
ATOM   323  C C   . PHE A 1 43  ? 1.075   -7.413  5.069   1.00 21.73 ? 43  PHE A C   1 
ATOM   324  O O   . PHE A 1 43  ? 0.367   -8.376  4.714   1.00 20.71 ? 43  PHE A O   1 
ATOM   325  C CB  . PHE A 1 43  ? 0.615   -5.985  2.984   1.00 21.94 ? 43  PHE A CB  1 
ATOM   326  C CG  . PHE A 1 43  ? -0.593  -5.227  3.444   1.00 20.02 ? 43  PHE A CG  1 
ATOM   327  C CD1 . PHE A 1 43  ? -0.916  -4.942  4.788   1.00 21.11 ? 43  PHE A CD1 1 
ATOM   328  C CD2 . PHE A 1 43  ? -1.471  -4.743  2.472   1.00 20.07 ? 43  PHE A CD2 1 
ATOM   329  C CE1 . PHE A 1 43  ? -2.050  -4.232  5.080   1.00 21.76 ? 43  PHE A CE1 1 
ATOM   330  C CE2 . PHE A 1 43  ? -2.600  -4.034  2.780   1.00 20.81 ? 43  PHE A CE2 1 
ATOM   331  C CZ  . PHE A 1 43  ? -2.910  -3.781  4.108   1.00 21.97 ? 43  PHE A CZ  1 
ATOM   332  N N   . THR A 1 44  ? 1.405   -7.187  6.335   1.00 20.47 ? 44  THR A N   1 
ATOM   333  C CA  . THR A 1 44  ? 0.875   -7.981  7.432   1.00 22.58 ? 44  THR A CA  1 
ATOM   334  C C   . THR A 1 44  ? 0.183   -7.208  8.527   1.00 24.95 ? 44  THR A C   1 
ATOM   335  O O   . THR A 1 44  ? -0.368  -7.805  9.414   1.00 22.68 ? 44  THR A O   1 
ATOM   336  C CB  . THR A 1 44  ? 1.961   -8.837  8.029   1.00 22.71 ? 44  THR A CB  1 
ATOM   337  O OG1 . THR A 1 44  ? 2.952   -8.055  8.641   1.00 25.82 ? 44  THR A OG1 1 
ATOM   338  C CG2 . THR A 1 44  ? 2.643   -9.742  6.996   1.00 24.80 ? 44  THR A CG2 1 
ATOM   339  N N   . ASP A 1 45  ? 0.151   -5.878  8.444   1.00 22.22 ? 45  ASP A N   1 
ATOM   340  C CA  . ASP A 1 45  ? -0.399  -5.051  9.494   1.00 23.38 ? 45  ASP A CA  1 
ATOM   341  C C   . ASP A 1 45  ? -1.940  -5.064  9.443   1.00 23.74 ? 45  ASP A C   1 
ATOM   342  O O   . ASP A 1 45  ? -2.618  -4.572  8.467   1.00 19.69 ? 45  ASP A O   1 
ATOM   343  C CB  . ASP A 1 45  ? 0.053   -3.602  9.348   1.00 24.10 ? 45  ASP A CB  1 
ATOM   344  C CG  . ASP A 1 45  ? -0.406  -2.721  10.522  1.00 21.92 ? 45  ASP A CG  1 
ATOM   345  O OD1 . ASP A 1 45  ? -1.605  -2.587  10.763  1.00 24.35 ? 45  ASP A OD1 1 
ATOM   346  O OD2 . ASP A 1 45  ? 0.472   -2.155  11.173  1.00 24.86 ? 45  ASP A OD2 1 
ATOM   347  N N   . VAL A 1 46  ? -2.481  -5.671  10.485  1.00 21.05 ? 46  VAL A N   1 
ATOM   348  C CA  . VAL A 1 46  ? -3.922  -5.887  10.530  1.00 24.03 ? 46  VAL A CA  1 
ATOM   349  C C   . VAL A 1 46  ? -4.740  -4.599  10.634  1.00 23.01 ? 46  VAL A C   1 
ATOM   350  O O   . VAL A 1 46  ? -5.857  -4.509  10.152  1.00 22.61 ? 46  VAL A O   1 
ATOM   351  C CB  . VAL A 1 46  ? -4.229  -6.890  11.719  1.00 27.04 ? 46  VAL A CB  1 
ATOM   352  C CG1 . VAL A 1 46  ? -5.724  -6.948  11.959  1.00 32.85 ? 46  VAL A CG1 1 
ATOM   353  C CG2 . VAL A 1 46  ? -3.643  -8.255  11.419  1.00 28.86 ? 46  VAL A CG2 1 
ATOM   354  N N   . ASP A 1 47  ? -4.238  -3.592  11.330  1.00 22.83 ? 47  ASP A N   1 
ATOM   355  C CA  . ASP A 1 47  ? -4.960  -2.354  11.495  1.00 23.06 ? 47  ASP A CA  1 
ATOM   356  C C   . ASP A 1 47  ? -5.138  -1.633  10.129  1.00 22.53 ? 47  ASP A C   1 
ATOM   357  O O   . ASP A 1 47  ? -6.193  -1.061  9.784   1.00 23.81 ? 47  ASP A O   1 
ATOM   358  C CB  . ASP A 1 47  ? -4.180  -1.446  12.478  1.00 24.79 ? 47  ASP A CB  1 
ATOM   359  C CG  . ASP A 1 47  ? -4.013  -2.058  13.885  1.00 29.98 ? 47  ASP A CG  1 
ATOM   360  O OD1 . ASP A 1 47  ? -5.004  -2.601  14.408  1.00 28.09 ? 47  ASP A OD1 1 
ATOM   361  O OD2 . ASP A 1 47  ? -2.924  -1.921  14.453  1.00 27.18 ? 47  ASP A OD2 1 
ATOM   362  N N   . ILE A 1 48  ? -4.052  -1.614  9.361   1.00 21.90 ? 48  ILE A N   1 
ATOM   363  C CA  . ILE A 1 48  ? -4.087  -1.016  8.059   1.00 20.41 ? 48  ILE A CA  1 
ATOM   364  C C   . ILE A 1 48  ? -4.986  -1.810  7.113   1.00 21.66 ? 48  ILE A C   1 
ATOM   365  O O   . ILE A 1 48  ? -5.814  -1.271  6.413   1.00 22.02 ? 48  ILE A O   1 
ATOM   366  C CB  . ILE A 1 48  ? -2.679  -0.856  7.482   1.00 19.50 ? 48  ILE A CB  1 
ATOM   367  C CG1 . ILE A 1 48  ? -1.886  0.118   8.346   1.00 20.41 ? 48  ILE A CG1 1 
ATOM   368  C CG2 . ILE A 1 48  ? -2.801  -0.344  6.053   1.00 20.02 ? 48  ILE A CG2 1 
ATOM   369  C CD1 . ILE A 1 48  ? -0.416  0.220   8.048   1.00 19.93 ? 48  ILE A CD1 1 
ATOM   370  N N   . PHE A 1 49  ? -4.877  -3.139  7.183   1.00 20.57 ? 49  PHE A N   1 
ATOM   371  C CA  . PHE A 1 49  ? -5.766  -3.972  6.413   1.00 22.13 ? 49  PHE A CA  1 
ATOM   372  C C   . PHE A 1 49  ? -7.233  -3.723  6.710   1.00 20.65 ? 49  PHE A C   1 
ATOM   373  O O   . PHE A 1 49  ? -8.060  -3.611  5.796   1.00 21.64 ? 49  PHE A O   1 
ATOM   374  C CB  . PHE A 1 49  ? -5.387  -5.430  6.598   1.00 23.06 ? 49  PHE A CB  1 
ATOM   375  C CG  . PHE A 1 49  ? -6.255  -6.362  5.765   1.00 27.92 ? 49  PHE A CG  1 
ATOM   376  C CD1 . PHE A 1 49  ? -6.179  -6.329  4.363   1.00 28.35 ? 49  PHE A CD1 1 
ATOM   377  C CD2 . PHE A 1 49  ? -7.161  -7.252  6.378   1.00 32.10 ? 49  PHE A CD2 1 
ATOM   378  C CE1 . PHE A 1 49  ? -7.012  -7.142  3.594   1.00 30.73 ? 49  PHE A CE1 1 
ATOM   379  C CE2 . PHE A 1 49  ? -7.971  -8.091  5.583   1.00 31.58 ? 49  PHE A CE2 1 
ATOM   380  C CZ  . PHE A 1 49  ? -7.888  -8.025  4.222   1.00 29.65 ? 49  PHE A CZ  1 
ATOM   381  N N   . LYS A 1 50  ? -7.576  -3.622  8.005   1.00 22.51 ? 50  LYS A N   1 
ATOM   382  C CA  . LYS A 1 50  ? -8.975  -3.295  8.405   1.00 23.45 ? 50  LYS A CA  1 
ATOM   383  C C   . LYS A 1 50  ? -9.500  -2.024  7.802   1.00 23.29 ? 50  LYS A C   1 
ATOM   384  O O   . LYS A 1 50  ? -10.659 -1.918  7.312   1.00 22.10 ? 50  LYS A O   1 
ATOM   385  C CB  . LYS A 1 50  ? -9.061  -3.247  9.942   1.00 28.91 ? 50  LYS A CB  1 
ATOM   386  C CG  . LYS A 1 50  ? -10.281 -2.599  10.598  1.00 44.18 ? 50  LYS A CG  1 
ATOM   387  C CD  . LYS A 1 50  ? -9.880  -1.176  11.089  1.00 58.85 ? 50  LYS A CD  1 
ATOM   388  C CE  . LYS A 1 50  ? -10.968 -0.130  11.238  1.00 58.79 ? 50  LYS A CE  1 
ATOM   389  N NZ  . LYS A 1 50  ? -12.039 -0.669  12.132  1.00 70.75 ? 50  LYS A NZ  1 
ATOM   390  N N   . GLU A 1 51  ? -8.657  -0.992  7.867   1.00 23.94 ? 51  GLU A N   1 
ATOM   391  C CA  . GLU A 1 51  ? -9.009  0.314   7.234   1.00 24.70 ? 51  GLU A CA  1 
ATOM   392  C C   . GLU A 1 51  ? -9.268  0.165   5.710   1.00 20.84 ? 51  GLU A C   1 
ATOM   393  O O   . GLU A 1 51  ? -10.223 0.694   5.170   1.00 23.45 ? 51  GLU A O   1 
ATOM   394  C CB  . GLU A 1 51  ? -7.828  1.303   7.486   1.00 31.23 ? 51  GLU A CB  1 
ATOM   395  C CG  . GLU A 1 51  ? -8.226  2.663   7.851   1.00 38.36 ? 51  GLU A CG  1 
ATOM   396  C CD  . GLU A 1 51  ? -9.000  2.681   9.174   1.00 37.04 ? 51  GLU A CD  1 
ATOM   397  O OE1 . GLU A 1 51  ? -8.433  2.446   10.247  1.00 39.46 ? 51  GLU A OE1 1 
ATOM   398  O OE2 . GLU A 1 51  ? -10.171 2.950   9.075   1.00 42.54 ? 51  GLU A OE2 1 
ATOM   399  N N   . ILE A 1 52  ? -8.454  -0.609  5.001   1.00 22.77 ? 52  ILE A N   1 
ATOM   400  C CA  . ILE A 1 52  ? -8.621  -0.816  3.556   1.00 22.53 ? 52  ILE A CA  1 
ATOM   401  C C   . ILE A 1 52  ? -9.954  -1.605  3.298   1.00 22.58 ? 52  ILE A C   1 
ATOM   402  O O   . ILE A 1 52  ? -10.768 -1.215  2.486   1.00 21.33 ? 52  ILE A O   1 
ATOM   403  C CB  . ILE A 1 52  ? -7.408  -1.604  3.048   1.00 26.68 ? 52  ILE A CB  1 
ATOM   404  C CG1 . ILE A 1 52  ? -6.253  -0.650  2.935   1.00 29.90 ? 52  ILE A CG1 1 
ATOM   405  C CG2 . ILE A 1 52  ? -7.658  -2.294  1.690   1.00 28.71 ? 52  ILE A CG2 1 
ATOM   406  C CD1 . ILE A 1 52  ? -5.016  -1.217  2.304   1.00 34.50 ? 52  ILE A CD1 1 
ATOM   407  N N   . VAL A 1 53  ? -10.187 -2.631  4.099   1.00 23.95 ? 53  VAL A N   1 
ATOM   408  C CA  . VAL A 1 53  ? -11.478 -3.366  3.979   1.00 27.34 ? 53  VAL A CA  1 
ATOM   409  C C   . VAL A 1 53  ? -12.661 -2.450  4.217   1.00 26.61 ? 53  VAL A C   1 
ATOM   410  O O   . VAL A 1 53  ? -13.612 -2.462  3.406   1.00 28.52 ? 53  VAL A O   1 
ATOM   411  C CB  . VAL A 1 53  ? -11.509 -4.642  4.870   1.00 24.70 ? 53  VAL A CB  1 
ATOM   412  C CG1 . VAL A 1 53  ? -12.903 -5.334  4.780   1.00 27.74 ? 53  VAL A CG1 1 
ATOM   413  C CG2 . VAL A 1 53  ? -10.404 -5.553  4.470   1.00 26.56 ? 53  VAL A CG2 1 
ATOM   414  N N   . GLU A 1 54  ? -12.605 -1.605  5.235   1.00 26.16 ? 54  GLU A N   1 
ATOM   415  C CA  . GLU A 1 54  ? -13.687 -0.645  5.471   1.00 28.89 ? 54  GLU A CA  1 
ATOM   416  C C   . GLU A 1 54  ? -13.893 0.348   4.362   1.00 25.14 ? 54  GLU A C   1 
ATOM   417  O O   . GLU A 1 54  ? -14.997 0.682   3.921   1.00 25.67 ? 54  GLU A O   1 
ATOM   418  C CB  . GLU A 1 54  ? -13.450 0.091   6.781   1.00 32.83 ? 54  GLU A CB  1 
ATOM   419  C CG  . GLU A 1 54  ? -13.707 -0.881  7.896   1.00 43.14 ? 54  GLU A CG  1 
ATOM   420  C CD  . GLU A 1 54  ? -13.733 -0.249  9.256   1.00 52.39 ? 54  GLU A CD  1 
ATOM   421  O OE1 . GLU A 1 54  ? -13.736 -1.054  10.225  1.00 55.35 ? 54  GLU A OE1 1 
ATOM   422  O OE2 . GLU A 1 54  ? -13.764 1.007   9.331   1.00 56.57 ? 54  GLU A OE2 1 
ATOM   423  N N   . ALA A 1 55  ? -12.801 0.756   3.750   1.00 24.60 ? 55  ALA A N   1 
ATOM   424  C CA  . ALA A 1 55  ? -12.900 1.674   2.672   1.00 26.56 ? 55  ALA A CA  1 
ATOM   425  C C   . ALA A 1 55  ? -13.622 0.968   1.525   1.00 24.06 ? 55  ALA A C   1 
ATOM   426  O O   . ALA A 1 55  ? -14.478 1.558   0.857   1.00 23.61 ? 55  ALA A O   1 
ATOM   427  C CB  . ALA A 1 55  ? -11.479 2.166   2.227   1.00 26.24 ? 55  ALA A CB  1 
ATOM   428  N N   . SER A 1 56  ? -13.214 -0.261  1.243   1.00 24.48 ? 56  SER A N   1 
ATOM   429  C CA  . SER A 1 56  ? -13.840 -1.002  0.136   1.00 27.18 ? 56  SER A CA  1 
ATOM   430  C C   . SER A 1 56  ? -15.335 -1.212  0.389   1.00 28.22 ? 56  SER A C   1 
ATOM   431  O O   . SER A 1 56  ? -16.100 -1.146  -0.558  1.00 29.87 ? 56  SER A O   1 
ATOM   432  C CB  . SER A 1 56  ? -13.163 -2.349  -0.147  1.00 26.59 ? 56  SER A CB  1 
ATOM   433  O OG  . SER A 1 56  ? -13.461 -3.326  0.778   1.00 30.06 ? 56  SER A OG  1 
ATOM   434  N N   . THR A 1 57  ? -15.721 -1.350  1.644   1.00 30.37 ? 57  THR A N   1 
ATOM   435  C CA  . THR A 1 57  ? -17.166 -1.519  1.916   1.00 32.58 ? 57  THR A CA  1 
ATOM   436  C C   . THR A 1 57  ? -17.980 -0.195  1.765   1.00 35.32 ? 57  THR A C   1 
ATOM   437  O O   . THR A 1 57  ? -19.172 -0.220  1.504   1.00 36.79 ? 57  THR A O   1 
ATOM   438  C CB  . THR A 1 57  ? -17.414 -2.311  3.185   1.00 35.16 ? 57  THR A CB  1 
ATOM   439  O OG1 . THR A 1 57  ? -17.124 -1.521  4.304   1.00 46.22 ? 57  THR A OG1 1 
ATOM   440  C CG2 . THR A 1 57  ? -16.552 -3.568  3.285   1.00 35.05 ? 57  THR A CG2 1 
ATOM   441  N N   . ARG A 1 58  ? -17.359 0.951   1.882   1.00 33.11 ? 58  ARG A N   1 
ATOM   442  C CA  . ARG A 1 58  ? -17.996 2.262   1.523   1.00 33.82 ? 58  ARG A CA  1 
ATOM   443  C C   . ARG A 1 58  ? -18.104 2.407   0.047   1.00 30.33 ? 58  ARG A C   1 
ATOM   444  O O   . ARG A 1 58  ? -18.669 3.391   -0.410  1.00 35.28 ? 58  ARG A O   1 
ATOM   445  C CB  . ARG A 1 58  ? -17.097 3.475   1.877   1.00 38.00 ? 58  ARG A CB  1 
ATOM   446  C CG  . ARG A 1 58  ? -16.751 3.695   3.300   1.00 36.72 ? 58  ARG A CG  1 
ATOM   447  C CD  . ARG A 1 58  ? -16.290 5.116   3.549   1.00 40.80 ? 58  ARG A CD  1 
ATOM   448  N NE  . ARG A 1 58  ? -14.973 5.448   2.939   1.00 36.03 ? 58  ARG A NE  1 
ATOM   449  C CZ  . ARG A 1 58  ? -13.806 5.127   3.472   1.00 31.55 ? 58  ARG A CZ  1 
ATOM   450  N NH1 . ARG A 1 58  ? -13.733 4.422   4.586   1.00 34.21 ? 58  ARG A NH1 1 
ATOM   451  N NH2 . ARG A 1 58  ? -12.671 5.490   2.868   1.00 30.28 ? 58  ARG A NH2 1 
ATOM   452  N N   . GLY A 1 59  ? -17.448 1.574   -0.762  1.00 31.43 ? 59  GLY A N   1 
ATOM   453  C CA  . GLY A 1 59  ? -17.526 1.771   -2.220  1.00 29.40 ? 59  GLY A CA  1 
ATOM   454  C C   . GLY A 1 59  ? -16.252 2.228   -2.921  1.00 31.89 ? 59  GLY A C   1 
ATOM   455  O O   . GLY A 1 59  ? -16.254 2.480   -4.115  1.00 31.02 ? 59  GLY A O   1 
ATOM   456  N N   . VAL A 1 60  ? -15.171 2.367   -2.162  1.00 28.02 ? 60  VAL A N   1 
ATOM   457  C CA  . VAL A 1 60  ? -13.882 2.788   -2.721  1.00 23.18 ? 60  VAL A CA  1 
ATOM   458  C C   . VAL A 1 60  ? -13.297 1.594   -3.484  1.00 23.70 ? 60  VAL A C   1 
ATOM   459  O O   . VAL A 1 60  ? -13.265 0.460   -2.977  1.00 26.96 ? 60  VAL A O   1 
ATOM   460  C CB  . VAL A 1 60  ? -12.934 3.246   -1.575  1.00 23.81 ? 60  VAL A CB  1 
ATOM   461  C CG1 . VAL A 1 60  ? -11.574 3.571   -2.153  1.00 22.84 ? 60  VAL A CG1 1 
ATOM   462  C CG2 . VAL A 1 60  ? -13.494 4.410   -0.752  1.00 25.79 ? 60  VAL A CG2 1 
ATOM   463  N N   . SER A 1 61  ? -12.807 1.829   -4.678  1.00 25.50 ? 61  SER A N   1 
ATOM   464  C CA  . SER A 1 61  ? -12.115 0.828   -5.488  1.00 24.97 ? 61  SER A CA  1 
ATOM   465  C C   . SER A 1 61  ? -10.709 0.697   -4.985  1.00 24.43 ? 61  SER A C   1 
ATOM   466  O O   . SER A 1 61  ? -10.028 1.697   -4.868  1.00 23.06 ? 61  SER A O   1 
ATOM   467  C CB  . SER A 1 61  ? -12.047 1.315   -6.952  1.00 27.52 ? 61  SER A CB  1 
ATOM   468  O OG  . SER A 1 61  ? -13.333 1.190   -7.455  1.00 32.75 ? 61  SER A OG  1 
ATOM   469  N N   . VAL A 1 62  ? -10.322 -0.487  -4.564  1.00 22.23 ? 62  VAL A N   1 
ATOM   470  C CA  . VAL A 1 62  ? -8.962  -0.679  -3.986  1.00 23.92 ? 62  VAL A CA  1 
ATOM   471  C C   . VAL A 1 62  ? -8.178  -1.638  -4.874  1.00 26.12 ? 62  VAL A C   1 
ATOM   472  O O   . VAL A 1 62  ? -8.601  -2.829  -5.121  1.00 24.47 ? 62  VAL A O   1 
ATOM   473  C CB  . VAL A 1 62  ? -9.077  -1.323  -2.619  1.00 22.84 ? 62  VAL A CB  1 
ATOM   474  C CG1 . VAL A 1 62  ? -7.721  -1.544  -2.000  1.00 23.82 ? 62  VAL A CG1 1 
ATOM   475  C CG2 . VAL A 1 62  ? -9.974  -0.464  -1.741  1.00 24.77 ? 62  VAL A CG2 1 
ATOM   476  N N   . TYR A 1 63  ? -7.004  -1.184  -5.322  1.00 20.77 ? 63  TYR A N   1 
ATOM   477  C CA  . TYR A 1 63  ? -6.091  -2.034  -6.110  1.00 21.57 ? 63  TYR A CA  1 
ATOM   478  C C   . TYR A 1 63  ? -4.754  -2.204  -5.355  1.00 21.02 ? 63  TYR A C   1 
ATOM   479  O O   . TYR A 1 63  ? -4.157  -1.190  -4.968  1.00 21.17 ? 63  TYR A O   1 
ATOM   480  C CB  . TYR A 1 63  ? -5.780  -1.353  -7.452  1.00 23.15 ? 63  TYR A CB  1 
ATOM   481  C CG  . TYR A 1 63  ? -7.004  -1.109  -8.335  1.00 24.56 ? 63  TYR A CG  1 
ATOM   482  C CD1 . TYR A 1 63  ? -7.712  0.096   -8.216  1.00 26.78 ? 63  TYR A CD1 1 
ATOM   483  C CD2 . TYR A 1 63  ? -7.407  -2.049  -9.306  1.00 29.08 ? 63  TYR A CD2 1 
ATOM   484  C CE1 . TYR A 1 63  ? -8.794  0.365   -9.015  1.00 33.12 ? 63  TYR A CE1 1 
ATOM   485  C CE2 . TYR A 1 63  ? -8.548  -1.791  -10.123 1.00 28.29 ? 63  TYR A CE2 1 
ATOM   486  C CZ  . TYR A 1 63  ? -9.202  -0.580  -9.957  1.00 32.75 ? 63  TYR A CZ  1 
ATOM   487  O OH  . TYR A 1 63  ? -10.303 -0.276  -10.721 1.00 44.73 ? 63  TYR A OH  1 
ATOM   488  N N   . ILE A 1 64  ? -4.347  -3.435  -5.082  1.00 18.97 ? 64  ILE A N   1 
ATOM   489  C CA  . ILE A 1 64  ? -3.202  -3.714  -4.311  1.00 21.51 ? 64  ILE A CA  1 
ATOM   490  C C   . ILE A 1 64  ? -2.261  -4.538  -5.140  1.00 21.51 ? 64  ILE A C   1 
ATOM   491  O O   . ILE A 1 64  ? -2.639  -5.604  -5.714  1.00 21.39 ? 64  ILE A O   1 
ATOM   492  C CB  . ILE A 1 64  ? -3.560  -4.474  -3.011  1.00 23.14 ? 64  ILE A CB  1 
ATOM   493  C CG1 . ILE A 1 64  ? -4.613  -3.719  -2.220  1.00 22.94 ? 64  ILE A CG1 1 
ATOM   494  C CG2 . ILE A 1 64  ? -2.324  -4.635  -2.190  1.00 22.37 ? 64  ILE A CG2 1 
ATOM   495  C CD1 . ILE A 1 64  ? -4.923  -4.399  -0.879  1.00 25.52 ? 64  ILE A CD1 1 
ATOM   496  N N   . LEU A 1 65  ? -1.037  -4.046  -5.258  1.00 20.03 ? 65  LEU A N   1 
ATOM   497  C CA  . LEU A 1 65  ? 0.067   -4.783  -5.924  1.00 19.68 ? 65  LEU A CA  1 
ATOM   498  C C   . LEU A 1 65  ? 1.109   -5.181  -4.877  1.00 21.53 ? 65  LEU A C   1 
ATOM   499  O O   . LEU A 1 65  ? 1.684   -4.284  -4.200  1.00 18.86 ? 65  LEU A O   1 
ATOM   500  C CB  . LEU A 1 65  ? 0.759   -3.910  -6.999  1.00 21.03 ? 65  LEU A CB  1 
ATOM   501  C CG  . LEU A 1 65  ? -0.163  -3.513  -8.106  1.00 22.72 ? 65  LEU A CG  1 
ATOM   502  C CD1 . LEU A 1 65  ? 0.597   -2.631  -9.142  1.00 26.65 ? 65  LEU A CD1 1 
ATOM   503  C CD2 . LEU A 1 65  ? -0.718  -4.802  -8.769  1.00 23.57 ? 65  LEU A CD2 1 
ATOM   504  N N   . LEU A 1 66  ? 1.335   -6.472  -4.684  1.00 19.32 ? 66  LEU A N   1 
ATOM   505  C CA  . LEU A 1 66  ? 2.220   -6.987  -3.700  1.00 19.37 ? 66  LEU A CA  1 
ATOM   506  C C   . LEU A 1 66  ? 3.382   -7.731  -4.283  1.00 18.36 ? 66  LEU A C   1 
ATOM   507  O O   . LEU A 1 66  ? 3.196   -8.410  -5.298  1.00 19.68 ? 66  LEU A O   1 
ATOM   508  C CB  . LEU A 1 66  ? 1.543   -7.899  -2.677  1.00 18.92 ? 66  LEU A CB  1 
ATOM   509  C CG  . LEU A 1 66  ? 0.439   -7.249  -1.895  1.00 21.79 ? 66  LEU A CG  1 
ATOM   510  C CD1 . LEU A 1 66  ? -0.330  -8.305  -1.108  1.00 23.90 ? 66  LEU A CD1 1 
ATOM   511  C CD2 . LEU A 1 66  ? 1.012   -6.119  -1.023  1.00 23.45 ? 66  LEU A CD2 1 
ATOM   512  N N   . ASP A 1 67  ? 4.565   -7.599  -3.672  1.00 19.10 ? 67  ASP A N   1 
ATOM   513  C CA  . ASP A 1 67  ? 5.712   -8.412  -4.047  1.00 21.46 ? 67  ASP A CA  1 
ATOM   514  C C   . ASP A 1 67  ? 5.335   -9.917  -3.996  1.00 21.93 ? 67  ASP A C   1 
ATOM   515  O O   . ASP A 1 67  ? 4.747   -10.410 -3.031  1.00 20.24 ? 67  ASP A O   1 
ATOM   516  C CB  . ASP A 1 67  ? 6.890   -8.204  -3.133  1.00 21.77 ? 67  ASP A CB  1 
ATOM   517  C CG  . ASP A 1 67  ? 8.008   -9.171  -3.420  1.00 26.64 ? 67  ASP A CG  1 
ATOM   518  O OD1 . ASP A 1 67  ? 8.577   -9.050  -4.539  1.00 22.31 ? 67  ASP A OD1 1 
ATOM   519  O OD2 . ASP A 1 67  ? 8.267   -10.082 -2.534  1.00 25.09 ? 67  ASP A OD2 1 
ATOM   520  N N   . GLU A 1 68  ? 5.668   -10.620 -5.063  1.00 21.33 ? 68  GLU A N   1 
ATOM   521  C CA  . GLU A 1 68  ? 5.241   -12.036 -5.172  1.00 21.61 ? 68  GLU A CA  1 
ATOM   522  C C   . GLU A 1 68  ? 5.867   -12.899 -4.081  1.00 20.32 ? 68  GLU A C   1 
ATOM   523  O O   . GLU A 1 68  ? 5.195   -13.744 -3.460  1.00 24.49 ? 68  GLU A O   1 
ATOM   524  C CB  . GLU A 1 68  ? 5.609   -12.573 -6.545  1.00 23.78 ? 68  GLU A CB  1 
ATOM   525  C CG  . GLU A 1 68  ? 4.986   -13.944 -6.825  1.00 30.22 ? 68  GLU A CG  1 
ATOM   526  C CD  . GLU A 1 68  ? 5.685   -14.588 -7.985  1.00 37.28 ? 68  GLU A CD  1 
ATOM   527  O OE1 . GLU A 1 68  ? 5.299   -14.250 -9.099  1.00 41.57 ? 68  GLU A OE1 1 
ATOM   528  O OE2 . GLU A 1 68  ? 6.703   -15.276 -7.766  1.00 47.52 ? 68  GLU A OE2 1 
ATOM   529  N N   . SER A 1 69  ? 7.176   -12.766 -3.858  1.00 21.00 ? 69  SER A N   1 
ATOM   530  C CA  . SER A 1 69  ? 7.862   -13.558 -2.896  1.00 23.14 ? 69  SER A CA  1 
ATOM   531  C C   . SER A 1 69  ? 7.355   -13.500 -1.495  1.00 25.69 ? 69  SER A C   1 
ATOM   532  O O   . SER A 1 69  ? 7.486   -14.487 -0.749  1.00 22.73 ? 69  SER A O   1 
ATOM   533  C CB  . SER A 1 69  ? 9.383   -13.324 -3.000  1.00 24.35 ? 69  SER A CB  1 
ATOM   534  O OG  . SER A 1 69  ? 9.783   -12.167 -2.273  1.00 25.96 ? 69  SER A OG  1 
ATOM   535  N N   . ASN A 1 70  ? 6.748   -12.378 -1.100  1.00 23.15 ? 70  ASN A N   1 
ATOM   536  C CA  . ASN A 1 70  ? 6.207   -12.170 0.245   1.00 24.08 ? 70  ASN A CA  1 
ATOM   537  C C   . ASN A 1 70  ? 4.696   -12.280 0.292   1.00 22.98 ? 70  ASN A C   1 
ATOM   538  O O   . ASN A 1 70  ? 4.096   -12.049 1.333   1.00 23.41 ? 70  ASN A O   1 
ATOM   539  C CB  . ASN A 1 70  ? 6.652   -10.758 0.782   1.00 24.96 ? 70  ASN A CB  1 
ATOM   540  C CG  . ASN A 1 70  ? 8.122   -10.697 1.086   1.00 30.21 ? 70  ASN A CG  1 
ATOM   541  O OD1 . ASN A 1 70  ? 8.914   -9.925  0.424   1.00 33.86 ? 70  ASN A OD1 1 
ATOM   542  N ND2 . ASN A 1 70  ? 8.523   -11.524 2.011   1.00 28.52 ? 70  ASN A ND2 1 
ATOM   543  N N   . PHE A 1 71  ? 4.044   -12.659 -0.797  1.00 20.52 ? 71  PHE A N   1 
ATOM   544  C CA  . PHE A 1 71  ? 2.577   -12.618 -0.839  1.00 21.99 ? 71  PHE A CA  1 
ATOM   545  C C   . PHE A 1 71  ? 1.951   -13.592 0.205   1.00 22.68 ? 71  PHE A C   1 
ATOM   546  O O   . PHE A 1 71  ? 0.906   -13.329 0.765   1.00 22.09 ? 71  PHE A O   1 
ATOM   547  C CB  . PHE A 1 71  ? 2.075   -13.022 -2.276  1.00 20.86 ? 71  PHE A CB  1 
ATOM   548  C CG  . PHE A 1 71  ? 0.615   -13.014 -2.419  1.00 25.10 ? 71  PHE A CG  1 
ATOM   549  C CD1 . PHE A 1 71  ? -0.081  -11.831 -2.466  1.00 27.22 ? 71  PHE A CD1 1 
ATOM   550  C CD2 . PHE A 1 71  ? -0.092  -14.215 -2.536  1.00 31.86 ? 71  PHE A CD2 1 
ATOM   551  C CE1 . PHE A 1 71  ? -1.432  -11.843 -2.564  1.00 28.78 ? 71  PHE A CE1 1 
ATOM   552  C CE2 . PHE A 1 71  ? -1.451  -14.212 -2.689  1.00 31.00 ? 71  PHE A CE2 1 
ATOM   553  C CZ  . PHE A 1 71  ? -2.105  -13.008 -2.744  1.00 30.92 ? 71  PHE A CZ  1 
ATOM   554  N N   . ASN A 1 72  ? 2.614   -14.743 0.439   1.00 24.11 ? 72  ASN A N   1 
ATOM   555  C CA  . ASN A 1 72  ? 2.081   -15.696 1.416   1.00 26.49 ? 72  ASN A CA  1 
ATOM   556  C C   . ASN A 1 72  ? 1.835   -15.044 2.794   1.00 24.28 ? 72  ASN A C   1 
ATOM   557  O O   . ASN A 1 72  ? 0.900   -15.405 3.499   1.00 24.90 ? 72  ASN A O   1 
ATOM   558  C CB  . ASN A 1 72  ? 3.045   -16.886 1.565   1.00 29.07 ? 72  ASN A CB  1 
ATOM   559  C CG  . ASN A 1 72  ? 4.439   -16.511 2.045   1.00 35.52 ? 72  ASN A CG  1 
ATOM   560  O OD1 . ASN A 1 72  ? 5.231   -15.685 1.422   1.00 38.41 ? 72  ASN A OD1 1 
ATOM   561  N ND2 . ASN A 1 72  ? 4.825   -17.167 3.135   1.00 37.08 ? 72  ASN A ND2 1 
ATOM   562  N N   . HIS A 1 73  ? 2.685   -14.073 3.145   1.00 24.99 ? 73  HIS A N   1 
ATOM   563  C CA  . HIS A 1 73  ? 2.513   -13.382 4.420   1.00 24.57 ? 73  HIS A CA  1 
ATOM   564  C C   . HIS A 1 73  ? 1.204   -12.573 4.471   1.00 23.58 ? 73  HIS A C   1 
ATOM   565  O O   . HIS A 1 73  ? 0.518   -12.530 5.527   1.00 21.74 ? 73  HIS A O   1 
ATOM   566  C CB  . HIS A 1 73  ? 3.720   -12.529 4.721   1.00 25.79 ? 73  HIS A CB  1 
ATOM   567  C CG  . HIS A 1 73  ? 4.968   -13.306 4.883   1.00 28.20 ? 73  HIS A CG  1 
ATOM   568  N ND1 . HIS A 1 73  ? 5.170   -14.180 5.921   1.00 32.56 ? 73  HIS A ND1 1 
ATOM   569  C CD2 . HIS A 1 73  ? 6.103   -13.356 4.130   1.00 30.90 ? 73  HIS A CD2 1 
ATOM   570  C CE1 . HIS A 1 73  ? 6.365   -14.732 5.808   1.00 32.72 ? 73  HIS A CE1 1 
ATOM   571  N NE2 . HIS A 1 73  ? 6.943   -14.261 4.715   1.00 32.09 ? 73  HIS A NE2 1 
ATOM   572  N N   . PHE A 1 74  ? 0.846   -11.906 3.366   1.00 21.79 ? 74  PHE A N   1 
ATOM   573  C CA  . PHE A 1 74  ? -0.417  -11.244 3.274   1.00 22.31 ? 74  PHE A CA  1 
ATOM   574  C C   . PHE A 1 74  ? -1.507  -12.262 3.346   1.00 22.15 ? 74  PHE A C   1 
ATOM   575  O O   . PHE A 1 74  ? -2.519  -12.061 4.058   1.00 22.80 ? 74  PHE A O   1 
ATOM   576  C CB  . PHE A 1 74  ? -0.477  -10.412 1.988   1.00 22.14 ? 74  PHE A CB  1 
ATOM   577  C CG  . PHE A 1 74  ? -1.754  -9.828  1.693   1.00 22.99 ? 74  PHE A CG  1 
ATOM   578  C CD1 . PHE A 1 74  ? -2.172  -8.620  2.305   1.00 23.00 ? 74  PHE A CD1 1 
ATOM   579  C CD2 . PHE A 1 74  ? -2.585  -10.386 0.706   1.00 23.67 ? 74  PHE A CD2 1 
ATOM   580  C CE1 . PHE A 1 74  ? -3.422  -8.081  2.041   1.00 26.47 ? 74  PHE A CE1 1 
ATOM   581  C CE2 . PHE A 1 74  ? -3.802  -9.823  0.450   1.00 24.46 ? 74  PHE A CE2 1 
ATOM   582  C CZ  . PHE A 1 74  ? -4.231  -8.674  1.060   1.00 24.14 ? 74  PHE A CZ  1 
ATOM   583  N N   . LEU A 1 75  ? -1.388  -13.356 2.569   1.00 23.64 ? 75  LEU A N   1 
ATOM   584  C CA  . LEU A 1 75  ? -2.464  -14.380 2.589   1.00 27.01 ? 75  LEU A CA  1 
ATOM   585  C C   . LEU A 1 75  ? -2.661  -14.930 4.030   1.00 23.25 ? 75  LEU A C   1 
ATOM   586  O O   . LEU A 1 75  ? -3.794  -14.994 4.474   1.00 26.17 ? 75  LEU A O   1 
ATOM   587  C CB  . LEU A 1 75  ? -2.179  -15.537 1.610   1.00 31.11 ? 75  LEU A CB  1 
ATOM   588  C CG  . LEU A 1 75  ? -3.496  -16.147 1.039   1.00 47.47 ? 75  LEU A CG  1 
ATOM   589  C CD1 . LEU A 1 75  ? -4.049  -15.213 -0.045  1.00 44.18 ? 75  LEU A CD1 1 
ATOM   590  C CD2 . LEU A 1 75  ? -3.369  -17.620 0.548   1.00 46.06 ? 75  LEU A CD2 1 
ATOM   591  N N   . ASN A 1 76  ? -1.579  -15.227 4.720   1.00 24.11 ? 76  ASN A N   1 
ATOM   592  C CA  . ASN A 1 76  ? -1.639  -15.682 6.132   1.00 26.65 ? 76  ASN A CA  1 
ATOM   593  C C   . ASN A 1 76  ? -2.360  -14.696 7.024   1.00 28.98 ? 76  ASN A C   1 
ATOM   594  O O   . ASN A 1 76  ? -3.233  -15.041 7.840   1.00 25.30 ? 76  ASN A O   1 
ATOM   595  C CB  . ASN A 1 76  ? -0.259  -15.942 6.751   1.00 25.31 ? 76  ASN A CB  1 
ATOM   596  C CG  . ASN A 1 76  ? 0.439   -17.161 6.179   1.00 27.30 ? 76  ASN A CG  1 
ATOM   597  O OD1 . ASN A 1 76  ? 1.672   -17.252 6.213   1.00 28.60 ? 76  ASN A OD1 1 
ATOM   598  N ND2 . ASN A 1 76  ? -0.308  -18.031 5.579   1.00 24.78 ? 76  ASN A ND2 1 
ATOM   599  N N   . MET A 1 77  ? -2.078  -13.398 6.814   1.00 23.89 ? 77  MET A N   1 
ATOM   600  C CA  . MET A 1 77  ? -2.774  -12.411 7.595   1.00 23.86 ? 77  MET A CA  1 
ATOM   601  C C   . MET A 1 77  ? -4.261  -12.353 7.290   1.00 26.96 ? 77  MET A C   1 
ATOM   602  O O   . MET A 1 77  ? -5.086  -12.324 8.238   1.00 28.01 ? 77  MET A O   1 
ATOM   603  C CB  . MET A 1 77  ? -2.149  -11.061 7.431   1.00 26.85 ? 77  MET A CB  1 
ATOM   604  C CG  . MET A 1 77  ? -2.804  -10.038 8.323   1.00 29.31 ? 77  MET A CG  1 
ATOM   605  S SD  . MET A 1 77  ? -4.047  -9.140  7.468   1.00 32.14 ? 77  MET A SD  1 
ATOM   606  C CE  . MET A 1 77  ? -2.972  -8.064  6.527   1.00 30.55 ? 77  MET A CE  1 
ATOM   607  N N   . THR A 1 78  ? -4.642  -12.382 6.024   1.00 25.38 ? 78  THR A N   1 
ATOM   608  C CA  . THR A 1 78  ? -6.059  -12.352 5.694   1.00 23.61 ? 78  THR A CA  1 
ATOM   609  C C   . THR A 1 78  ? -6.813  -13.631 6.125   1.00 26.79 ? 78  THR A C   1 
ATOM   610  O O   . THR A 1 78  ? -7.959  -13.551 6.580   1.00 29.27 ? 78  THR A O   1 
ATOM   611  C CB  . THR A 1 78  ? -6.328  -12.133 4.221   1.00 27.66 ? 78  THR A CB  1 
ATOM   612  O OG1 . THR A 1 78  ? -5.804  -13.215 3.498   1.00 30.31 ? 78  THR A OG1 1 
ATOM   613  C CG2 . THR A 1 78  ? -5.684  -10.798 3.758   1.00 29.04 ? 78  THR A CG2 1 
ATOM   614  N N   . GLU A 1 79  ? -6.149  -14.770 6.063   1.00 26.55 ? 79  GLU A N   1 
ATOM   615  C CA  . GLU A 1 79  ? -6.744  -16.010 6.653   1.00 31.70 ? 79  GLU A CA  1 
ATOM   616  C C   . GLU A 1 79  ? -6.980  -15.936 8.158   1.00 29.72 ? 79  GLU A C   1 
ATOM   617  O O   . GLU A 1 79  ? -8.064  -16.302 8.623   1.00 30.69 ? 79  GLU A O   1 
ATOM   618  C CB  . GLU A 1 79  ? -5.819  -17.199 6.463   1.00 33.80 ? 79  GLU A CB  1 
ATOM   619  C CG  . GLU A 1 79  ? -5.867  -17.762 5.109   1.00 41.67 ? 79  GLU A CG  1 
ATOM   620  C CD  . GLU A 1 79  ? -5.659  -19.283 5.122   1.00 40.89 ? 79  GLU A CD  1 
ATOM   621  O OE1 . GLU A 1 79  ? -6.154  -19.808 4.140   1.00 45.88 ? 79  GLU A OE1 1 
ATOM   622  O OE2 . GLU A 1 79  ? -4.983  -19.896 6.024   1.00 34.34 ? 79  GLU A OE2 1 
ATOM   623  N N   . LYS A 1 80  ? -5.970  -15.503 8.912   1.00 30.72 ? 80  LYS A N   1 
ATOM   624  C CA  . LYS A 1 80  ? -6.124  -15.260 10.368  1.00 32.20 ? 80  LYS A CA  1 
ATOM   625  C C   . LYS A 1 80  ? -7.264  -14.319 10.669  1.00 32.46 ? 80  LYS A C   1 
ATOM   626  O O   . LYS A 1 80  ? -7.980  -14.509 11.641  1.00 32.35 ? 80  LYS A O   1 
ATOM   627  C CB  . LYS A 1 80  ? -4.889  -14.614 10.993  1.00 35.06 ? 80  LYS A CB  1 
ATOM   628  C CG  . LYS A 1 80  ? -3.773  -15.505 11.433  1.00 44.31 ? 80  LYS A CG  1 
ATOM   629  C CD  . LYS A 1 80  ? -2.940  -14.817 12.534  1.00 52.31 ? 80  LYS A CD  1 
ATOM   630  C CE  . LYS A 1 80  ? -1.717  -15.619 12.968  1.00 59.63 ? 80  LYS A CE  1 
ATOM   631  N NZ  . LYS A 1 80  ? -0.951  -16.258 11.838  1.00 62.03 ? 80  LYS A NZ  1 
ATOM   632  N N   . GLN A 1 81  ? -7.438  -13.291 9.851   1.00 31.11 ? 81  GLN A N   1 
ATOM   633  C CA  . GLN A 1 81  ? -8.521  -12.326 10.019  1.00 30.56 ? 81  GLN A CA  1 
ATOM   634  C C   . GLN A 1 81  ? -9.825  -12.764 9.501   1.00 31.24 ? 81  GLN A C   1 
ATOM   635  O O   . GLN A 1 81  ? -10.785 -12.094 9.785   1.00 35.08 ? 81  GLN A O   1 
ATOM   636  C CB  . GLN A 1 81  ? -8.187  -10.901 9.480   1.00 30.68 ? 81  GLN A CB  1 
ATOM   637  C CG  . GLN A 1 81  ? -6.989  -10.320 10.198  1.00 31.11 ? 81  GLN A CG  1 
ATOM   638  C CD  . GLN A 1 81  ? -7.231  -10.139 11.701  1.00 36.25 ? 81  GLN A CD  1 
ATOM   639  O OE1 . GLN A 1 81  ? -8.317  -9.707  12.081  1.00 40.12 ? 81  GLN A OE1 1 
ATOM   640  N NE2 . GLN A 1 81  ? -6.253  -10.526 12.549  1.00 32.71 ? 81  GLN A NE2 1 
ATOM   641  N N   . GLY A 1 82  ? -9.954  -13.901 8.835   1.00 29.45 ? 82  GLY A N   1 
ATOM   642  C CA  . GLY A 1 82  ? -11.279 -14.345 8.376   1.00 32.77 ? 82  GLY A CA  1 
ATOM   643  C C   . GLY A 1 82  ? -11.858 -13.445 7.298   1.00 36.73 ? 82  GLY A C   1 
ATOM   644  O O   . GLY A 1 82  ? -13.089 -13.099 7.263   1.00 35.20 ? 82  GLY A O   1 
ATOM   645  N N   . CYS A 1 83  ? -10.955 -12.974 6.450   1.00 33.91 ? 83  CYS A N   1 
ATOM   646  C CA  . CYS A 1 83  ? -11.295 -11.869 5.594   1.00 41.34 ? 83  CYS A CA  1 
ATOM   647  C C   . CYS A 1 83  ? -10.577 -12.016 4.274   1.00 44.42 ? 83  CYS A C   1 
ATOM   648  O O   . CYS A 1 83  ? -9.559  -11.405 4.059   1.00 53.15 ? 83  CYS A O   1 
ATOM   649  C CB  . CYS A 1 83  ? -10.940 -10.543 6.291   1.00 37.31 ? 83  CYS A CB  1 
ATOM   650  S SG  . CYS A 1 83  ? -12.000 -9.243  5.754   1.00 56.06 ? 83  CYS A SG  1 
ATOM   651  N N   . SER A 1 84  ? -11.128 -12.870 3.436   1.00 42.41 ? 84  SER A N   1 
ATOM   652  C CA  . SER A 1 84  ? -10.680 -13.107 2.079   1.00 47.68 ? 84  SER A CA  1 
ATOM   653  C C   . SER A 1 84  ? -10.929 -11.981 1.051   1.00 35.93 ? 84  SER A C   1 
ATOM   654  O O   . SER A 1 84  ? -12.058 -11.582 0.691   1.00 34.93 ? 84  SER A O   1 
ATOM   655  C CB  . SER A 1 84  ? -11.279 -14.379 1.504   1.00 45.67 ? 84  SER A CB  1 
ATOM   656  O OG  . SER A 1 84  ? -10.528 -14.638 0.353   1.00 50.78 ? 84  SER A OG  1 
ATOM   657  N N   . VAL A 1 85  ? -9.812  -11.539 0.507   1.00 38.24 ? 85  VAL A N   1 
ATOM   658  C CA  . VAL A 1 85  ? -9.798  -10.541 -0.525  1.00 38.11 ? 85  VAL A CA  1 
ATOM   659  C C   . VAL A 1 85  ? -10.581 -11.002 -1.765  1.00 30.89 ? 85  VAL A C   1 
ATOM   660  O O   . VAL A 1 85  ? -11.226 -10.197 -2.437  1.00 31.85 ? 85  VAL A O   1 
ATOM   661  C CB  . VAL A 1 85  ? -8.283  -10.203 -0.743  1.00 41.89 ? 85  VAL A CB  1 
ATOM   662  C CG1 . VAL A 1 85  ? -7.830  -10.273 -2.171  1.00 46.14 ? 85  VAL A CG1 1 
ATOM   663  C CG2 . VAL A 1 85  ? -7.969  -8.900  -0.024  1.00 40.49 ? 85  VAL A CG2 1 
ATOM   664  N N   . GLN A 1 86  ? -10.616 -12.295 -2.009  1.00 34.72 ? 86  GLN A N   1 
ATOM   665  C CA  . GLN A 1 86  ? -11.418 -12.880 -3.111  1.00 41.87 ? 86  GLN A CA  1 
ATOM   666  C C   . GLN A 1 86  ? -12.904 -12.764 -2.911  1.00 42.31 ? 86  GLN A C   1 
ATOM   667  O O   . GLN A 1 86  ? -13.631 -12.714 -3.886  1.00 47.59 ? 86  GLN A O   1 
ATOM   668  C CB  . GLN A 1 86  ? -11.069 -14.360 -3.345  1.00 48.24 ? 86  GLN A CB  1 
ATOM   669  C CG  . GLN A 1 86  ? -9.621  -14.624 -3.717  1.00 55.20 ? 86  GLN A CG  1 
ATOM   670  C CD  . GLN A 1 86  ? -9.188  -16.017 -3.284  1.00 65.47 ? 86  GLN A CD  1 
ATOM   671  O OE1 . GLN A 1 86  ? -9.183  -16.940 -4.089  1.00 64.43 ? 86  GLN A OE1 1 
ATOM   672  N NE2 . GLN A 1 86  ? -8.870  -16.182 -1.994  1.00 68.52 ? 86  GLN A NE2 1 
ATOM   673  N N   . ARG A 1 87  ? -13.368 -12.648 -1.678  1.00 51.25 ? 87  ARG A N   1 
ATOM   674  C CA  . ARG A 1 87  ? -14.787 -12.357 -1.481  1.00 50.44 ? 87  ARG A CA  1 
ATOM   675  C C   . ARG A 1 87  ? -15.131 -10.882 -1.229  1.00 46.25 ? 87  ARG A C   1 
ATOM   676  O O   . ARG A 1 87  ? -16.292 -10.525 -0.961  1.00 43.82 ? 87  ARG A O   1 
ATOM   677  C CB  . ARG A 1 87  ? -15.490 -13.366 -0.513  1.00 61.07 ? 87  ARG A CB  1 
ATOM   678  C CG  . ARG A 1 87  ? -14.841 -13.736 0.801   1.00 68.28 ? 87  ARG A CG  1 
ATOM   679  C CD  . ARG A 1 87  ? -15.892 -13.830 1.909   1.00 76.49 ? 87  ARG A CD  1 
ATOM   680  N NE  . ARG A 1 87  ? -16.011 -12.518 2.553   1.00 79.82 ? 87  ARG A NE  1 
ATOM   681  C CZ  . ARG A 1 87  ? -15.265 -12.102 3.577   1.00 72.83 ? 87  ARG A CZ  1 
ATOM   682  N NH1 . ARG A 1 87  ? -14.364 -12.892 4.119   1.00 68.67 ? 87  ARG A NH1 1 
ATOM   683  N NH2 . ARG A 1 87  ? -15.429 -10.879 4.068   1.00 75.80 ? 87  ARG A NH2 1 
ATOM   684  N N   . LEU A 1 88  ? -14.186 -9.978  -1.425  1.00 37.80 ? 88  LEU A N   1 
ATOM   685  C CA  . LEU A 1 88  ? -14.509 -8.571  -1.203  1.00 35.07 ? 88  LEU A CA  1 
ATOM   686  C C   . LEU A 1 88  ? -14.538 -7.981  -2.561  1.00 36.32 ? 88  LEU A C   1 
ATOM   687  O O   . LEU A 1 88  ? -13.561 -7.972  -3.219  1.00 33.47 ? 88  LEU A O   1 
ATOM   688  C CB  . LEU A 1 88  ? -13.470 -7.932  -0.289  1.00 38.20 ? 88  LEU A CB  1 
ATOM   689  C CG  . LEU A 1 88  ? -13.586 -8.268  1.187   1.00 42.23 ? 88  LEU A CG  1 
ATOM   690  C CD1 . LEU A 1 88  ? -12.233 -7.913  1.865   1.00 47.46 ? 88  LEU A CD1 1 
ATOM   691  C CD2 . LEU A 1 88  ? -14.768 -7.503  1.798   1.00 45.31 ? 88  LEU A CD2 1 
ATOM   692  N N   . ARG A 1 89  ? -15.672 -7.464  -2.981  1.00 37.36 ? 89  ARG A N   1 
ATOM   693  C CA  . ARG A 1 89  ? -15.901 -7.154  -4.355  1.00 38.58 ? 89  ARG A CA  1 
ATOM   694  C C   . ARG A 1 89  ? -15.120 -5.909  -4.832  1.00 38.28 ? 89  ARG A C   1 
ATOM   695  O O   . ARG A 1 89  ? -14.834 -5.825  -6.030  1.00 34.59 ? 89  ARG A O   1 
ATOM   696  C CB  . ARG A 1 89  ? -17.434 -7.011  -4.607  1.00 43.73 ? 89  ARG A CB  1 
ATOM   697  N N   . ASN A 1 90  ? -14.764 -4.979  -3.917  1.00 30.13 ? 90  ASN A N   1 
ATOM   698  C CA  . ASN A 1 90  ? -14.150 -3.723  -4.342  1.00 29.79 ? 90  ASN A CA  1 
ATOM   699  C C   . ASN A 1 90  ? -12.617 -3.743  -4.187  1.00 32.58 ? 90  ASN A C   1 
ATOM   700  O O   . ASN A 1 90  ? -12.022 -2.706  -4.361  1.00 31.15 ? 90  ASN A O   1 
ATOM   701  C CB  . ASN A 1 90  ? -14.763 -2.528  -3.651  1.00 28.59 ? 90  ASN A CB  1 
ATOM   702  C CG  . ASN A 1 90  ? -16.188 -2.244  -4.111  1.00 33.45 ? 90  ASN A CG  1 
ATOM   703  O OD1 . ASN A 1 90  ? -16.529 -2.419  -5.279  1.00 33.41 ? 90  ASN A OD1 1 
ATOM   704  N ND2 . ASN A 1 90  ? -16.987 -1.716  -3.221  1.00 36.89 ? 90  ASN A ND2 1 
ATOM   705  N N   . ILE A 1 91  ? -12.006 -4.895  -3.866  1.00 26.51 ? 91  ILE A N   1 
ATOM   706  C CA  . ILE A 1 91  ? -10.547 -5.027  -3.720  1.00 28.16 ? 91  ILE A CA  1 
ATOM   707  C C   . ILE A 1 91  ? -9.993  -5.973  -4.762  1.00 30.34 ? 91  ILE A C   1 
ATOM   708  O O   . ILE A 1 91  ? -10.435 -7.097  -4.860  1.00 27.46 ? 91  ILE A O   1 
ATOM   709  C CB  . ILE A 1 91  ? -10.193 -5.599  -2.351  1.00 28.68 ? 91  ILE A CB  1 
ATOM   710  C CG1 . ILE A 1 91  ? -10.866 -4.773  -1.271  1.00 27.76 ? 91  ILE A CG1 1 
ATOM   711  C CG2 . ILE A 1 91  ? -8.637  -5.776  -2.141  1.00 29.01 ? 91  ILE A CG2 1 
ATOM   712  C CD1 . ILE A 1 91  ? -10.458 -5.183  0.125   1.00 29.57 ? 91  ILE A CD1 1 
ATOM   713  N N   . ARG A 1 92  ? -9.039  -5.551  -5.585  1.00 27.15 ? 92  ARG A N   1 
ATOM   714  C CA  . ARG A 1 92  ? -8.344  -6.480  -6.476  1.00 27.23 ? 92  ARG A CA  1 
ATOM   715  C C   . ARG A 1 92  ? -6.917  -6.567  -5.969  1.00 26.30 ? 92  ARG A C   1 
ATOM   716  O O   . ARG A 1 92  ? -6.310  -5.526  -5.766  1.00 22.69 ? 92  ARG A O   1 
ATOM   717  C CB  . ARG A 1 92  ? -8.169  -5.840  -7.872  1.00 33.24 ? 92  ARG A CB  1 
ATOM   718  C CG  . ARG A 1 92  ? -9.301  -5.975  -8.811  1.00 48.25 ? 92  ARG A CG  1 
ATOM   719  C CD  . ARG A 1 92  ? -8.941  -6.969  -9.919  1.00 57.40 ? 92  ARG A CD  1 
ATOM   720  N NE  . ARG A 1 92  ? -10.187 -7.449  -10.524 1.00 62.66 ? 92  ARG A NE  1 
ATOM   721  C CZ  . ARG A 1 92  ? -10.923 -6.745  -11.388 1.00 68.10 ? 92  ARG A CZ  1 
ATOM   722  N NH1 . ARG A 1 92  ? -10.547 -5.517  -11.784 1.00 57.17 ? 92  ARG A NH1 1 
ATOM   723  N NH2 . ARG A 1 92  ? -12.055 -7.266  -11.858 1.00 72.71 ? 92  ARG A NH2 1 
ATOM   724  N N   . VAL A 1 93  ? -6.331  -7.759  -5.863  1.00 22.70 ? 93  VAL A N   1 
ATOM   725  C CA  . VAL A 1 93  ? -4.935  -7.884  -5.488  1.00 21.06 ? 93  VAL A CA  1 
ATOM   726  C C   . VAL A 1 93  ? -4.190  -8.665  -6.546  1.00 24.96 ? 93  VAL A C   1 
ATOM   727  O O   . VAL A 1 93  ? -4.687  -9.774  -6.925  1.00 25.83 ? 93  VAL A O   1 
ATOM   728  C CB  . VAL A 1 93  ? -4.849  -8.584  -4.142  1.00 24.78 ? 93  VAL A CB  1 
ATOM   729  C CG1 . VAL A 1 93  ? -3.396  -8.774  -3.697  1.00 25.03 ? 93  VAL A CG1 1 
ATOM   730  C CG2 . VAL A 1 93  ? -5.788  -7.829  -3.145  1.00 25.83 ? 93  VAL A CG2 1 
ATOM   731  N N   . ARG A 1 94  ? -3.007  -8.167  -6.973  1.00 19.84 ? 94  ARG A N   1 
ATOM   732  C CA  . ARG A 1 94  ? -2.142  -8.924  -7.893  1.00 21.97 ? 94  ARG A CA  1 
ATOM   733  C C   . ARG A 1 94  ? -0.712  -8.826  -7.430  1.00 19.96 ? 94  ARG A C   1 
ATOM   734  O O   . ARG A 1 94  ? -0.408  -8.058  -6.517  1.00 21.76 ? 94  ARG A O   1 
ATOM   735  C CB  . ARG A 1 94  ? -2.247  -8.349  -9.305  1.00 20.98 ? 94  ARG A CB  1 
ATOM   736  C CG  . ARG A 1 94  ? -3.632  -8.466  -9.907  1.00 24.44 ? 94  ARG A CG  1 
ATOM   737  C CD  . ARG A 1 94  ? -3.828  -7.808  -11.224 1.00 25.04 ? 94  ARG A CD  1 
ATOM   738  N NE  . ARG A 1 94  ? -3.051  -8.496  -12.297 1.00 25.37 ? 94  ARG A NE  1 
ATOM   739  C CZ  . ARG A 1 94  ? -3.535  -9.339  -13.222 1.00 29.50 ? 94  ARG A CZ  1 
ATOM   740  N NH1 . ARG A 1 94  ? -4.830  -9.690  -13.242 1.00 28.08 ? 94  ARG A NH1 1 
ATOM   741  N NH2 . ARG A 1 94  ? -2.683  -9.932  -14.052 1.00 29.81 ? 94  ARG A NH2 1 
ATOM   742  N N   . THR A 1 95  ? 0.129   -9.745  -7.913  1.00 20.23 ? 95  THR A N   1 
ATOM   743  C CA  . THR A 1 95  ? 1.468   -9.847  -7.450  1.00 20.55 ? 95  THR A CA  1 
ATOM   744  C C   . THR A 1 95  ? 2.414   -9.341  -8.559  1.00 20.23 ? 95  THR A C   1 
ATOM   745  O O   . THR A 1 95  ? 2.116   -9.366  -9.766  1.00 21.53 ? 95  THR A O   1 
ATOM   746  C CB  . THR A 1 95  ? 1.927   -11.284 -7.040  1.00 26.72 ? 95  THR A CB  1 
ATOM   747  O OG1 . THR A 1 95  ? 1.676   -12.183 -8.148  1.00 25.43 ? 95  THR A OG1 1 
ATOM   748  C CG2 . THR A 1 95  ? 1.220   -11.807 -5.792  1.00 27.38 ? 95  THR A CG2 1 
ATOM   749  N N   . VAL A 1 96  ? 3.556   -8.855  -8.106  1.00 19.26 ? 96  VAL A N   1 
ATOM   750  C CA  . VAL A 1 96  ? 4.614   -8.374  -8.989  1.00 22.35 ? 96  VAL A CA  1 
ATOM   751  C C   . VAL A 1 96  ? 5.925   -8.976  -8.541  1.00 21.96 ? 96  VAL A C   1 
ATOM   752  O O   . VAL A 1 96  ? 6.286   -9.003  -7.356  1.00 19.81 ? 96  VAL A O   1 
ATOM   753  C CB  . VAL A 1 96  ? 4.721   -6.826  -8.943  1.00 22.41 ? 96  VAL A CB  1 
ATOM   754  C CG1 . VAL A 1 96  ? 5.840   -6.308  -9.850  1.00 24.75 ? 96  VAL A CG1 1 
ATOM   755  C CG2 . VAL A 1 96  ? 3.392   -6.182  -9.333  1.00 25.23 ? 96  VAL A CG2 1 
ATOM   756  N N   . LYS A 1 97  ? 6.652   -9.553  -9.473  1.00 21.88 ? 97  LYS A N   1 
ATOM   757  C CA  . LYS A 1 97  ? 7.968   -10.057 -9.219  1.00 25.03 ? 97  LYS A CA  1 
ATOM   758  C C   . LYS A 1 97  ? 9.041   -9.470  -10.081 1.00 24.84 ? 97  LYS A C   1 
ATOM   759  O O   . LYS A 1 97  ? 8.766   -8.910  -11.113 1.00 24.15 ? 97  LYS A O   1 
ATOM   760  C CB  . LYS A 1 97  ? 8.009   -11.589 -9.287  1.00 34.25 ? 97  LYS A CB  1 
ATOM   761  C CG  . LYS A 1 97  ? 7.966   -12.296 -10.592 1.00 47.00 ? 97  LYS A CG  1 
ATOM   762  C CD  . LYS A 1 97  ? 8.506   -13.747 -10.314 1.00 49.34 ? 97  LYS A CD  1 
ATOM   763  C CE  . LYS A 1 97  ? 9.028   -14.392 -11.559 1.00 56.97 ? 97  LYS A CE  1 
ATOM   764  N NZ  . LYS A 1 97  ? 10.386  -13.916 -11.947 1.00 61.96 ? 97  LYS A NZ  1 
ATOM   765  N N   . GLY A 1 98  ? 10.274  -9.592  -9.593  1.00 24.15 ? 98  GLY A N   1 
ATOM   766  C CA  . GLY A 1 98  ? 11.487  -9.260  -10.323 1.00 24.42 ? 98  GLY A CA  1 
ATOM   767  C C   . GLY A 1 98  ? 12.038  -10.484 -11.093 1.00 26.68 ? 98  GLY A C   1 
ATOM   768  O O   . GLY A 1 98  ? 11.303  -11.469 -11.395 1.00 25.62 ? 98  GLY A O   1 
ATOM   769  N N   . GLN A 1 99  ? 13.322  -10.464 -11.345 0.62 27.24 ? 99  GLN A N   1 
ATOM   770  C CA  . GLN A 1 99  ? 13.998  -11.544 -12.135 0.62 27.65 ? 99  GLN A CA  1 
ATOM   771  C C   . GLN A 1 99  ? 14.686  -12.440 -11.154 0.62 29.90 ? 99  GLN A C   1 
ATOM   772  O O   . GLN A 1 99  ? 15.522  -12.004 -10.345 0.62 28.12 ? 99  GLN A O   1 
ATOM   773  C CB  . GLN A 1 99  ? 14.984  -10.935 -13.122 0.62 27.11 ? 99  GLN A CB  1 
ATOM   774  C CG  . GLN A 1 99  ? 15.665  -11.934 -14.079 0.62 30.54 ? 99  GLN A CG  1 
ATOM   775  C CD  . GLN A 1 99  ? 14.772  -12.355 -15.240 0.62 32.09 ? 99  GLN A CD  1 
ATOM   776  O OE1 . GLN A 1 99  ? 13.810  -13.142 -15.074 0.62 31.44 ? 99  GLN A OE1 1 
ATOM   777  N NE2 . GLN A 1 99  ? 15.088  -11.825 -16.442 0.62 32.27 ? 99  GLN A NE2 1 
ATOM   778  N N   . ASP A 1 100 ? 14.331  -13.716 -11.166 1.00 36.85 ? 100 ASP A N   1 
ATOM   779  C CA  . ASP A 1 100 ? 14.977  -14.680 -10.254 1.00 39.24 ? 100 ASP A CA  1 
ATOM   780  C C   . ASP A 1 100 ? 16.358  -15.090 -10.770 1.00 39.62 ? 100 ASP A C   1 
ATOM   781  O O   . ASP A 1 100 ? 16.683  -14.813 -11.947 1.00 38.72 ? 100 ASP A O   1 
ATOM   782  C CB  . ASP A 1 100 ? 14.137  -15.904 -10.065 1.00 44.01 ? 100 ASP A CB  1 
ATOM   783  C CG  . ASP A 1 100 ? 12.773  -15.561 -9.637  1.00 53.54 ? 100 ASP A CG  1 
ATOM   784  O OD1 . ASP A 1 100 ? 12.649  -14.786 -8.606  1.00 35.67 ? 100 ASP A OD1 1 
ATOM   785  O OD2 . ASP A 1 100 ? 11.863  -16.004 -10.387 1.00 48.16 ? 100 ASP A OD2 1 
ATOM   786  N N   . TYR A 1 101 ? 17.196  -15.582 -9.838  1.00 41.53 ? 101 TYR A N   1 
ATOM   787  C CA  . TYR A 1 101 ? 18.532  -16.144 -10.176 1.00 47.22 ? 101 TYR A CA  1 
ATOM   788  C C   . TYR A 1 101 ? 18.809  -17.440 -9.401  1.00 48.01 ? 101 TYR A C   1 
ATOM   789  O O   . TYR A 1 101 ? 18.479  -17.532 -8.222  1.00 47.36 ? 101 TYR A O   1 
ATOM   790  C CB  . TYR A 1 101 ? 19.642  -15.148 -9.936  1.00 47.00 ? 101 TYR A CB  1 
ATOM   791  C CG  . TYR A 1 101 ? 19.647  -14.021 -10.937 1.00 51.51 ? 101 TYR A CG  1 
ATOM   792  C CD1 . TYR A 1 101 ? 20.523  -14.018 -12.044 1.00 52.09 ? 101 TYR A CD1 1 
ATOM   793  C CD2 . TYR A 1 101 ? 18.769  -12.944 -10.786 1.00 54.89 ? 101 TYR A CD2 1 
ATOM   794  C CE1 . TYR A 1 101 ? 20.497  -12.975 -12.978 1.00 51.55 ? 101 TYR A CE1 1 
ATOM   795  C CE2 . TYR A 1 101 ? 18.711  -11.911 -11.708 1.00 48.96 ? 101 TYR A CE2 1 
ATOM   796  C CZ  . TYR A 1 101 ? 19.577  -11.908 -12.790 1.00 52.45 ? 101 TYR A CZ  1 
ATOM   797  O OH  . TYR A 1 101 ? 19.507  -10.832 -13.646 1.00 54.94 ? 101 TYR A OH  1 
ATOM   798  N N   . PHE A 1 109 ? 17.266  -17.866 -5.316  1.00 55.86 ? 109 PHE A N   1 
ATOM   799  C CA  . PHE A 1 109 ? 17.187  -16.377 -5.039  1.00 56.01 ? 109 PHE A CA  1 
ATOM   800  C C   . PHE A 1 109 ? 16.092  -15.589 -5.839  1.00 46.13 ? 109 PHE A C   1 
ATOM   801  O O   . PHE A 1 109 ? 16.100  -15.504 -7.069  1.00 36.55 ? 109 PHE A O   1 
ATOM   802  C CB  . PHE A 1 109 ? 18.558  -15.700 -5.210  1.00 61.20 ? 109 PHE A CB  1 
ATOM   803  C CG  . PHE A 1 109 ? 18.495  -14.183 -5.225  1.00 70.59 ? 109 PHE A CG  1 
ATOM   804  C CD1 . PHE A 1 109 ? 18.248  -13.461 -4.051  1.00 77.90 ? 109 PHE A CD1 1 
ATOM   805  C CD2 . PHE A 1 109 ? 18.649  -13.474 -6.421  1.00 73.94 ? 109 PHE A CD2 1 
ATOM   806  C CE1 . PHE A 1 109 ? 18.161  -12.065 -4.067  1.00 72.87 ? 109 PHE A CE1 1 
ATOM   807  C CE2 . PHE A 1 109 ? 18.567  -12.100 -6.440  1.00 68.71 ? 109 PHE A CE2 1 
ATOM   808  C CZ  . PHE A 1 109 ? 18.319  -11.399 -5.267  1.00 72.83 ? 109 PHE A CZ  1 
ATOM   809  N N   . HIS A 1 110 ? 15.175  -14.977 -5.111  1.00 42.19 ? 110 HIS A N   1 
ATOM   810  C CA  . HIS A 1 110 ? 13.976  -14.388 -5.688  1.00 38.43 ? 110 HIS A CA  1 
ATOM   811  C C   . HIS A 1 110 ? 14.199  -12.896 -6.027  1.00 30.90 ? 110 HIS A C   1 
ATOM   812  O O   . HIS A 1 110 ? 14.676  -12.160 -5.194  1.00 30.86 ? 110 HIS A O   1 
ATOM   813  C CB  . HIS A 1 110 ? 12.832  -14.612 -4.693  1.00 44.08 ? 110 HIS A CB  1 
ATOM   814  C CG  . HIS A 1 110 ? 12.509  -16.065 -4.523  1.00 52.24 ? 110 HIS A CG  1 
ATOM   815  N ND1 . HIS A 1 110 ? 13.078  -16.837 -3.533  1.00 61.04 ? 110 HIS A ND1 1 
ATOM   816  C CD2 . HIS A 1 110 ? 11.790  -16.912 -5.297  1.00 56.74 ? 110 HIS A CD2 1 
ATOM   817  C CE1 . HIS A 1 110 ? 12.685  -18.089 -3.673  1.00 63.73 ? 110 HIS A CE1 1 
ATOM   818  N NE2 . HIS A 1 110 ? 11.904  -18.162 -4.739  1.00 67.55 ? 110 HIS A NE2 1 
ATOM   819  N N   . GLY A 1 111 ? 13.906  -12.477 -7.254  1.00 28.35 ? 111 GLY A N   1 
ATOM   820  C CA  . GLY A 1 111 ? 13.857  -11.011 -7.578  1.00 23.43 ? 111 GLY A CA  1 
ATOM   821  C C   . GLY A 1 111 ? 12.561  -10.459 -7.118  1.00 22.70 ? 111 GLY A C   1 
ATOM   822  O O   . GLY A 1 111 ? 11.534  -11.097 -7.252  1.00 23.83 ? 111 GLY A O   1 
ATOM   823  N N   . LYS A 1 112 ? 12.573  -9.232  -6.579  1.00 22.88 ? 112 LYS A N   1 
ATOM   824  C CA  . LYS A 1 112 ? 11.462  -8.708  -5.797  1.00 23.18 ? 112 LYS A CA  1 
ATOM   825  C C   . LYS A 1 112 ? 11.041  -7.343  -6.323  1.00 19.76 ? 112 LYS A C   1 
ATOM   826  O O   . LYS A 1 112 ? 11.822  -6.684  -7.015  1.00 22.34 ? 112 LYS A O   1 
ATOM   827  C CB  . LYS A 1 112 ? 11.908  -8.600  -4.351  1.00 25.29 ? 112 LYS A CB  1 
ATOM   828  C CG  . LYS A 1 112 ? 12.148  -9.986  -3.716  1.00 28.94 ? 112 LYS A CG  1 
ATOM   829  C CD  . LYS A 1 112 ? 12.576  -9.824  -2.249  1.00 34.70 ? 112 LYS A CD  1 
ATOM   830  C CE  . LYS A 1 112 ? 12.868  -11.216 -1.702  1.00 41.63 ? 112 LYS A CE  1 
ATOM   831  N NZ  . LYS A 1 112 ? 13.305  -11.093 -0.299  1.00 50.13 ? 112 LYS A NZ  1 
ATOM   832  N N   . MET A 1 113 ? 9.774   -7.021  -6.104  1.00 19.71 ? 113 MET A N   1 
ATOM   833  C CA  . MET A 1 113 ? 9.306   -5.656  -6.247  1.00 22.42 ? 113 MET A CA  1 
ATOM   834  C C   . MET A 1 113 ? 9.613   -4.874  -4.963  1.00 20.71 ? 113 MET A C   1 
ATOM   835  O O   . MET A 1 113 ? 8.917   -5.033  -3.983  1.00 21.43 ? 113 MET A O   1 
ATOM   836  C CB  . MET A 1 113 ? 7.796   -5.567  -6.541  1.00 20.94 ? 113 MET A CB  1 
ATOM   837  C CG  . MET A 1 113 ? 7.318   -4.052  -6.721  1.00 22.67 ? 113 MET A CG  1 
ATOM   838  S SD  . MET A 1 113 ? 5.581   -3.989  -6.835  1.00 28.20 ? 113 MET A SD  1 
ATOM   839  C CE  . MET A 1 113 ? 5.175   -4.384  -5.093  1.00 30.49 ? 113 MET A CE  1 
ATOM   840  N N   . GLU A 1 114 ? 10.640  -4.033  -5.011  1.00 19.89 ? 114 GLU A N   1 
ATOM   841  C CA  . GLU A 1 114 ? 11.106  -3.266  -3.847  1.00 21.89 ? 114 GLU A CA  1 
ATOM   842  C C   . GLU A 1 114 ? 10.702  -1.784  -3.996  1.00 28.97 ? 114 GLU A C   1 
ATOM   843  O O   . GLU A 1 114 ? 11.571  -0.980  -4.259  1.00 42.99 ? 114 GLU A O   1 
ATOM   844  C CB  . GLU A 1 114 ? 12.588  -3.319  -3.819  1.00 23.72 ? 114 GLU A CB  1 
ATOM   845  C CG  . GLU A 1 114 ? 13.062  -4.712  -3.565  1.00 25.83 ? 114 GLU A CG  1 
ATOM   846  C CD  . GLU A 1 114 ? 13.124  -4.993  -2.036  1.00 37.18 ? 114 GLU A CD  1 
ATOM   847  O OE1 . GLU A 1 114 ? 13.262  -4.031  -1.249  1.00 33.53 ? 114 GLU A OE1 1 
ATOM   848  O OE2 . GLU A 1 114 ? 13.028  -6.139  -1.592  1.00 37.08 ? 114 GLU A OE2 1 
ATOM   849  N N   . GLN A 1 115 ? 9.423   -1.523  -4.150  1.00 27.20 ? 115 GLN A N   1 
ATOM   850  C CA  . GLN A 1 115 ? 8.856   -0.194  -4.294  1.00 29.94 ? 115 GLN A CA  1 
ATOM   851  C C   . GLN A 1 115 ? 7.677   -0.264  -3.366  1.00 24.66 ? 115 GLN A C   1 
ATOM   852  O O   . GLN A 1 115 ? 7.023   -1.317  -3.277  1.00 25.40 ? 115 GLN A O   1 
ATOM   853  C CB  . GLN A 1 115 ? 8.299   0.167   -5.711  1.00 34.26 ? 115 GLN A CB  1 
ATOM   854  C CG  . GLN A 1 115 ? 8.929   -0.542  -6.833  1.00 40.76 ? 115 GLN A CG  1 
ATOM   855  C CD  . GLN A 1 115 ? 8.857   0.184   -8.136  1.00 43.65 ? 115 GLN A CD  1 
ATOM   856  O OE1 . GLN A 1 115 ? 9.414   -0.293  -9.110  1.00 44.72 ? 115 GLN A OE1 1 
ATOM   857  N NE2 . GLN A 1 115 ? 8.167   1.323   -8.184  1.00 46.05 ? 115 GLN A NE2 1 
ATOM   858  N N   . LYS A 1 116 ? 7.387   0.865   -2.680  1.00 23.59 ? 116 LYS A N   1 
ATOM   859  C CA  . LYS A 1 116 ? 6.318   0.960   -1.744  1.00 23.14 ? 116 LYS A CA  1 
ATOM   860  C C   . LYS A 1 116 ? 5.747   2.340   -1.899  1.00 22.36 ? 116 LYS A C   1 
ATOM   861  O O   . LYS A 1 116 ? 6.467   3.306   -1.678  1.00 23.02 ? 116 LYS A O   1 
ATOM   862  C CB  . LYS A 1 116 ? 6.787   0.874   -0.270  1.00 24.82 ? 116 LYS A CB  1 
ATOM   863  C CG  . LYS A 1 116 ? 7.631   -0.279  0.011   1.00 33.88 ? 116 LYS A CG  1 
ATOM   864  C CD  . LYS A 1 116 ? 7.839   -0.434  1.462   1.00 37.88 ? 116 LYS A CD  1 
ATOM   865  C CE  . LYS A 1 116 ? 9.188   0.015   1.919   1.00 35.07 ? 116 LYS A CE  1 
ATOM   866  N NZ  . LYS A 1 116 ? 10.328  -0.590  1.235   1.00 36.46 ? 116 LYS A NZ  1 
ATOM   867  N N   . PHE A 1 117 ? 4.465   2.420   -2.215  1.00 18.81 ? 117 PHE A N   1 
ATOM   868  C CA  . PHE A 1 117 ? 3.781   3.704   -2.123  1.00 19.71 ? 117 PHE A CA  1 
ATOM   869  C C   . PHE A 1 117 ? 2.275   3.493   -2.044  1.00 17.34 ? 117 PHE A C   1 
ATOM   870  O O   . PHE A 1 117 ? 1.742   2.473   -2.470  1.00 19.41 ? 117 PHE A O   1 
ATOM   871  C CB  . PHE A 1 117 ? 4.138   4.666   -3.230  1.00 20.40 ? 117 PHE A CB  1 
ATOM   872  C CG  . PHE A 1 117 ? 3.793   4.241   -4.631  1.00 19.35 ? 117 PHE A CG  1 
ATOM   873  C CD1 . PHE A 1 117 ? 2.553   4.527   -5.176  1.00 20.33 ? 117 PHE A CD1 1 
ATOM   874  C CD2 . PHE A 1 117 ? 4.751   3.625   -5.441  1.00 19.22 ? 117 PHE A CD2 1 
ATOM   875  C CE1 . PHE A 1 117 ? 2.277   4.183   -6.507  1.00 21.48 ? 117 PHE A CE1 1 
ATOM   876  C CE2 . PHE A 1 117 ? 4.502   3.329   -6.814  1.00 19.27 ? 117 PHE A CE2 1 
ATOM   877  C CZ  . PHE A 1 117 ? 3.244   3.577   -7.324  1.00 20.84 ? 117 PHE A CZ  1 
ATOM   878  N N   . LEU A 1 118 ? 1.585   4.511   -1.525  1.00 16.07 ? 118 LEU A N   1 
ATOM   879  C CA  . LEU A 1 118 ? 0.154   4.530   -1.381  1.00 17.09 ? 118 LEU A CA  1 
ATOM   880  C C   . LEU A 1 118 ? -0.399  5.759   -2.131  1.00 18.36 ? 118 LEU A C   1 
ATOM   881  O O   . LEU A 1 118 ? 0.137   6.848   -1.908  1.00 20.54 ? 118 LEU A O   1 
ATOM   882  C CB  . LEU A 1 118 ? -0.236  4.632   0.090   1.00 18.32 ? 118 LEU A CB  1 
ATOM   883  C CG  . LEU A 1 118 ? -1.707  4.971   0.422   1.00 17.71 ? 118 LEU A CG  1 
ATOM   884  C CD1 . LEU A 1 118 ? -2.476  3.715   -0.031  1.00 20.25 ? 118 LEU A CD1 1 
ATOM   885  C CD2 . LEU A 1 118 ? -1.897  5.137   1.897   1.00 21.11 ? 118 LEU A CD2 1 
ATOM   886  N N   . LEU A 1 119 ? -1.349  5.563   -2.997  1.00 16.72 ? 119 LEU A N   1 
ATOM   887  C CA  . LEU A 1 119 ? -1.867  6.602   -3.945  1.00 18.29 ? 119 LEU A CA  1 
ATOM   888  C C   . LEU A 1 119 ? -3.351  6.663   -3.792  1.00 20.46 ? 119 LEU A C   1 
ATOM   889  O O   . LEU A 1 119 ? -3.991  5.678   -4.068  1.00 21.67 ? 119 LEU A O   1 
ATOM   890  C CB  . LEU A 1 119 ? -1.524  6.225   -5.387  1.00 19.02 ? 119 LEU A CB  1 
ATOM   891  C CG  . LEU A 1 119 ? -2.097  6.984   -6.579  1.00 24.09 ? 119 LEU A CG  1 
ATOM   892  C CD1 . LEU A 1 119 ? -1.791  8.423   -6.637  1.00 26.81 ? 119 LEU A CD1 1 
ATOM   893  C CD2 . LEU A 1 119 ? -1.545  6.361   -7.862  1.00 28.65 ? 119 LEU A CD2 1 
ATOM   894  N N   . VAL A 1 120 ? -3.881  7.791   -3.326  1.00 19.47 ? 120 VAL A N   1 
ATOM   895  C CA  . VAL A 1 120 ? -5.265  7.852   -2.914  1.00 19.21 ? 120 VAL A CA  1 
ATOM   896  C C   . VAL A 1 120 ? -5.940  8.932   -3.775  1.00 21.74 ? 120 VAL A C   1 
ATOM   897  O O   . VAL A 1 120 ? -5.482  10.084  -3.805  1.00 20.82 ? 120 VAL A O   1 
ATOM   898  C CB  . VAL A 1 120 ? -5.435  8.150   -1.434  1.00 21.69 ? 120 VAL A CB  1 
ATOM   899  C CG1 . VAL A 1 120 ? -6.940  8.379   -1.068  1.00 24.36 ? 120 VAL A CG1 1 
ATOM   900  C CG2 . VAL A 1 120 ? -4.858  7.013   -0.575  1.00 23.74 ? 120 VAL A CG2 1 
ATOM   901  N N   . ASP A 1 121 ? -7.042  8.541   -4.414  1.00 25.62 ? 121 ASP A N   1 
ATOM   902  C CA  . ASP A 1 121 ? -7.874  9.436   -5.203  1.00 25.47 ? 121 ASP A CA  1 
ATOM   903  C C   . ASP A 1 121 ? -7.144  10.207  -6.265  1.00 25.05 ? 121 ASP A C   1 
ATOM   904  O O   . ASP A 1 121 ? -7.580  11.295  -6.635  1.00 26.02 ? 121 ASP A O   1 
ATOM   905  C CB  . ASP A 1 121 ? -8.641  10.362  -4.271  1.00 24.71 ? 121 ASP A CB  1 
ATOM   906  C CG  . ASP A 1 121 ? -9.705  9.625   -3.433  1.00 26.11 ? 121 ASP A CG  1 
ATOM   907  O OD1 . ASP A 1 121 ? -10.140 8.497   -3.760  1.00 27.82 ? 121 ASP A OD1 1 
ATOM   908  O OD2 . ASP A 1 121 ? -10.105 10.189  -2.399  1.00 27.84 ? 121 ASP A OD2 1 
ATOM   909  N N   . CYS A 1 122 ? -6.078  9.634   -6.814  1.00 28.79 ? 122 CYS A N   1 
ATOM   910  C CA  . CYS A 1 122 ? -5.148  10.421  -7.654  1.00 30.33 ? 122 CYS A CA  1 
ATOM   911  C C   . CYS A 1 122 ? -4.841  11.814  -7.179  1.00 26.75 ? 122 CYS A C   1 
ATOM   912  O O   . CYS A 1 122 ? -4.663  12.740  -7.987  1.00 27.02 ? 122 CYS A O   1 
ATOM   913  C CB  . CYS A 1 122 ? -5.754  10.555  -9.056  1.00 36.69 ? 122 CYS A CB  1 
ATOM   914  S SG  . CYS A 1 122 ? -5.801  8.983   -9.924  1.00 62.54 ? 122 CYS A SG  1 
ATOM   915  N N   . GLN A 1 123 ? -4.722  11.982  -5.871  1.00 27.02 ? 123 GLN A N   1 
ATOM   916  C CA  . GLN A 1 123 ? -4.586  13.261  -5.253  1.00 23.47 ? 123 GLN A CA  1 
ATOM   917  C C   . GLN A 1 123 ? -3.398  13.352  -4.305  1.00 25.59 ? 123 GLN A C   1 
ATOM   918  O O   . GLN A 1 123 ? -2.792  14.406  -4.151  1.00 22.86 ? 123 GLN A O   1 
ATOM   919  C CB  . GLN A 1 123 ? -5.901  13.542  -4.492  1.00 26.62 ? 123 GLN A CB  1 
ATOM   920  C CG  . GLN A 1 123 ? -5.894  14.666  -3.522  1.00 29.10 ? 123 GLN A CG  1 
ATOM   921  C CD  . GLN A 1 123 ? -7.246  14.945  -2.900  1.00 31.08 ? 123 GLN A CD  1 
ATOM   922  O OE1 . GLN A 1 123 ? -7.336  15.548  -1.778  1.00 32.52 ? 123 GLN A OE1 1 
ATOM   923  N NE2 . GLN A 1 123 ? -8.271  14.457  -3.531  1.00 25.79 ? 123 GLN A NE2 1 
ATOM   924  N N   . LYS A 1 124 ? -3.132  12.284  -3.543  1.00 23.35 ? 124 LYS A N   1 
ATOM   925  C CA  . LYS A 1 124 ? -2.088  12.333  -2.590  1.00 21.87 ? 124 LYS A CA  1 
ATOM   926  C C   . LYS A 1 124 ? -1.339  10.973  -2.609  1.00 21.35 ? 124 LYS A C   1 
ATOM   927  O O   . LYS A 1 124 ? -1.926  9.941   -2.699  1.00 20.73 ? 124 LYS A O   1 
ATOM   928  C CB  . LYS A 1 124 ? -2.717  12.574  -1.239  1.00 24.40 ? 124 LYS A CB  1 
ATOM   929  C CG  . LYS A 1 124 ? -1.729  12.879  -0.154  1.00 32.38 ? 124 LYS A CG  1 
ATOM   930  C CD  . LYS A 1 124 ? -2.420  13.081  1.168   1.00 37.35 ? 124 LYS A CD  1 
ATOM   931  C CE  . LYS A 1 124 ? -2.463  14.533  1.584   1.00 46.10 ? 124 LYS A CE  1 
ATOM   932  N NZ  . LYS A 1 124 ? -3.297  14.573  2.832   1.00 48.50 ? 124 LYS A NZ  1 
ATOM   933  N N   . VAL A 1 125 ? -0.043  11.056  -2.524  1.00 18.80 ? 125 VAL A N   1 
ATOM   934  C CA  . VAL A 1 125 ? 0.825   9.905   -2.370  1.00 19.71 ? 125 VAL A CA  1 
ATOM   935  C C   . VAL A 1 125 ? 1.628   9.940   -1.075  1.00 19.78 ? 125 VAL A C   1 
ATOM   936  O O   . VAL A 1 125 ? 2.178   10.951  -0.687  1.00 19.56 ? 125 VAL A O   1 
ATOM   937  C CB  . VAL A 1 125 ? 1.830   9.830   -3.575  1.00 21.93 ? 125 VAL A CB  1 
ATOM   938  C CG1 . VAL A 1 125 ? 2.825   8.675   -3.410  1.00 23.80 ? 125 VAL A CG1 1 
ATOM   939  C CG2 . VAL A 1 125 ? 1.076   9.673   -4.882  1.00 22.29 ? 125 VAL A CG2 1 
ATOM   940  N N   . MET A 1 126 ? 1.730   8.771   -0.438  1.00 18.05 ? 126 MET A N   1 
ATOM   941  C CA  . MET A 1 126 ? 2.716   8.511   0.562   1.00 18.27 ? 126 MET A CA  1 
ATOM   942  C C   . MET A 1 126 ? 3.808   7.594   -0.065  1.00 18.09 ? 126 MET A C   1 
ATOM   943  O O   . MET A 1 126 ? 3.525   6.463   -0.412  1.00 18.43 ? 126 MET A O   1 
ATOM   944  C CB  . MET A 1 126 ? 2.130   7.892   1.793   1.00 18.84 ? 126 MET A CB  1 
ATOM   945  C CG  . MET A 1 126 ? 3.192   7.659   2.820   1.00 18.90 ? 126 MET A CG  1 
ATOM   946  S SD  . MET A 1 126 ? 2.716   6.856   4.360   1.00 20.77 ? 126 MET A SD  1 
ATOM   947  C CE  . MET A 1 126 ? 1.622   8.039   5.133   1.00 22.07 ? 126 MET A CE  1 
ATOM   948  N N   . TYR A 1 127 ? 5.035   8.088   -0.110  1.00 17.18 ? 127 TYR A N   1 
ATOM   949  C CA  . TYR A 1 127 ? 6.126   7.398   -0.776  1.00 17.97 ? 127 TYR A CA  1 
ATOM   950  C C   . TYR A 1 127 ? 7.279   7.329   0.163   1.00 18.11 ? 127 TYR A C   1 
ATOM   951  O O   . TYR A 1 127 ? 7.778   8.352   0.612   1.00 19.69 ? 127 TYR A O   1 
ATOM   952  C CB  . TYR A 1 127 ? 6.563   8.183   -2.050  1.00 18.82 ? 127 TYR A CB  1 
ATOM   953  C CG  . TYR A 1 127 ? 7.796   7.629   -2.675  1.00 19.82 ? 127 TYR A CG  1 
ATOM   954  C CD1 . TYR A 1 127 ? 7.782   6.368   -3.273  1.00 23.47 ? 127 TYR A CD1 1 
ATOM   955  C CD2 . TYR A 1 127 ? 8.987   8.338   -2.666  1.00 21.74 ? 127 TYR A CD2 1 
ATOM   956  C CE1 . TYR A 1 127 ? 8.927   5.822   -3.795  1.00 22.40 ? 127 TYR A CE1 1 
ATOM   957  C CE2 . TYR A 1 127 ? 10.170  7.778   -3.234  1.00 23.99 ? 127 TYR A CE2 1 
ATOM   958  C CZ  . TYR A 1 127 ? 10.097  6.514   -3.791  1.00 23.61 ? 127 TYR A CZ  1 
ATOM   959  O OH  . TYR A 1 127 ? 11.227  5.896   -4.381  1.00 29.11 ? 127 TYR A OH  1 
ATOM   960  N N   . GLY A 1 128 ? 7.786   6.132   0.466   1.00 18.94 ? 128 GLY A N   1 
ATOM   961  C CA  . GLY A 1 128 ? 8.954   6.057   1.273   1.00 18.56 ? 128 GLY A CA  1 
ATOM   962  C C   . GLY A 1 128 ? 9.262   4.636   1.735   1.00 19.73 ? 128 GLY A C   1 
ATOM   963  O O   . GLY A 1 128 ? 8.845   3.671   1.085   1.00 21.58 ? 128 GLY A O   1 
ATOM   964  N N   . SER A 1 129 ? 9.972   4.542   2.857   1.00 18.07 ? 129 SER A N   1 
ATOM   965  C CA  . SER A 1 129 ? 10.538  3.258   3.330   1.00 17.52 ? 129 SER A CA  1 
ATOM   966  C C   . SER A 1 129 ? 9.723   2.488   4.363   1.00 22.16 ? 129 SER A C   1 
ATOM   967  O O   . SER A 1 129 ? 10.171  1.453   4.868   1.00 23.15 ? 129 SER A O   1 
ATOM   968  C CB  . SER A 1 129 ? 11.984  3.470   3.790   1.00 18.16 ? 129 SER A CB  1 
ATOM   969  O OG  . SER A 1 129 ? 12.065  4.431   4.827   1.00 18.57 ? 129 SER A OG  1 
ATOM   970  N N   . TYR A 1 130 ? 8.512   2.924   4.633   1.00 18.57 ? 130 TYR A N   1 
ATOM   971  C CA  . TYR A 1 130 ? 7.655   2.273   5.628   1.00 20.37 ? 130 TYR A CA  1 
ATOM   972  C C   . TYR A 1 130 ? 6.872   1.106   4.941   1.00 22.06 ? 130 TYR A C   1 
ATOM   973  O O   . TYR A 1 130 ? 6.119   1.344   4.002   1.00 19.04 ? 130 TYR A O   1 
ATOM   974  C CB  . TYR A 1 130 ? 6.667   3.292   6.157   1.00 20.66 ? 130 TYR A CB  1 
ATOM   975  C CG  . TYR A 1 130 ? 5.904   2.850   7.367   1.00 19.47 ? 130 TYR A CG  1 
ATOM   976  C CD1 . TYR A 1 130 ? 4.707   2.076   7.237   1.00 19.11 ? 130 TYR A CD1 1 
ATOM   977  C CD2 . TYR A 1 130 ? 6.338   3.191   8.642   1.00 18.69 ? 130 TYR A CD2 1 
ATOM   978  C CE1 . TYR A 1 130 ? 4.000   1.712   8.373   1.00 18.81 ? 130 TYR A CE1 1 
ATOM   979  C CE2 . TYR A 1 130 ? 5.634   2.833   9.765   1.00 20.26 ? 130 TYR A CE2 1 
ATOM   980  C CZ  . TYR A 1 130 ? 4.479   2.058   9.635   1.00 22.01 ? 130 TYR A CZ  1 
ATOM   981  O OH  . TYR A 1 130 ? 3.856   1.612   10.761  1.00 24.76 ? 130 TYR A OH  1 
ATOM   982  N N   . SER A 1 131 ? 7.078   -0.119  5.415   1.00 19.81 ? 131 SER A N   1 
ATOM   983  C CA  . SER A 1 131 ? 6.307   -1.306  5.043   1.00 19.25 ? 131 SER A CA  1 
ATOM   984  C C   . SER A 1 131 ? 5.208   -1.586  6.046   1.00 19.96 ? 131 SER A C   1 
ATOM   985  O O   . SER A 1 131 ? 5.320   -1.217  7.207   1.00 20.99 ? 131 SER A O   1 
ATOM   986  C CB  . SER A 1 131 ? 7.166   -2.570  4.835   1.00 20.58 ? 131 SER A CB  1 
ATOM   987  O OG  . SER A 1 131 ? 8.089   -2.351  3.822   1.00 23.33 ? 131 SER A OG  1 
ATOM   988  N N   . TYR A 1 132 ? 4.104   -2.179  5.550   1.00 16.97 ? 132 TYR A N   1 
ATOM   989  C CA  . TYR A 1 132 ? 2.898   -2.348  6.366   1.00 17.74 ? 132 TYR A CA  1 
ATOM   990  C C   . TYR A 1 132 ? 3.032   -3.621  7.211   1.00 19.41 ? 132 TYR A C   1 
ATOM   991  O O   . TYR A 1 132 ? 2.370   -4.627  6.971   1.00 18.27 ? 132 TYR A O   1 
ATOM   992  C CB  . TYR A 1 132 ? 1.652   -2.420  5.535   1.00 22.39 ? 132 TYR A CB  1 
ATOM   993  C CG  . TYR A 1 132 ? 1.287   -1.132  4.849   1.00 20.43 ? 132 TYR A CG  1 
ATOM   994  C CD1 . TYR A 1 132 ? 2.094   0.023   4.928   1.00 23.24 ? 132 TYR A CD1 1 
ATOM   995  C CD2 . TYR A 1 132 ? 0.204   -1.108  4.007   1.00 20.57 ? 132 TYR A CD2 1 
ATOM   996  C CE1 . TYR A 1 132 ? 1.742   1.189   4.199   1.00 22.60 ? 132 TYR A CE1 1 
ATOM   997  C CE2 . TYR A 1 132 ? -0.192  0.063   3.366   1.00 19.37 ? 132 TYR A CE2 1 
ATOM   998  C CZ  . TYR A 1 132 ? 0.602   1.186   3.446   1.00 20.41 ? 132 TYR A CZ  1 
ATOM   999  O OH  . TYR A 1 132 ? 0.208   2.313   2.738   1.00 24.53 ? 132 TYR A OH  1 
ATOM   1000 N N   . MET A 1 133 ? 3.896   -3.513  8.242   1.00 21.39 ? 133 MET A N   1 
ATOM   1001 C CA  . MET A 1 133 ? 4.161   -4.620  9.168   1.00 22.94 ? 133 MET A CA  1 
ATOM   1002 C C   . MET A 1 133 ? 4.376   -4.033  10.579  1.00 26.71 ? 133 MET A C   1 
ATOM   1003 O O   . MET A 1 133 ? 4.794   -2.862  10.711  1.00 23.16 ? 133 MET A O   1 
ATOM   1004 C CB  . MET A 1 133 ? 5.448   -5.345  8.810   1.00 29.38 ? 133 MET A CB  1 
ATOM   1005 C CG  . MET A 1 133 ? 5.739   -5.528  7.369   1.00 33.28 ? 133 MET A CG  1 
ATOM   1006 S SD  . MET A 1 133 ? 7.481   -5.915  7.076   1.00 33.57 ? 133 MET A SD  1 
ATOM   1007 C CE  . MET A 1 133 ? 7.698   -7.247  8.175   1.00 27.32 ? 133 MET A CE  1 
ATOM   1008 N N   . TRP A 1 134 ? 4.122   -4.879  11.625  1.00 25.25 ? 134 TRP A N   1 
ATOM   1009 C CA  . TRP A 1 134 ? 4.248   -4.451  13.044  1.00 31.26 ? 134 TRP A CA  1 
ATOM   1010 C C   . TRP A 1 134 ? 5.663   -3.890  13.267  1.00 23.71 ? 134 TRP A C   1 
ATOM   1011 O O   . TRP A 1 134 ? 5.825   -2.950  14.014  1.00 25.71 ? 134 TRP A O   1 
ATOM   1012 C CB  . TRP A 1 134 ? 3.969   -5.620  14.046  1.00 33.35 ? 134 TRP A CB  1 
ATOM   1013 C CG  . TRP A 1 134 ? 5.185   -6.200  14.545  1.00 50.53 ? 134 TRP A CG  1 
ATOM   1014 C CD1 . TRP A 1 134 ? 6.079   -6.998  13.850  1.00 60.94 ? 134 TRP A CD1 1 
ATOM   1015 C CD2 . TRP A 1 134 ? 5.811   -5.909  15.814  1.00 49.92 ? 134 TRP A CD2 1 
ATOM   1016 N NE1 . TRP A 1 134 ? 7.213   -7.226  14.623  1.00 60.70 ? 134 TRP A NE1 1 
ATOM   1017 C CE2 . TRP A 1 134 ? 7.084   -6.554  15.816  1.00 54.80 ? 134 TRP A CE2 1 
ATOM   1018 C CE3 . TRP A 1 134 ? 5.414   -5.186  16.946  1.00 56.47 ? 134 TRP A CE3 1 
ATOM   1019 C CZ2 . TRP A 1 134 ? 7.959   -6.514  16.925  1.00 52.94 ? 134 TRP A CZ2 1 
ATOM   1020 C CZ3 . TRP A 1 134 ? 6.305   -5.146  18.065  1.00 56.27 ? 134 TRP A CZ3 1 
ATOM   1021 C CH2 . TRP A 1 134 ? 7.549   -5.819  18.030  1.00 59.07 ? 134 TRP A CH2 1 
ATOM   1022 N N   . SER A 1 135 ? 6.673   -4.502  12.623  1.00 22.67 ? 135 SER A N   1 
ATOM   1023 C CA  . SER A 1 135 ? 8.088   -4.087  12.812  1.00 24.51 ? 135 SER A CA  1 
ATOM   1024 C C   . SER A 1 135 ? 8.344   -2.647  12.464  1.00 25.70 ? 135 SER A C   1 
ATOM   1025 O O   . SER A 1 135 ? 9.175   -1.968  13.114  1.00 24.68 ? 135 SER A O   1 
ATOM   1026 C CB  . SER A 1 135 ? 9.044   -4.994  12.068  1.00 26.36 ? 135 SER A CB  1 
ATOM   1027 O OG  . SER A 1 135 ? 8.844   -4.965  10.673  1.00 30.79 ? 135 SER A OG  1 
ATOM   1028 N N   . PHE A 1 136 ? 7.627   -2.142  11.478  1.00 22.15 ? 136 PHE A N   1 
ATOM   1029 C CA  . PHE A 1 136 ? 7.761   -0.695  11.131  1.00 22.44 ? 136 PHE A CA  1 
ATOM   1030 C C   . PHE A 1 136 ? 7.074   0.231   12.098  1.00 25.74 ? 136 PHE A C   1 
ATOM   1031 O O   . PHE A 1 136 ? 7.421   1.388   12.184  1.00 22.78 ? 136 PHE A O   1 
ATOM   1032 C CB  . PHE A 1 136 ? 7.357   -0.446  9.685   1.00 22.24 ? 136 PHE A CB  1 
ATOM   1033 C CG  . PHE A 1 136 ? 8.413   -0.879  8.702   1.00 19.75 ? 136 PHE A CG  1 
ATOM   1034 C CD1 . PHE A 1 136 ? 8.538   -2.213  8.327   1.00 22.65 ? 136 PHE A CD1 1 
ATOM   1035 C CD2 . PHE A 1 136 ? 9.351   0.034   8.208   1.00 19.36 ? 136 PHE A CD2 1 
ATOM   1036 C CE1 . PHE A 1 136 ? 9.527   -2.610  7.469   1.00 21.57 ? 136 PHE A CE1 1 
ATOM   1037 C CE2 . PHE A 1 136 ? 10.297  -0.354  7.349   1.00 19.98 ? 136 PHE A CE2 1 
ATOM   1038 C CZ  . PHE A 1 136 ? 10.443  -1.670  7.018   1.00 21.82 ? 136 PHE A CZ  1 
ATOM   1039 N N   . GLU A 1 137 ? 6.074   -0.254  12.811  1.00 25.27 ? 137 GLU A N   1 
ATOM   1040 C CA  . GLU A 1 137 ? 5.460   0.512   13.878  1.00 28.75 ? 137 GLU A CA  1 
ATOM   1041 C C   . GLU A 1 137 ? 6.361   0.467   15.126  1.00 27.09 ? 137 GLU A C   1 
ATOM   1042 O O   . GLU A 1 137 ? 6.490   1.441   15.853  1.00 31.51 ? 137 GLU A O   1 
ATOM   1043 C CB  . GLU A 1 137 ? 4.034   -0.080  14.181  1.00 31.09 ? 137 GLU A CB  1 
ATOM   1044 C CG  . GLU A 1 137 ? 3.246   0.857   15.009  1.00 35.60 ? 137 GLU A CG  1 
ATOM   1045 C CD  . GLU A 1 137 ? 1.946   0.277   15.575  1.00 41.79 ? 137 GLU A CD  1 
ATOM   1046 O OE1 . GLU A 1 137 ? 1.465   -0.780  15.173  1.00 31.39 ? 137 GLU A OE1 1 
ATOM   1047 O OE2 . GLU A 1 137 ? 1.393   0.904   16.487  1.00 49.13 ? 137 GLU A OE2 1 
ATOM   1048 N N   . LYS A 1 138 ? 7.002   -0.622  15.401  1.00 28.95 ? 138 LYS A N   1 
ATOM   1049 C CA  . LYS A 1 138 ? 7.671   -0.745  16.697  1.00 33.37 ? 138 LYS A CA  1 
ATOM   1050 C C   . LYS A 1 138 ? 9.192   -0.771  16.747  1.00 33.21 ? 138 LYS A C   1 
ATOM   1051 O O   . LYS A 1 138 ? 9.784   -0.561  17.815  1.00 30.75 ? 138 LYS A O   1 
ATOM   1052 C CB  . LYS A 1 138 ? 7.174   -2.037  17.343  1.00 38.35 ? 138 LYS A CB  1 
ATOM   1053 C CG  . LYS A 1 138 ? 5.680   -2.075  17.541  1.00 43.83 ? 138 LYS A CG  1 
ATOM   1054 C CD  . LYS A 1 138 ? 5.133   -0.979  18.424  1.00 46.87 ? 138 LYS A CD  1 
ATOM   1055 C CE  . LYS A 1 138 ? 3.802   -1.442  19.013  1.00 53.79 ? 138 LYS A CE  1 
ATOM   1056 N NZ  . LYS A 1 138 ? 3.167   -0.301  19.718  1.00 56.41 ? 138 LYS A NZ  1 
ATOM   1057 N N   . ALA A 1 139 ? 9.845   -1.086  15.647  1.00 25.82 ? 139 ALA A N   1 
ATOM   1058 C CA  . ALA A 1 139 ? 11.247  -1.484  15.704  1.00 23.95 ? 139 ALA A CA  1 
ATOM   1059 C C   . ALA A 1 139 ? 12.119  -0.650  14.778  1.00 22.41 ? 139 ALA A C   1 
ATOM   1060 O O   . ALA A 1 139 ? 13.231  -0.236  15.132  1.00 25.71 ? 139 ALA A O   1 
ATOM   1061 C CB  . ALA A 1 139 ? 11.372  -2.933  15.319  1.00 25.40 ? 139 ALA A CB  1 
ATOM   1062 N N   . HIS A 1 140 ? 11.628  -0.369  13.568  1.00 24.12 ? 140 HIS A N   1 
ATOM   1063 C CA  . HIS A 1 140 ? 12.517  0.224   12.566  1.00 21.53 ? 140 HIS A CA  1 
ATOM   1064 C C   . HIS A 1 140 ? 12.435  1.704   12.501  1.00 20.75 ? 140 HIS A C   1 
ATOM   1065 O O   . HIS A 1 140 ? 11.454  2.308   12.882  1.00 22.03 ? 140 HIS A O   1 
ATOM   1066 C CB  . HIS A 1 140 ? 12.150  -0.335  11.160  1.00 23.63 ? 140 HIS A CB  1 
ATOM   1067 C CG  . HIS A 1 140 ? 12.295  -1.797  11.024  1.00 23.36 ? 140 HIS A CG  1 
ATOM   1068 N ND1 . HIS A 1 140 ? 13.293  -2.524  11.642  1.00 24.55 ? 140 HIS A ND1 1 
ATOM   1069 C CD2 . HIS A 1 140 ? 11.520  -2.696  10.364  1.00 25.94 ? 140 HIS A CD2 1 
ATOM   1070 C CE1 . HIS A 1 140 ? 13.149  -3.806  11.314  1.00 29.86 ? 140 HIS A CE1 1 
ATOM   1071 N NE2 . HIS A 1 140 ? 12.052  -3.943  10.564  1.00 24.73 ? 140 HIS A NE2 1 
ATOM   1072 N N   . LEU A 1 141 ? 13.491  2.306   11.981  1.00 18.25 ? 141 LEU A N   1 
ATOM   1073 C CA  . LEU A 1 141 ? 13.505  3.723   11.646  1.00 18.87 ? 141 LEU A CA  1 
ATOM   1074 C C   . LEU A 1 141 ? 13.115  3.828   10.163  1.00 21.56 ? 141 LEU A C   1 
ATOM   1075 O O   . LEU A 1 141 ? 13.609  3.042   9.300   1.00 24.01 ? 141 LEU A O   1 
ATOM   1076 C CB  . LEU A 1 141 ? 14.884  4.333   11.835  1.00 19.44 ? 141 LEU A CB  1 
ATOM   1077 C CG  . LEU A 1 141 ? 15.557  4.134   13.186  1.00 24.76 ? 141 LEU A CG  1 
ATOM   1078 C CD1 . LEU A 1 141 ? 16.921  4.767   13.083  1.00 28.88 ? 141 LEU A CD1 1 
ATOM   1079 C CD2 . LEU A 1 141 ? 14.727  4.675   14.324  1.00 29.07 ? 141 LEU A CD2 1 
ATOM   1080 N N   . SER A 1 142 ? 12.255  4.804   9.849   1.00 21.29 ? 142 SER A N   1 
ATOM   1081 C CA  . SER A 1 142 ? 11.819  5.010   8.460   1.00 18.12 ? 142 SER A CA  1 
ATOM   1082 C C   . SER A 1 142 ? 11.360  6.410   8.234   1.00 16.92 ? 142 SER A C   1 
ATOM   1083 O O   . SER A 1 142 ? 11.376  7.211   9.139   1.00 18.02 ? 142 SER A O   1 
ATOM   1084 C CB  . SER A 1 142 ? 10.676  3.971   8.087   1.00 19.24 ? 142 SER A CB  1 
ATOM   1085 O OG  . SER A 1 142 ? 9.543   4.225   8.778   1.00 20.03 ? 142 SER A OG  1 
ATOM   1086 N N   . MET A 1 143 ? 11.102  6.728   6.978   1.00 16.05 ? 143 MET A N   1 
ATOM   1087 C CA  . MET A 1 143 ? 10.684  8.089   6.566   1.00 19.58 ? 143 MET A CA  1 
ATOM   1088 C C   . MET A 1 143 ? 9.805   7.909   5.304   1.00 19.19 ? 143 MET A C   1 
ATOM   1089 O O   . MET A 1 143 ? 10.000  6.960   4.525   1.00 18.52 ? 143 MET A O   1 
ATOM   1090 C CB  . MET A 1 143 ? 11.867  8.955   6.226   1.00 20.62 ? 143 MET A CB  1 
ATOM   1091 C CG  . MET A 1 143 ? 11.553  10.361  5.706   1.00 32.07 ? 143 MET A CG  1 
ATOM   1092 S SD  . MET A 1 143 ? 12.984  11.296  4.994   1.00 40.38 ? 143 MET A SD  1 
ATOM   1093 C CE  . MET A 1 143 ? 14.134  10.001  4.966   1.00 24.28 ? 143 MET A CE  1 
ATOM   1094 N N   . VAL A 1 144 ? 8.874   8.845   5.123   1.00 18.17 ? 144 VAL A N   1 
ATOM   1095 C CA  . VAL A 1 144 ? 8.071   8.910   3.924   1.00 18.49 ? 144 VAL A CA  1 
ATOM   1096 C C   . VAL A 1 144 ? 7.898   10.386  3.530   1.00 17.35 ? 144 VAL A C   1 
ATOM   1097 O O   . VAL A 1 144 ? 8.073   11.259  4.354   1.00 22.54 ? 144 VAL A O   1 
ATOM   1098 C CB  . VAL A 1 144 ? 6.639   8.294   4.143   1.00 17.64 ? 144 VAL A CB  1 
ATOM   1099 C CG1 . VAL A 1 144 ? 6.734   6.797   4.352   1.00 19.65 ? 144 VAL A CG1 1 
ATOM   1100 C CG2 . VAL A 1 144 ? 5.812   8.989   5.238   1.00 18.09 ? 144 VAL A CG2 1 
ATOM   1101 N N   . GLN A 1 145 ? 7.528   10.583  2.306   1.00 18.85 ? 145 GLN A N   1 
ATOM   1102 C CA  . GLN A 1 145 ? 7.046   11.844  1.811   1.00 18.10 ? 145 GLN A CA  1 
ATOM   1103 C C   . GLN A 1 145 ? 5.539   11.781  1.656   1.00 20.10 ? 145 GLN A C   1 
ATOM   1104 O O   . GLN A 1 145 ? 5.031   10.773  1.148   1.00 18.40 ? 145 GLN A O   1 
ATOM   1105 C CB  . GLN A 1 145 ? 7.624   12.050  0.426   1.00 18.66 ? 145 GLN A CB  1 
ATOM   1106 C CG  . GLN A 1 145 ? 9.137   12.232  0.297   1.00 21.59 ? 145 GLN A CG  1 
ATOM   1107 C CD  . GLN A 1 145 ? 9.640   12.382  -1.117  1.00 25.48 ? 145 GLN A CD  1 
ATOM   1108 O OE1 . GLN A 1 145 ? 8.903   12.106  -2.057  1.00 31.65 ? 145 GLN A OE1 1 
ATOM   1109 N NE2 . GLN A 1 145 ? 10.902  12.730  -1.292  1.00 29.23 ? 145 GLN A NE2 1 
ATOM   1110 N N   . ILE A 1 146 ? 4.824   12.896  1.994   1.00 18.20 ? 146 ILE A N   1 
ATOM   1111 C CA  . ILE A 1 146 ? 3.452   13.079  1.562   1.00 19.77 ? 146 ILE A CA  1 
ATOM   1112 C C   . ILE A 1 146 ? 3.575   14.023  0.356   1.00 19.17 ? 146 ILE A C   1 
ATOM   1113 O O   . ILE A 1 146 ? 4.005   15.196  0.538   1.00 18.77 ? 146 ILE A O   1 
ATOM   1114 C CB  . ILE A 1 146 ? 2.625   13.701  2.624   1.00 19.81 ? 146 ILE A CB  1 
ATOM   1115 C CG1 . ILE A 1 146 ? 2.631   12.846  3.906   1.00 22.26 ? 146 ILE A CG1 1 
ATOM   1116 C CG2 . ILE A 1 146 ? 1.204   13.890  2.153   1.00 21.53 ? 146 ILE A CG2 1 
ATOM   1117 C CD1 . ILE A 1 146 ? 2.069   11.494  3.623   1.00 23.60 ? 146 ILE A CD1 1 
ATOM   1118 N N   . ILE A 1 147 ? 3.152   13.549  -0.800  1.00 19.32 ? 147 ILE A N   1 
ATOM   1119 C CA  . ILE A 1 147 ? 3.262   14.279  -2.033  1.00 22.16 ? 147 ILE A CA  1 
ATOM   1120 C C   . ILE A 1 147 ? 1.880   14.674  -2.532  1.00 25.16 ? 147 ILE A C   1 
ATOM   1121 O O   . ILE A 1 147 ? 1.009   13.838  -2.633  1.00 20.68 ? 147 ILE A O   1 
ATOM   1122 C CB  . ILE A 1 147 ? 3.918   13.364  -3.079  1.00 21.77 ? 147 ILE A CB  1 
ATOM   1123 C CG1 . ILE A 1 147 ? 5.246   12.834  -2.585  1.00 21.97 ? 147 ILE A CG1 1 
ATOM   1124 C CG2 . ILE A 1 147 ? 4.055   14.037  -4.400  1.00 23.98 ? 147 ILE A CG2 1 
ATOM   1125 C CD1 . ILE A 1 147 ? 5.810   11.784  -3.531  1.00 22.15 ? 147 ILE A CD1 1 
ATOM   1126 N N   . THR A 1 148 ? 1.681   15.958  -2.887  1.00 22.69 ? 148 THR A N   1 
ATOM   1127 C CA  . THR A 1 148 ? 0.498   16.334  -3.640  1.00 22.97 ? 148 THR A CA  1 
ATOM   1128 C C   . THR A 1 148 ? 0.889   17.186  -4.830  1.00 21.40 ? 148 THR A C   1 
ATOM   1129 O O   . THR A 1 148 ? 2.004   17.684  -4.941  1.00 22.87 ? 148 THR A O   1 
ATOM   1130 C CB  . THR A 1 148 ? -0.482  17.159  -2.782  1.00 24.55 ? 148 THR A CB  1 
ATOM   1131 O OG1 . THR A 1 148 ? 0.227   18.310  -2.265  1.00 23.24 ? 148 THR A OG1 1 
ATOM   1132 C CG2 . THR A 1 148 ? -0.945  16.364  -1.579  1.00 27.39 ? 148 THR A CG2 1 
ATOM   1133 N N   . GLY A 1 149 ? -0.029  17.320  -5.755  1.00 22.85 ? 149 GLY A N   1 
ATOM   1134 C CA  . GLY A 1 149 ? 0.220   18.126  -6.960  1.00 25.12 ? 149 GLY A CA  1 
ATOM   1135 C C   . GLY A 1 149 ? 0.717   17.326  -8.169  1.00 24.72 ? 149 GLY A C   1 
ATOM   1136 O O   . GLY A 1 149 ? 0.489   16.122  -8.295  1.00 24.92 ? 149 GLY A O   1 
ATOM   1137 N N   . GLN A 1 150 ? 1.489   17.994  -9.009  1.00 26.39 ? 150 GLN A N   1 
ATOM   1138 C CA  . GLN A 1 150 ? 1.947   17.490  -10.299 1.00 29.03 ? 150 GLN A CA  1 
ATOM   1139 C C   . GLN A 1 150 ? 2.585   16.081  -10.256 1.00 24.31 ? 150 GLN A C   1 
ATOM   1140 O O   . GLN A 1 150 ? 2.203   15.227  -11.022 1.00 26.38 ? 150 GLN A O   1 
ATOM   1141 C CB  . GLN A 1 150 ? 3.023   18.429  -10.866 1.00 35.79 ? 150 GLN A CB  1 
ATOM   1142 C CG  . GLN A 1 150 ? 3.569   18.039  -12.238 1.00 43.52 ? 150 GLN A CG  1 
ATOM   1143 C CD  . GLN A 1 150 ? 2.447   18.111  -13.226 1.00 52.53 ? 150 GLN A CD  1 
ATOM   1144 O OE1 . GLN A 1 150 ? 1.803   19.177  -13.356 1.00 56.19 ? 150 GLN A OE1 1 
ATOM   1145 N NE2 . GLN A 1 150 ? 2.121   16.981  -13.851 1.00 53.99 ? 150 GLN A NE2 1 
ATOM   1146 N N   . LEU A 1 151 ? 3.505   15.876  -9.303  1.00 23.71 ? 151 LEU A N   1 
ATOM   1147 C CA  . LEU A 1 151 ? 4.263   14.609  -9.264  1.00 22.58 ? 151 LEU A CA  1 
ATOM   1148 C C   . LEU A 1 151 ? 3.324   13.435  -9.010  1.00 21.98 ? 151 LEU A C   1 
ATOM   1149 O O   . LEU A 1 151 ? 3.635   12.279  -9.384  1.00 22.63 ? 151 LEU A O   1 
ATOM   1150 C CB  . LEU A 1 151 ? 5.294   14.663  -8.175  1.00 24.58 ? 151 LEU A CB  1 
ATOM   1151 C CG  . LEU A 1 151 ? 6.298   13.516  -8.164  1.00 27.37 ? 151 LEU A CG  1 
ATOM   1152 C CD1 . LEU A 1 151 ? 7.020   13.366  -9.460  1.00 27.54 ? 151 LEU A CD1 1 
ATOM   1153 C CD2 . LEU A 1 151 ? 7.186   13.743  -6.979  1.00 25.11 ? 151 LEU A CD2 1 
ATOM   1154 N N   . VAL A 1 152 ? 2.152   13.693  -8.421  1.00 19.61 ? 152 VAL A N   1 
ATOM   1155 C CA  . VAL A 1 152 ? 1.200   12.566  -8.202  1.00 19.62 ? 152 VAL A CA  1 
ATOM   1156 C C   . VAL A 1 152 ? 0.908   11.844  -9.509  1.00 22.11 ? 152 VAL A C   1 
ATOM   1157 O O   . VAL A 1 152 ? 0.682   10.592  -9.553  1.00 20.27 ? 152 VAL A O   1 
ATOM   1158 C CB  . VAL A 1 152 ? -0.093  13.022  -7.507  1.00 22.19 ? 152 VAL A CB  1 
ATOM   1159 C CG1 . VAL A 1 152 ? -1.125  11.943  -7.448  1.00 23.83 ? 152 VAL A CG1 1 
ATOM   1160 C CG2 . VAL A 1 152 ? 0.238   13.502  -6.083  1.00 23.98 ? 152 VAL A CG2 1 
ATOM   1161 N N   . GLU A 1 153 ? 0.840   12.580  -10.616 1.00 23.28 ? 153 GLU A N   1 
ATOM   1162 C CA  . GLU A 1 153 ? 0.494   11.950  -11.888 1.00 23.08 ? 153 GLU A CA  1 
ATOM   1163 C C   . GLU A 1 153 ? 1.571   10.999  -12.277 1.00 21.53 ? 153 GLU A C   1 
ATOM   1164 O O   . GLU A 1 153 ? 1.255   10.031  -12.958 1.00 23.20 ? 153 GLU A O   1 
ATOM   1165 C CB  . GLU A 1 153 ? 0.327   12.980  -13.045 1.00 29.09 ? 153 GLU A CB  1 
ATOM   1166 C CG  . GLU A 1 153 ? -0.691  14.066  -12.709 1.00 34.43 ? 153 GLU A CG  1 
ATOM   1167 C CD  . GLU A 1 153 ? -0.683  15.222  -13.747 1.00 48.10 ? 153 GLU A CD  1 
ATOM   1168 O OE1 . GLU A 1 153 ? -0.011  15.073  -14.834 1.00 42.99 ? 153 GLU A OE1 1 
ATOM   1169 O OE2 . GLU A 1 153 ? -1.335  16.278  -13.453 1.00 53.67 ? 153 GLU A OE2 1 
ATOM   1170 N N   . SER A 1 154 ? 2.847   11.239  -11.908 1.00 20.67 ? 154 SER A N   1 
ATOM   1171 C CA  . SER A 1 154 ? 3.879   10.245  -12.209 1.00 20.48 ? 154 SER A CA  1 
ATOM   1172 C C   . SER A 1 154 ? 3.745   8.944   -11.422 1.00 21.32 ? 154 SER A C   1 
ATOM   1173 O O   . SER A 1 154 ? 4.090   7.872   -11.938 1.00 22.87 ? 154 SER A O   1 
ATOM   1174 C CB  . SER A 1 154 ? 5.279   10.823  -12.005 1.00 24.08 ? 154 SER A CB  1 
ATOM   1175 O OG  . SER A 1 154 ? 5.389   11.957  -12.818 1.00 26.21 ? 154 SER A OG  1 
ATOM   1176 N N   . PHE A 1 155 ? 3.220   9.036   -10.198 1.00 21.97 ? 155 PHE A N   1 
ATOM   1177 C CA  . PHE A 1 155 ? 2.939   7.884   -9.408  1.00 20.16 ? 155 PHE A CA  1 
ATOM   1178 C C   . PHE A 1 155 ? 1.748   7.134   -9.979  1.00 21.93 ? 155 PHE A C   1 
ATOM   1179 O O   . PHE A 1 155 ? 1.706   5.939   -9.934  1.00 21.72 ? 155 PHE A O   1 
ATOM   1180 C CB  . PHE A 1 155 ? 2.771   8.237   -7.922  1.00 20.76 ? 155 PHE A CB  1 
ATOM   1181 C CG  . PHE A 1 155 ? 4.069   8.451   -7.226  1.00 20.66 ? 155 PHE A CG  1 
ATOM   1182 C CD1 . PHE A 1 155 ? 4.743   7.369   -6.618  1.00 22.18 ? 155 PHE A CD1 1 
ATOM   1183 C CD2 . PHE A 1 155 ? 4.632   9.688   -7.151  1.00 21.20 ? 155 PHE A CD2 1 
ATOM   1184 C CE1 . PHE A 1 155 ? 5.987   7.551   -6.031  1.00 21.68 ? 155 PHE A CE1 1 
ATOM   1185 C CE2 . PHE A 1 155 ? 5.876   9.860   -6.507  1.00 22.56 ? 155 PHE A CE2 1 
ATOM   1186 C CZ  . PHE A 1 155 ? 6.563   8.792   -5.982  1.00 20.99 ? 155 PHE A CZ  1 
ATOM   1187 N N   . ASP A 1 156 ? 0.744   7.836   -10.463 1.00 19.74 ? 156 ASP A N   1 
ATOM   1188 C CA  . ASP A 1 156 ? -0.380  7.186   -11.128 1.00 22.38 ? 156 ASP A CA  1 
ATOM   1189 C C   . ASP A 1 156 ? 0.177   6.383   -12.296 1.00 22.11 ? 156 ASP A C   1 
ATOM   1190 O O   . ASP A 1 156 ? -0.163  5.213   -12.444 1.00 23.65 ? 156 ASP A O   1 
ATOM   1191 C CB  . ASP A 1 156 ? -1.400  8.219   -11.563 1.00 25.36 ? 156 ASP A CB  1 
ATOM   1192 C CG  . ASP A 1 156 ? -2.654  7.542   -12.119 1.00 37.07 ? 156 ASP A CG  1 
ATOM   1193 O OD1 . ASP A 1 156 ? -3.563  7.311   -11.363 1.00 48.57 ? 156 ASP A OD1 1 
ATOM   1194 O OD2 . ASP A 1 156 ? -2.635  7.091   -13.248 1.00 40.60 ? 156 ASP A OD2 1 
ATOM   1195 N N   . GLU A 1 157 ? 0.994   7.004   -13.130 1.00 22.91 ? 157 GLU A N   1 
ATOM   1196 C CA  . GLU A 1 157 ? 1.578   6.302   -14.270 1.00 24.72 ? 157 GLU A CA  1 
ATOM   1197 C C   . GLU A 1 157 ? 2.454   5.116   -13.854 1.00 22.37 ? 157 GLU A C   1 
ATOM   1198 O O   . GLU A 1 157 ? 2.374   4.020   -14.442 1.00 22.11 ? 157 GLU A O   1 
ATOM   1199 C CB  . GLU A 1 157 ? 2.338   7.280   -15.185 1.00 29.23 ? 157 GLU A CB  1 
ATOM   1200 C CG  . GLU A 1 157 ? 3.157   6.630   -16.336 1.00 33.43 ? 157 GLU A CG  1 
ATOM   1201 C CD  . GLU A 1 157 ? 3.872   7.732   -17.116 1.00 42.68 ? 157 GLU A CD  1 
ATOM   1202 O OE1 . GLU A 1 157 ? 3.167   8.617   -17.619 1.00 50.54 ? 157 GLU A OE1 1 
ATOM   1203 O OE2 . GLU A 1 157 ? 5.114   7.843   -17.098 1.00 40.82 ? 157 GLU A OE2 1 
ATOM   1204 N N   . GLU A 1 158 ? 3.234   5.268   -12.798 1.00 21.59 ? 158 GLU A N   1 
ATOM   1205 C CA  . GLU A 1 158 ? 4.011   4.130   -12.328 1.00 22.32 ? 158 GLU A CA  1 
ATOM   1206 C C   . GLU A 1 158 ? 3.113   3.021   -11.771 1.00 21.01 ? 158 GLU A C   1 
ATOM   1207 O O   . GLU A 1 158 ? 3.434   1.813   -11.945 1.00 21.42 ? 158 GLU A O   1 
ATOM   1208 C CB  . GLU A 1 158 ? 4.972   4.562   -11.280 1.00 23.76 ? 158 GLU A CB  1 
ATOM   1209 C CG  . GLU A 1 158 ? 5.813   3.442   -10.642 1.00 28.22 ? 158 GLU A CG  1 
ATOM   1210 C CD  . GLU A 1 158 ? 6.664   2.618   -11.594 1.00 28.12 ? 158 GLU A CD  1 
ATOM   1211 O OE1 . GLU A 1 158 ? 6.778   2.867   -12.829 1.00 25.98 ? 158 GLU A OE1 1 
ATOM   1212 O OE2 . GLU A 1 158 ? 7.286   1.702   -11.044 1.00 32.12 ? 158 GLU A OE2 1 
ATOM   1213 N N   . PHE A 1 159 ? 2.004   3.361   -11.103 1.00 19.34 ? 159 PHE A N   1 
ATOM   1214 C CA  . PHE A 1 159 ? 1.101   2.294   -10.621 1.00 19.84 ? 159 PHE A CA  1 
ATOM   1215 C C   . PHE A 1 159 ? 0.569   1.490   -11.816 1.00 22.85 ? 159 PHE A C   1 
ATOM   1216 O O   . PHE A 1 159 ? 0.576   0.260   -11.847 1.00 21.12 ? 159 PHE A O   1 
ATOM   1217 C CB  . PHE A 1 159 ? -0.113  2.858   -9.858  1.00 19.89 ? 159 PHE A CB  1 
ATOM   1218 C CG  . PHE A 1 159 ? -0.924  1.817   -9.271  1.00 19.94 ? 159 PHE A CG  1 
ATOM   1219 C CD1 . PHE A 1 159 ? -0.481  1.164   -8.128  1.00 21.70 ? 159 PHE A CD1 1 
ATOM   1220 C CD2 . PHE A 1 159 ? -2.067  1.342   -9.930  1.00 24.13 ? 159 PHE A CD2 1 
ATOM   1221 C CE1 . PHE A 1 159 ? -1.202  0.108   -7.584  1.00 23.20 ? 159 PHE A CE1 1 
ATOM   1222 C CE2 . PHE A 1 159 ? -2.776  0.267   -9.402  1.00 22.19 ? 159 PHE A CE2 1 
ATOM   1223 C CZ  . PHE A 1 159 ? -2.335  -0.336  -8.241  1.00 19.06 ? 159 PHE A CZ  1 
ATOM   1224 N N   . ARG A 1 160 ? 0.138   2.218   -12.862 1.00 21.70 ? 160 ARG A N   1 
ATOM   1225 C CA  . ARG A 1 160 ? -0.365  1.537   -14.071 1.00 23.93 ? 160 ARG A CA  1 
ATOM   1226 C C   . ARG A 1 160 ? 0.690   0.681   -14.740 1.00 22.82 ? 160 ARG A C   1 
ATOM   1227 O O   . ARG A 1 160 ? 0.395   -0.410  -15.169 1.00 22.61 ? 160 ARG A O   1 
ATOM   1228 C CB  . ARG A 1 160 ? -0.945  2.569   -15.045 1.00 25.32 ? 160 ARG A CB  1 
ATOM   1229 C CG  . ARG A 1 160 ? -2.160  3.246   -14.528 1.00 29.25 ? 160 ARG A CG  1 
ATOM   1230 C CD  . ARG A 1 160 ? -2.513  4.325   -15.537 1.00 35.26 ? 160 ARG A CD  1 
ATOM   1231 N NE  . ARG A 1 160 ? -3.400  5.200   -14.868 1.00 39.38 ? 160 ARG A NE  1 
ATOM   1232 C CZ  . ARG A 1 160 ? -4.704  5.027   -14.721 1.00 51.71 ? 160 ARG A CZ  1 
ATOM   1233 N NH1 . ARG A 1 160 ? -5.386  5.950   -14.020 1.00 52.66 ? 160 ARG A NH1 1 
ATOM   1234 N NH2 . ARG A 1 160 ? -5.354  3.988   -15.286 1.00 53.49 ? 160 ARG A NH2 1 
ATOM   1235 N N   . THR A 1 161 ? 1.936   1.157   -14.760 1.00 22.20 ? 161 THR A N   1 
ATOM   1236 C CA  . THR A 1 161 ? 3.039   0.424   -15.302 1.00 23.75 ? 161 THR A CA  1 
ATOM   1237 C C   . THR A 1 161 ? 3.252   -0.915  -14.526 1.00 21.49 ? 161 THR A C   1 
ATOM   1238 O O   . THR A 1 161 ? 3.346   -1.990  -15.105 1.00 22.70 ? 161 THR A O   1 
ATOM   1239 C CB  . THR A 1 161 ? 4.309   1.294   -15.303 1.00 23.80 ? 161 THR A CB  1 
ATOM   1240 O OG1 . THR A 1 161 ? 4.109   2.464   -16.160 1.00 25.91 ? 161 THR A OG1 1 
ATOM   1241 C CG2 . THR A 1 161 ? 5.457   0.487   -15.749 1.00 30.28 ? 161 THR A CG2 1 
ATOM   1242 N N   . LEU A 1 162 ? 3.297   -0.817  -13.218 1.00 22.02 ? 162 LEU A N   1 
ATOM   1243 C CA  . LEU A 1 162 ? 3.403   -2.021  -12.382 1.00 21.68 ? 162 LEU A CA  1 
ATOM   1244 C C   . LEU A 1 162 ? 2.225   -2.947  -12.546 1.00 20.27 ? 162 LEU A C   1 
ATOM   1245 O O   . LEU A 1 162 ? 2.386   -4.137  -12.588 1.00 20.90 ? 162 LEU A O   1 
ATOM   1246 C CB  . LEU A 1 162 ? 3.543   -1.645  -10.915 1.00 20.01 ? 162 LEU A CB  1 
ATOM   1247 C CG  . LEU A 1 162 ? 4.886   -0.959  -10.638 1.00 20.78 ? 162 LEU A CG  1 
ATOM   1248 C CD1 . LEU A 1 162 ? 4.804   -0.406  -9.249  1.00 22.64 ? 162 LEU A CD1 1 
ATOM   1249 C CD2 . LEU A 1 162 ? 6.132   -1.845  -10.727 1.00 23.86 ? 162 LEU A CD2 1 
ATOM   1250 N N   . TYR A 1 163 ? 1.042   -2.378  -12.622 1.00 18.61 ? 163 TYR A N   1 
ATOM   1251 C CA  . TYR A 1 163 ? -0.157  -3.180  -12.721 1.00 21.63 ? 163 TYR A CA  1 
ATOM   1252 C C   . TYR A 1 163 ? -0.120  -4.048  -13.986 1.00 23.52 ? 163 TYR A C   1 
ATOM   1253 O O   . TYR A 1 163 ? -0.490  -5.283  -13.987 1.00 21.59 ? 163 TYR A O   1 
ATOM   1254 C CB  . TYR A 1 163 ? -1.375  -2.293  -12.804 1.00 23.69 ? 163 TYR A CB  1 
ATOM   1255 C CG  . TYR A 1 163 ? -2.631  -3.056  -12.560 1.00 26.31 ? 163 TYR A CG  1 
ATOM   1256 C CD1 . TYR A 1 163 ? -3.379  -3.602  -13.579 1.00 34.51 ? 163 TYR A CD1 1 
ATOM   1257 C CD2 . TYR A 1 163 ? -3.081  -3.196  -11.244 1.00 31.20 ? 163 TYR A CD2 1 
ATOM   1258 C CE1 . TYR A 1 163 ? -4.541  -4.324  -13.292 1.00 36.84 ? 163 TYR A CE1 1 
ATOM   1259 C CE2 . TYR A 1 163 ? -4.212  -3.918  -10.948 1.00 35.08 ? 163 TYR A CE2 1 
ATOM   1260 C CZ  . TYR A 1 163 ? -4.947  -4.446  -11.977 1.00 33.54 ? 163 TYR A CZ  1 
ATOM   1261 O OH  . TYR A 1 163 ? -6.052  -5.107  -11.574 1.00 42.62 ? 163 TYR A OH  1 
ATOM   1262 N N   . ALA A 1 164 ? 0.348   -3.408  -15.071 1.00 23.95 ? 164 ALA A N   1 
ATOM   1263 C CA  . ALA A 1 164 ? 0.516   -4.136  -16.357 1.00 27.33 ? 164 ALA A CA  1 
ATOM   1264 C C   . ALA A 1 164 ? 1.504   -5.277  -16.334 1.00 28.02 ? 164 ALA A C   1 
ATOM   1265 O O   . ALA A 1 164 ? 1.423   -6.169  -17.145 1.00 33.48 ? 164 ALA A O   1 
ATOM   1266 C CB  . ALA A 1 164 ? 0.921   -3.187  -17.471 1.00 28.36 ? 164 ALA A CB  1 
ATOM   1267 N N   . ARG A 1 165 ? 2.470   -5.256  -15.445 1.00 24.93 ? 165 ARG A N   1 
ATOM   1268 C CA  . ARG A 1 165 ? 3.373   -6.369  -15.300 1.00 21.86 ? 165 ARG A CA  1 
ATOM   1269 C C   . ARG A 1 165 ? 3.068   -7.302  -14.103 1.00 22.08 ? 165 ARG A C   1 
ATOM   1270 O O   . ARG A 1 165 ? 3.971   -8.010  -13.631 1.00 25.72 ? 165 ARG A O   1 
ATOM   1271 C CB  . ARG A 1 165 ? 4.816   -5.855  -15.273 1.00 24.74 ? 165 ARG A CB  1 
ATOM   1272 C CG  . ARG A 1 165 ? 5.304   -4.983  -14.102 1.00 28.24 ? 165 ARG A CG  1 
ATOM   1273 C CD  . ARG A 1 165 ? 6.692   -5.487  -13.688 1.00 37.58 ? 165 ARG A CD  1 
ATOM   1274 N NE  . ARG A 1 165 ? 7.608   -4.952  -14.556 1.00 36.40 ? 165 ARG A NE  1 
ATOM   1275 C CZ  . ARG A 1 165 ? 8.732   -5.483  -15.055 1.00 33.05 ? 165 ARG A CZ  1 
ATOM   1276 N NH1 . ARG A 1 165 ? 9.248   -6.670  -14.799 1.00 33.62 ? 165 ARG A NH1 1 
ATOM   1277 N NH2 . ARG A 1 165 ? 9.359   -4.700  -15.892 1.00 33.87 ? 165 ARG A NH2 1 
ATOM   1278 N N   . SER A 1 166 ? 1.834   -7.263  -13.611 1.00 19.46 ? 166 SER A N   1 
ATOM   1279 C CA  . SER A 1 166 ? 1.481   -8.020  -12.408 1.00 22.25 ? 166 SER A CA  1 
ATOM   1280 C C   . SER A 1 166 ? 0.807   -9.309  -12.833 1.00 20.81 ? 166 SER A C   1 
ATOM   1281 O O   . SER A 1 166 ? 0.282   -9.343  -13.930 1.00 22.43 ? 166 SER A O   1 
ATOM   1282 C CB  . SER A 1 166 ? 0.590   -7.186  -11.524 1.00 21.85 ? 166 SER A CB  1 
ATOM   1283 O OG  . SER A 1 166 ? -0.689  -6.986  -12.051 1.00 22.52 ? 166 SER A OG  1 
ATOM   1284 N N   . CYS A 1 167 ? 0.734   -10.313 -11.956 1.00 20.79 ? 167 CYS A N   1 
ATOM   1285 C CA  . CYS A 1 167 ? 0.078   -11.596 -12.251 1.00 22.10 ? 167 CYS A CA  1 
ATOM   1286 C C   . CYS A 1 167 ? -1.022  -11.854 -11.231 1.00 23.70 ? 167 CYS A C   1 
ATOM   1287 O O   . CYS A 1 167 ? -1.018  -11.366 -10.072 1.00 22.15 ? 167 CYS A O   1 
ATOM   1288 C CB  . CYS A 1 167 ? 1.084   -12.741 -12.165 1.00 20.96 ? 167 CYS A CB  1 
ATOM   1289 S SG  . CYS A 1 167 ? 2.562   -12.515 -13.215 1.00 24.60 ? 167 CYS A SG  1 
ATOM   1290 N N   . VAL A 1 168 ? -2.020  -12.619 -11.681 1.00 26.03 ? 168 VAL A N   1 
ATOM   1291 C CA  . VAL A 1 168 ? -3.053  -13.085 -10.766 1.00 27.30 ? 168 VAL A CA  1 
ATOM   1292 C C   . VAL A 1 168 ? -2.373  -14.032 -9.790  1.00 28.55 ? 168 VAL A C   1 
ATOM   1293 O O   . VAL A 1 168 ? -1.567  -14.874 -10.174 1.00 29.89 ? 168 VAL A O   1 
ATOM   1294 C CB  . VAL A 1 168 ? -4.222  -13.777 -11.486 1.00 31.40 ? 168 VAL A CB  1 
ATOM   1295 C CG1 . VAL A 1 168 ? -5.214  -14.373 -10.440 1.00 31.08 ? 168 VAL A CG1 1 
ATOM   1296 C CG2 . VAL A 1 168 ? -4.976  -12.776 -12.395 1.00 28.64 ? 168 VAL A CG2 1 
ATOM   1297 N N   . PRO A 1 169 ? -2.652  -13.923 -8.479  1.00 26.42 ? 169 PRO A N   1 
ATOM   1298 C CA  . PRO A 1 169 ? -1.838  -14.810 -7.709  1.00 29.45 ? 169 PRO A CA  1 
ATOM   1299 C C   . PRO A 1 169 ? -2.319  -16.274 -7.875  1.00 34.70 ? 169 PRO A C   1 
ATOM   1300 O O   . PRO A 1 169 ? -3.506  -16.492 -8.156  1.00 33.44 ? 169 PRO A O   1 
ATOM   1301 C CB  . PRO A 1 169 ? -2.034  -14.350 -6.254  1.00 30.55 ? 169 PRO A CB  1 
ATOM   1302 C CG  . PRO A 1 169 ? -2.737  -13.091 -6.319  1.00 27.16 ? 169 PRO A CG  1 
ATOM   1303 C CD  . PRO A 1 169 ? -3.280  -12.843 -7.695  1.00 28.21 ? 169 PRO A CD  1 
ATOM   1304 N N   . SER A 1 170 ? -1.409  -17.210 -7.710  1.00 43.74 ? 170 SER A N   1 
ATOM   1305 C CA  . SER A 1 170 ? -1.665  -18.643 -7.978  1.00 54.40 ? 170 SER A CA  1 
ATOM   1306 C C   . SER A 1 170 ? -2.801  -19.172 -7.171  1.00 53.61 ? 170 SER A C   1 
ATOM   1307 O O   . SER A 1 170 ? -3.707  -19.782 -7.723  1.00 65.27 ? 170 SER A O   1 
ATOM   1308 C CB  . SER A 1 170 ? -0.430  -19.473 -7.662  1.00 56.87 ? 170 SER A CB  1 
ATOM   1309 O OG  . SER A 1 170 ? 0.725   -18.659 -7.806  1.00 67.95 ? 170 SER A OG  1 
ATOM   1310 N N   . SER A 1 171 ? -2.768  -18.891 -5.870  1.00 54.81 ? 171 SER A N   1 
ATOM   1311 C CA  . SER A 1 171 ? -3.880  -19.182 -4.934  1.00 61.61 ? 171 SER A CA  1 
ATOM   1312 C C   . SER A 1 171 ? -5.270  -18.905 -5.485  1.00 60.02 ? 171 SER A C   1 
ATOM   1313 O O   . SER A 1 171 ? -6.178  -19.656 -5.221  1.00 66.18 ? 171 SER A O   1 
ATOM   1314 C CB  . SER A 1 171 ? -3.731  -18.364 -3.634  1.00 60.69 ? 171 SER A CB  1 
ATOM   1315 O OG  . SER A 1 171 ? -2.359  -18.190 -3.320  1.00 73.93 ? 171 SER A OG  1 
ATOM   1316 N N   . PHE A 1 172 ? -5.439  -17.823 -6.241  1.00 60.18 ? 172 PHE A N   1 
ATOM   1317 C CA  . PHE A 1 172 ? -6.783  -17.326 -6.586  1.00 58.77 ? 172 PHE A CA  1 
ATOM   1318 C C   . PHE A 1 172 ? -7.438  -18.056 -7.767  1.00 71.42 ? 172 PHE A C   1 
ATOM   1319 O O   . PHE A 1 172 ? -6.745  -18.400 -8.739  1.00 70.50 ? 172 PHE A O   1 
ATOM   1320 C CB  . PHE A 1 172 ? -6.716  -15.832 -6.902  1.00 51.26 ? 172 PHE A CB  1 
ATOM   1321 C CG  . PHE A 1 172 ? -6.429  -14.949 -5.714  1.00 45.24 ? 172 PHE A CG  1 
ATOM   1322 C CD1 . PHE A 1 172 ? -6.049  -15.454 -4.455  1.00 46.22 ? 172 PHE A CD1 1 
ATOM   1323 C CD2 . PHE A 1 172 ? -6.563  -13.566 -5.853  1.00 46.23 ? 172 PHE A CD2 1 
ATOM   1324 C CE1 . PHE A 1 172 ? -5.807  -14.598 -3.377  1.00 45.16 ? 172 PHE A CE1 1 
ATOM   1325 C CE2 . PHE A 1 172 ? -6.303  -12.716 -4.779  1.00 40.08 ? 172 PHE A CE2 1 
ATOM   1326 C CZ  . PHE A 1 172 ? -5.936  -13.230 -3.551  1.00 40.76 ? 172 PHE A CZ  1 
ATOM   1327 N N   . ALA A 1 173 ? -8.761  -18.282 -7.663  1.00 78.77 ? 173 ALA A N   1 
ATOM   1328 C CA  . ALA A 1 173 ? -9.580  -18.945 -8.702  1.00 76.90 ? 173 ALA A CA  1 
ATOM   1329 C C   . ALA A 1 173 ? -10.890 -18.195 -8.888  1.00 76.10 ? 173 ALA A C   1 
ATOM   1330 O O   . ALA A 1 173 ? -11.050 -17.451 -9.856  1.00 81.89 ? 173 ALA A O   1 
ATOM   1331 C CB  . ALA A 1 173 ? -9.853  -20.405 -8.352  1.00 72.18 ? 173 ALA A CB  1 
HETATM 1332 C C1  . EDO B 2 .   ? 10.035  18.885  5.203   1.00 42.80 ? 201 EDO A C1  1 
HETATM 1333 O O1  . EDO B 2 .   ? 8.669   18.551  5.428   1.00 40.31 ? 201 EDO A O1  1 
HETATM 1334 C C2  . EDO B 2 .   ? 10.010  20.239  4.541   1.00 53.02 ? 201 EDO A C2  1 
HETATM 1335 O O2  . EDO B 2 .   ? 9.440   19.984  3.256   1.00 53.44 ? 201 EDO A O2  1 
HETATM 1336 C C1  . EDO C 2 .   ? -3.052  12.621  5.707   1.00 73.19 ? 202 EDO A C1  1 
HETATM 1337 O O1  . EDO C 2 .   ? -3.803  13.817  5.855   1.00 75.56 ? 202 EDO A O1  1 
HETATM 1338 C C2  . EDO C 2 .   ? -1.623  13.004  5.323   1.00 68.64 ? 202 EDO A C2  1 
HETATM 1339 O O2  . EDO C 2 .   ? -1.646  14.235  4.644   1.00 74.02 ? 202 EDO A O2  1 
HETATM 1340 C C10 . GQJ D 3 .   ? 17.046  -6.215  -14.910 0.62 38.39 ? 203 GQJ A C10 1 
HETATM 1341 C C13 . GQJ D 3 .   ? 14.266  -6.641  -12.419 0.62 27.18 ? 203 GQJ A C13 1 
HETATM 1342 C C01 . GQJ D 3 .   ? 19.439  -2.204  -17.635 0.62 38.53 ? 203 GQJ A C01 1 
HETATM 1343 C C03 . GQJ D 3 .   ? 18.436  -4.367  -17.126 0.62 40.85 ? 203 GQJ A C03 1 
HETATM 1344 C C04 . GQJ D 3 .   ? 18.420  -5.939  -17.065 0.62 44.19 ? 203 GQJ A C04 1 
HETATM 1345 C C05 . GQJ D 3 .   ? 18.276  -6.377  -18.590 0.62 43.12 ? 203 GQJ A C05 1 
HETATM 1346 C C06 . GQJ D 3 .   ? 17.260  -7.525  -18.533 0.62 41.51 ? 203 GQJ A C06 1 
HETATM 1347 C C08 . GQJ D 3 .   ? 16.390  -7.130  -17.563 0.62 45.85 ? 203 GQJ A C08 1 
HETATM 1348 C C11 . GQJ D 3 .   ? 15.780  -6.560  -14.114 0.62 33.98 ? 203 GQJ A C11 1 
HETATM 1349 C C12 . GQJ D 3 .   ? 15.579  -6.251  -12.759 0.62 28.93 ? 203 GQJ A C12 1 
HETATM 1350 C C14 . GQJ D 3 .   ? 13.690  -7.145  -13.548 0.62 31.89 ? 203 GQJ A C14 1 
HETATM 1351 N N09 . GQJ D 3 .   ? 17.315  -6.390  -16.420 0.62 44.31 ? 203 GQJ A N09 1 
HETATM 1352 O O02 . GQJ D 3 .   ? 19.596  -3.532  -17.269 0.62 46.25 ? 203 GQJ A O02 1 
HETATM 1353 O O07 . GQJ D 3 .   ? 18.128  -8.586  -18.080 0.62 41.54 ? 203 GQJ A O07 1 
HETATM 1354 O O15 . GQJ D 3 .   ? 14.614  -7.042  -14.549 0.62 33.77 ? 203 GQJ A O15 1 
HETATM 1355 O O16 . GQJ D 3 .   ? 17.841  -5.665  -14.358 0.62 40.25 ? 203 GQJ A O16 1 
HETATM 1356 O O17 . GQJ D 3 .   ? 17.460  -3.798  -17.095 0.62 40.39 ? 203 GQJ A O17 1 
HETATM 1357 O O   . HOH E 4 .   ? -0.410  15.999  4.690   1.00 47.25 ? 301 HOH A O   1 
HETATM 1358 O O   . HOH E 4 .   ? 20.114  -9.202  -19.187 1.00 55.91 ? 302 HOH A O   1 
HETATM 1359 O O   . HOH E 4 .   ? 5.282   -14.524 -11.452 1.00 41.58 ? 303 HOH A O   1 
HETATM 1360 O O   . HOH E 4 .   ? -8.414  -5.152  -12.812 1.00 57.65 ? 304 HOH A O   1 
HETATM 1361 O O   . HOH E 4 .   ? -0.752  20.127  -3.512  1.00 36.00 ? 305 HOH A O   1 
HETATM 1362 O O   . HOH E 4 .   ? 11.354  -2.737  -0.336  1.00 44.43 ? 306 HOH A O   1 
HETATM 1363 O O   . HOH E 4 .   ? -6.787  -22.034 3.119   1.00 61.44 ? 307 HOH A O   1 
HETATM 1364 O O   . HOH E 4 .   ? -5.833  12.195  4.056   1.00 40.36 ? 308 HOH A O   1 
HETATM 1365 O O   . HOH E 4 .   ? -1.130  1.257   16.391  1.00 40.62 ? 309 HOH A O   1 
HETATM 1366 O O   . HOH E 4 .   ? 0.583   -9.404  -16.476 1.00 40.40 ? 310 HOH A O   1 
HETATM 1367 O O   . HOH E 4 .   ? 15.018  -7.269  -0.430  1.00 48.30 ? 311 HOH A O   1 
HETATM 1368 O O   . HOH E 4 .   ? -15.427 7.076   0.999   1.00 47.09 ? 312 HOH A O   1 
HETATM 1369 O O   . HOH E 4 .   ? 4.320   14.297  -12.811 1.00 44.08 ? 313 HOH A O   1 
HETATM 1370 O O   . HOH E 4 .   ? 0.817   4.910   15.309  1.00 34.78 ? 314 HOH A O   1 
HETATM 1371 O O   . HOH E 4 .   ? 1.982   4.204   2.754   1.00 28.02 ? 315 HOH A O   1 
HETATM 1372 O O   . HOH E 4 .   ? 8.922   -11.360 -5.669  1.00 26.75 ? 316 HOH A O   1 
HETATM 1373 O O   . HOH E 4 .   ? 0.723   10.783  17.112  1.00 39.46 ? 317 HOH A O   1 
HETATM 1374 O O   . HOH E 4 .   ? 12.929  6.409   3.360   1.00 27.53 ? 318 HOH A O   1 
HETATM 1375 O O   . HOH E 4 .   ? -0.405  -10.183 10.496  1.00 48.18 ? 319 HOH A O   1 
HETATM 1376 O O   . HOH E 4 .   ? 7.116   -8.031  -12.985 1.00 25.10 ? 320 HOH A O   1 
HETATM 1377 O O   . HOH E 4 .   ? 12.972  9.896   13.470  1.00 37.28 ? 321 HOH A O   1 
HETATM 1378 O O   . HOH E 4 .   ? 14.609  -4.015  1.040   1.00 45.54 ? 322 HOH A O   1 
HETATM 1379 O O   . HOH E 4 .   ? -2.327  16.090  -6.277  1.00 34.28 ? 323 HOH A O   1 
HETATM 1380 O O   . HOH E 4 .   ? -6.412  -10.803 -8.684  1.00 32.73 ? 324 HOH A O   1 
HETATM 1381 O O   . HOH E 4 .   ? 5.974   3.535   2.451   1.00 27.32 ? 325 HOH A O   1 
HETATM 1382 O O   . HOH E 4 .   ? 10.618  -0.402  -11.515 1.00 38.84 ? 326 HOH A O   1 
HETATM 1383 O O   . HOH E 4 .   ? 10.330  -3.865  4.010   1.00 34.73 ? 327 HOH A O   1 
HETATM 1384 O O   . HOH E 4 .   ? 1.551   -13.163 7.947   1.00 34.60 ? 328 HOH A O   1 
HETATM 1385 O O   . HOH E 4 .   ? 9.526   2.464   10.852  1.00 19.74 ? 329 HOH A O   1 
HETATM 1386 O O   . HOH E 4 .   ? -1.198  18.974  -13.150 1.00 51.92 ? 330 HOH A O   1 
HETATM 1387 O O   . HOH E 4 .   ? 4.004   -9.239  -0.691  1.00 19.55 ? 331 HOH A O   1 
HETATM 1388 O O   . HOH E 4 .   ? 2.514   -7.058  11.136  1.00 29.87 ? 332 HOH A O   1 
HETATM 1389 O O   . HOH E 4 .   ? 3.777   -12.118 -9.882  1.00 27.61 ? 333 HOH A O   1 
HETATM 1390 O O   . HOH E 4 .   ? 5.068   -9.426  9.676   1.00 40.11 ? 334 HOH A O   1 
HETATM 1391 O O   . HOH E 4 .   ? 5.652   17.134  7.864   1.00 40.59 ? 335 HOH A O   1 
HETATM 1392 O O   . HOH E 4 .   ? -12.029 -7.602  -14.568 1.00 65.83 ? 336 HOH A O   1 
HETATM 1393 O O   . HOH E 4 .   ? 5.831   7.954   12.757  1.00 20.21 ? 337 HOH A O   1 
HETATM 1394 O O   . HOH E 4 .   ? -2.339  14.109  8.167   1.00 68.84 ? 338 HOH A O   1 
HETATM 1395 O O   . HOH E 4 .   ? 2.822   -0.910  10.370  1.00 27.14 ? 339 HOH A O   1 
HETATM 1396 O O   . HOH E 4 .   ? -18.271 4.266   -4.724  1.00 64.45 ? 340 HOH A O   1 
HETATM 1397 O O   . HOH E 4 .   ? 4.367   -2.196  -17.665 1.00 30.40 ? 341 HOH A O   1 
HETATM 1398 O O   . HOH E 4 .   ? -6.406  4.797   12.807  1.00 67.86 ? 342 HOH A O   1 
HETATM 1399 O O   . HOH E 4 .   ? 1.063   14.290  18.634  1.00 31.87 ? 343 HOH A O   1 
HETATM 1400 O O   . HOH E 4 .   ? 5.663   20.080  -10.055 1.00 54.71 ? 344 HOH A O   1 
HETATM 1401 O O   . HOH E 4 .   ? 0.353   13.430  9.131   1.00 19.94 ? 345 HOH A O   1 
HETATM 1402 O O   . HOH E 4 .   ? -5.309  7.993   12.119  1.00 44.34 ? 346 HOH A O   1 
HETATM 1403 O O   . HOH E 4 .   ? 10.858  -6.333  9.288   1.00 34.48 ? 347 HOH A O   1 
HETATM 1404 O O   . HOH E 4 .   ? 6.024   7.719   -13.963 1.00 28.41 ? 348 HOH A O   1 
HETATM 1405 O O   . HOH E 4 .   ? -15.123 -4.775  -1.124  1.00 41.51 ? 349 HOH A O   1 
HETATM 1406 O O   . HOH E 4 .   ? -7.722  -1.966  13.932  1.00 44.32 ? 350 HOH A O   1 
HETATM 1407 O O   . HOH E 4 .   ? -1.757  -13.935 -14.191 1.00 26.93 ? 351 HOH A O   1 
HETATM 1408 O O   . HOH E 4 .   ? -11.339 3.219   5.913   1.00 30.22 ? 352 HOH A O   1 
HETATM 1409 O O   . HOH E 4 .   ? 2.043   17.274  0.433   1.00 34.21 ? 353 HOH A O   1 
HETATM 1410 O O   . HOH E 4 .   ? -8.216  -9.888  -6.222  1.00 40.91 ? 354 HOH A O   1 
HETATM 1411 O O   . HOH E 4 .   ? 4.525   -15.791 -1.569  1.00 31.59 ? 355 HOH A O   1 
HETATM 1412 O O   . HOH E 4 .   ? 4.891   -10.140 -11.937 1.00 28.48 ? 356 HOH A O   1 
HETATM 1413 O O   . HOH E 4 .   ? 2.907   -9.450  1.773   1.00 19.51 ? 357 HOH A O   1 
HETATM 1414 O O   . HOH E 4 .   ? 1.464   17.364  11.890  1.00 25.90 ? 358 HOH A O   1 
HETATM 1415 O O   . HOH E 4 .   ? 7.644   8.402   -18.411 1.00 46.93 ? 359 HOH A O   1 
HETATM 1416 O O   . HOH E 4 .   ? 1.294   14.710  11.254  1.00 26.89 ? 360 HOH A O   1 
HETATM 1417 O O   . HOH E 4 .   ? -5.740  -10.959 -15.706 1.00 53.74 ? 361 HOH A O   1 
HETATM 1418 O O   . HOH E 4 .   ? -5.628  6.748   -6.590  1.00 31.65 ? 362 HOH A O   1 
HETATM 1419 O O   . HOH E 4 .   ? -0.918  -6.232  12.902  1.00 40.24 ? 363 HOH A O   1 
HETATM 1420 O O   . HOH E 4 .   ? 8.691   -14.760 1.921   1.00 61.82 ? 364 HOH A O   1 
HETATM 1421 O O   . HOH E 4 .   ? -16.781 6.757   -0.839  1.00 51.56 ? 365 HOH A O   1 
HETATM 1422 O O   . HOH E 4 .   ? -11.905 -2.667  -7.341  1.00 69.10 ? 366 HOH A O   1 
HETATM 1423 O O   . HOH E 4 .   ? 11.346  -6.750  0.828   1.00 39.72 ? 367 HOH A O   1 
HETATM 1424 O O   . HOH E 4 .   ? 4.198   4.580   12.530  1.00 25.41 ? 368 HOH A O   1 
HETATM 1425 O O   . HOH E 4 .   ? -18.420 2.023   -6.180  1.00 71.31 ? 369 HOH A O   1 
HETATM 1426 O O   . HOH E 4 .   ? 6.792   22.233  -7.764  1.00 56.45 ? 370 HOH A O   1 
HETATM 1427 O O   . HOH E 4 .   ? 9.522   2.894   -1.955  1.00 24.12 ? 371 HOH A O   1 
HETATM 1428 O O   . HOH E 4 .   ? -10.274 -10.344 -5.323  1.00 44.90 ? 372 HOH A O   1 
HETATM 1429 O O   . HOH E 4 .   ? -6.822  -9.681  -10.928 1.00 43.68 ? 373 HOH A O   1 
HETATM 1430 O O   . HOH E 4 .   ? 7.115   21.420  -1.063  1.00 39.68 ? 374 HOH A O   1 
HETATM 1431 O O   . HOH E 4 .   ? 8.531   17.399  9.982   1.00 43.57 ? 375 HOH A O   1 
HETATM 1432 O O   . HOH E 4 .   ? 11.622  2.524   -0.176  1.00 27.38 ? 376 HOH A O   1 
HETATM 1433 O O   . HOH E 4 .   ? -5.214  5.393   -9.179  1.00 45.50 ? 377 HOH A O   1 
HETATM 1434 O O   . HOH E 4 .   ? -6.796  12.273  -0.685  1.00 45.06 ? 378 HOH A O   1 
HETATM 1435 O O   . HOH E 4 .   ? -2.192  3.607   14.551  1.00 26.80 ? 379 HOH A O   1 
HETATM 1436 O O   . HOH E 4 .   ? -5.924  11.009  0.935   1.00 28.82 ? 380 HOH A O   1 
HETATM 1437 O O   . HOH E 4 .   ? 1.392   15.343  6.507   1.00 45.05 ? 381 HOH A O   1 
HETATM 1438 O O   . HOH E 4 .   ? 6.568   -11.248 7.837   1.00 50.66 ? 382 HOH A O   1 
HETATM 1439 O O   . HOH E 4 .   ? -12.015 -3.407  -8.760  1.00 46.56 ? 383 HOH A O   1 
HETATM 1440 O O   . HOH E 4 .   ? -5.003  5.744   14.110  1.00 57.55 ? 384 HOH A O   1 
HETATM 1441 O O   . HOH E 4 .   ? -9.870  -7.136  8.899   1.00 44.65 ? 385 HOH A O   1 
HETATM 1442 O O   . HOH E 4 .   ? 13.485  -6.445  2.804   1.00 61.81 ? 386 HOH A O   1 
HETATM 1443 O O   . HOH E 4 .   ? -4.832  0.003   -12.919 1.00 46.60 ? 387 HOH A O   1 
# 
